data_3K30
#
_entry.id   3K30
#
_cell.length_a   101.141
_cell.length_b   107.035
_cell.length_c   153.352
_cell.angle_alpha   90.00
_cell.angle_beta   90.00
_cell.angle_gamma   90.00
#
_symmetry.space_group_name_H-M   'P 21 21 21'
#
loop_
_entity.id
_entity.type
_entity.pdbx_description
1 polymer 'Histamine dehydrogenase'
2 non-polymer 'IRON/SULFUR CLUSTER'
3 non-polymer 'FLAVIN MONONUCLEOTIDE'
4 non-polymer "ADENOSINE-5'-DIPHOSPHATE"
5 water water
#
_entity_poly.entity_id   1
_entity_poly.type   'polypeptide(L)'
_entity_poly.pdbx_seq_one_letter_code
;MTEQPAVAAPYDVLFEPVQIGPFTTKNRFYQVPHCNGMGYRDPSAQASMRKIKAEGGWSAVCTEQVEIHATSDIAPFIEL
RIWDDQDLPALKRIADAIHEGGGLAGIELAHNGMNAPNQLSRETPLGPGHLPVAPDTIAPIQARAMTKQDIDDLRRWHRN
AVRRSIEAGYDIVYVYGAHGYSGVHHFLSKRYNQRTDEYGGSLENRMRLLRELLEDTLDECAGRAAVACRITVEEEIDGG
ITREDIEGVLRELGELPDLWDFAMGSWEGDSVTSRFAPEGRQEEFVAGLKKLTTKPVVGVGRFTSPDAMVRQIKAGILDL
IGAARPSIADPFLPNKIRDGRLNLIRECIGCNICVSGDLTMSPIRCTQNPSMGEEWRRGWHPERIRAKESDARVLVVGAG
PSGLEAARALGVRGYDVVLAEAGRDLGGRVTQESALPGLSAWGRVKEYREAVLAELPNVEIYRESPMTGDDIVEFGFEHV
ITATGATWRTDGVARFHTTALPIAEGMQVLGPDDLFAGRLPDGKKVVVYDDDHYYLGGVVAELLAQKGYEVSIVTPGAQV
SSWTNNTFEVNRIQRRLIENGVARVTDHAVVAVGAGGVTVRDTYASIERELECDAVVMVTARLPREELYLDLVARRDAGE
IASVRGIGDAWAPGTIAAAVWSGRRAAEEFDAVLPSNDEVPFRREVTQLA
;
_entity_poly.pdbx_strand_id   A,B
#
loop_
_chem_comp.id
_chem_comp.type
_chem_comp.name
_chem_comp.formula
ADP non-polymer ADENOSINE-5'-DIPHOSPHATE 'C10 H15 N5 O10 P2'
FMN non-polymer 'FLAVIN MONONUCLEOTIDE' 'C17 H21 N4 O9 P'
SF4 non-polymer 'IRON/SULFUR CLUSTER' 'Fe4 S4'
#
# COMPACT_ATOMS: atom_id res chain seq x y z
N VAL A 7 -4.48 -22.89 39.95
CA VAL A 7 -5.52 -23.20 38.87
C VAL A 7 -6.05 -24.63 38.92
N ALA A 8 -7.32 -24.88 38.59
CA ALA A 8 -7.78 -26.29 38.59
C ALA A 8 -8.72 -26.77 37.46
N ALA A 9 -9.60 -27.71 37.83
CA ALA A 9 -10.63 -28.31 36.96
C ALA A 9 -9.86 -29.15 35.94
N PRO A 10 -10.22 -29.11 34.62
CA PRO A 10 -9.31 -29.71 33.60
C PRO A 10 -8.20 -28.75 33.07
N TYR A 11 -8.25 -27.46 33.40
CA TYR A 11 -7.38 -26.44 32.78
C TYR A 11 -6.00 -26.24 33.43
N ASP A 12 -5.72 -26.94 34.53
CA ASP A 12 -4.40 -26.83 35.16
C ASP A 12 -3.27 -27.25 34.19
N VAL A 13 -3.58 -28.14 33.25
CA VAL A 13 -2.62 -28.59 32.24
C VAL A 13 -2.09 -27.39 31.46
N LEU A 14 -2.93 -26.39 31.26
CA LEU A 14 -2.55 -25.25 30.48
C LEU A 14 -1.65 -24.27 31.25
N PHE A 15 -1.39 -24.52 32.51
CA PHE A 15 -0.52 -23.60 33.26
C PHE A 15 0.72 -24.24 33.83
N GLU A 16 1.15 -25.34 33.26
CA GLU A 16 2.41 -25.93 33.68
C GLU A 16 3.57 -25.12 33.11
N PRO A 17 4.68 -25.00 33.85
CA PRO A 17 5.86 -24.31 33.29
C PRO A 17 6.50 -25.15 32.19
N VAL A 18 7.16 -24.50 31.24
CA VAL A 18 7.82 -25.20 30.15
C VAL A 18 9.23 -24.64 30.05
N GLN A 19 10.23 -25.52 30.02
CA GLN A 19 11.58 -25.02 29.88
C GLN A 19 11.77 -24.72 28.43
N ILE A 20 12.25 -23.52 28.16
CA ILE A 20 12.71 -23.14 26.83
C ILE A 20 14.14 -22.68 27.00
N GLY A 21 15.10 -23.51 26.63
CA GLY A 21 16.48 -23.21 26.95
C GLY A 21 16.67 -22.91 28.44
N PRO A 22 17.29 -21.77 28.75
CA PRO A 22 17.52 -21.44 30.15
C PRO A 22 16.39 -20.71 30.84
N PHE A 23 15.24 -20.54 30.18
CA PHE A 23 14.14 -19.81 30.80
C PHE A 23 13.00 -20.76 30.98
N THR A 24 12.05 -20.36 31.82
CA THR A 24 10.87 -21.15 32.06
C THR A 24 9.65 -20.25 31.94
N THR A 25 8.65 -20.77 31.25
CA THR A 25 7.46 -20.02 31.08
C THR A 25 6.70 -20.16 32.37
N LYS A 26 5.80 -19.23 32.63
CA LYS A 26 4.88 -19.40 33.74
C LYS A 26 3.74 -20.35 33.33
N ASN A 27 3.46 -20.51 32.04
CA ASN A 27 2.29 -21.26 31.59
C ASN A 27 2.51 -21.69 30.14
N ARG A 28 1.49 -22.25 29.49
CA ARG A 28 1.69 -22.81 28.15
C ARG A 28 1.24 -21.85 27.03
N PHE A 29 0.82 -20.66 27.42
CA PHE A 29 0.33 -19.69 26.46
C PHE A 29 1.47 -18.90 25.92
N TYR A 30 1.51 -18.89 24.59
CA TYR A 30 2.59 -18.38 23.81
C TYR A 30 2.04 -17.43 22.75
N GLN A 31 2.34 -16.12 22.82
CA GLN A 31 1.96 -15.23 21.71
C GLN A 31 3.02 -15.23 20.64
N VAL A 32 2.70 -15.80 19.49
CA VAL A 32 3.65 -15.96 18.41
C VAL A 32 3.87 -14.62 17.71
N PRO A 33 4.89 -14.55 16.86
CA PRO A 33 5.11 -13.31 16.15
C PRO A 33 3.90 -12.92 15.31
N HIS A 34 3.49 -11.66 15.44
CA HIS A 34 2.45 -11.13 14.61
C HIS A 34 2.61 -9.65 14.45
N CYS A 35 2.40 -9.19 13.21
CA CYS A 35 2.41 -7.75 12.85
C CYS A 35 1.32 -6.91 13.56
N ASN A 36 1.42 -5.60 13.41
CA ASN A 36 0.62 -4.71 14.23
C ASN A 36 0.38 -3.38 13.57
N GLY A 37 0.96 -3.17 12.38
CA GLY A 37 0.78 -1.94 11.62
C GLY A 37 1.28 -0.68 12.32
N MET A 38 2.06 -0.89 13.39
CA MET A 38 2.61 0.20 14.17
C MET A 38 4.08 -0.19 14.41
N GLY A 39 4.85 -0.39 13.34
CA GLY A 39 6.17 -1.06 13.45
C GLY A 39 7.37 -0.20 13.87
N TYR A 40 8.27 0.05 12.92
CA TYR A 40 9.36 1.02 13.13
C TYR A 40 8.84 2.46 13.29
N ARG A 41 7.53 2.64 13.13
CA ARG A 41 6.92 3.96 13.04
C ARG A 41 6.16 4.41 14.31
N ASP A 42 5.60 3.46 15.05
CA ASP A 42 4.95 3.75 16.32
C ASP A 42 5.49 2.74 17.39
N PRO A 43 6.78 2.86 17.80
CA PRO A 43 7.28 1.82 18.72
C PRO A 43 6.72 1.85 20.15
N SER A 44 6.37 3.02 20.66
CA SER A 44 5.71 3.11 21.95
C SER A 44 4.37 2.43 21.91
N ALA A 45 3.63 2.61 20.81
CA ALA A 45 2.33 2.01 20.60
C ALA A 45 2.47 0.52 20.73
N GLN A 46 3.53 -0.02 20.15
CA GLN A 46 3.74 -1.44 20.19
C GLN A 46 4.15 -1.93 21.57
N ALA A 47 5.08 -1.21 22.19
CA ALA A 47 5.49 -1.53 23.53
C ALA A 47 4.26 -1.64 24.45
N SER A 48 3.38 -0.66 24.43
CA SER A 48 2.23 -0.68 25.28
C SER A 48 1.40 -1.91 25.02
N MET A 49 1.22 -2.24 23.74
CA MET A 49 0.36 -3.35 23.43
C MET A 49 1.01 -4.64 23.94
N ARG A 50 2.31 -4.80 23.67
CA ARG A 50 2.98 -6.04 23.99
C ARG A 50 2.99 -6.21 25.49
N LYS A 51 3.21 -5.10 26.20
CA LYS A 51 3.15 -5.15 27.63
C LYS A 51 1.77 -5.66 28.10
N ILE A 52 0.70 -5.28 27.38
CA ILE A 52 -0.65 -5.68 27.78
C ILE A 52 -0.83 -7.17 27.52
N LYS A 53 -0.20 -7.71 26.49
CA LYS A 53 -0.36 -9.13 26.23
C LYS A 53 0.28 -9.91 27.40
N ALA A 54 1.47 -9.46 27.80
CA ALA A 54 2.22 -10.08 28.90
C ALA A 54 1.42 -10.12 30.16
N GLU A 55 0.79 -9.00 30.49
CA GLU A 55 0.16 -8.96 31.77
C GLU A 55 -1.23 -9.56 31.70
N GLY A 56 -1.67 -9.87 30.47
CA GLY A 56 -2.88 -10.61 30.23
C GLY A 56 -2.71 -12.10 30.46
N GLY A 57 -1.45 -12.52 30.63
CA GLY A 57 -1.14 -13.93 30.91
C GLY A 57 -0.34 -14.71 29.87
N TRP A 58 -0.01 -14.09 28.72
CA TRP A 58 0.84 -14.75 27.72
C TRP A 58 2.27 -14.80 28.23
N SER A 59 2.78 -16.02 28.44
CA SER A 59 4.10 -16.27 29.02
C SER A 59 5.26 -15.75 28.18
N ALA A 60 5.21 -15.98 26.87
CA ALA A 60 6.19 -15.40 25.96
C ALA A 60 5.46 -14.39 25.07
N VAL A 61 6.06 -13.23 24.84
CA VAL A 61 5.49 -12.29 23.87
C VAL A 61 6.50 -11.96 22.79
N CYS A 62 6.11 -12.23 21.56
CA CYS A 62 6.97 -11.99 20.41
C CYS A 62 6.68 -10.68 19.66
N THR A 63 7.74 -10.13 19.05
CA THR A 63 7.60 -8.97 18.20
C THR A 63 7.27 -9.54 16.83
N GLU A 64 6.81 -8.70 15.91
CA GLU A 64 6.68 -9.14 14.53
C GLU A 64 8.06 -9.44 13.94
N GLN A 65 8.12 -9.76 12.66
CA GLN A 65 9.41 -9.98 12.05
C GLN A 65 10.20 -8.69 12.05
N VAL A 66 11.51 -8.84 11.99
CA VAL A 66 12.40 -7.72 12.12
C VAL A 66 13.47 -7.88 11.06
N GLU A 67 13.46 -6.98 10.08
CA GLU A 67 14.41 -6.97 9.01
C GLU A 67 15.80 -6.77 9.62
N ILE A 68 16.74 -7.68 9.30
CA ILE A 68 18.05 -7.63 9.88
C ILE A 68 18.97 -6.79 9.05
N HIS A 69 18.55 -6.45 7.85
CA HIS A 69 19.46 -5.81 6.90
C HIS A 69 18.67 -4.99 5.89
N ALA A 70 19.31 -3.97 5.30
CA ALA A 70 18.62 -3.13 4.33
C ALA A 70 18.34 -3.85 3.03
N THR A 71 18.99 -5.00 2.80
CA THR A 71 18.62 -5.88 1.66
C THR A 71 17.37 -6.71 1.97
N SER A 72 16.75 -6.46 3.10
CA SER A 72 15.54 -7.16 3.44
C SER A 72 14.42 -6.12 3.60
N ASP A 73 14.49 -5.06 2.81
CA ASP A 73 13.48 -4.03 2.85
C ASP A 73 12.16 -4.47 2.19
N ILE A 74 11.12 -4.60 3.01
CA ILE A 74 9.81 -4.90 2.47
C ILE A 74 8.77 -3.79 2.45
N ALA A 75 9.18 -2.54 2.37
CA ALA A 75 8.30 -1.41 2.01
C ALA A 75 7.29 -1.74 0.90
N PRO A 76 6.04 -1.25 0.99
CA PRO A 76 5.41 -0.36 1.99
C PRO A 76 5.16 -0.99 3.38
N PHE A 77 5.19 -2.33 3.46
CA PHE A 77 4.96 -2.97 4.75
C PHE A 77 5.87 -2.38 5.81
N ILE A 78 5.26 -2.01 6.94
CA ILE A 78 5.97 -1.41 8.08
C ILE A 78 6.07 -2.40 9.22
N GLU A 79 7.20 -3.11 9.27
CA GLU A 79 7.51 -4.01 10.36
C GLU A 79 8.62 -3.43 11.22
N LEU A 80 9.18 -4.22 12.13
CA LEU A 80 10.29 -3.69 12.91
C LEU A 80 11.58 -3.91 12.17
N ARG A 81 12.61 -3.18 12.59
CA ARG A 81 13.90 -3.25 11.93
C ARG A 81 15.05 -3.33 12.93
N ILE A 82 16.08 -4.07 12.56
CA ILE A 82 17.29 -4.14 13.36
C ILE A 82 18.45 -4.08 12.39
N TRP A 83 18.58 -2.97 11.68
CA TRP A 83 19.73 -2.78 10.80
C TRP A 83 20.98 -2.30 11.53
N ASP A 84 20.80 -1.44 12.53
CA ASP A 84 21.82 -0.55 13.05
C ASP A 84 21.65 -0.50 14.53
N ASP A 85 22.57 0.15 15.19
CA ASP A 85 22.34 0.56 16.54
C ASP A 85 21.29 1.67 16.65
N GLN A 86 20.96 2.35 15.55
CA GLN A 86 19.89 3.36 15.57
C GLN A 86 18.54 2.72 15.88
N ASP A 87 18.44 1.40 15.70
CA ASP A 87 17.17 0.69 15.94
C ASP A 87 17.05 0.20 17.38
N LEU A 88 18.17 0.20 18.10
CA LEU A 88 18.20 -0.35 19.46
C LEU A 88 17.18 0.23 20.42
N PRO A 89 17.18 1.56 20.64
CA PRO A 89 16.30 2.11 21.63
C PRO A 89 14.83 1.68 21.46
N ALA A 90 14.38 1.57 20.21
CA ALA A 90 13.03 1.12 19.93
C ALA A 90 12.83 -0.34 20.32
N LEU A 91 13.79 -1.18 19.96
CA LEU A 91 13.71 -2.58 20.31
C LEU A 91 13.75 -2.77 21.79
N LYS A 92 14.63 -2.02 22.44
CA LYS A 92 14.81 -2.17 23.88
C LYS A 92 13.54 -1.77 24.63
N ARG A 93 12.89 -0.69 24.22
CA ARG A 93 11.63 -0.33 24.86
C ARG A 93 10.59 -1.43 24.86
N ILE A 94 10.44 -2.13 23.72
CA ILE A 94 9.53 -3.26 23.58
C ILE A 94 9.93 -4.40 24.48
N ALA A 95 11.20 -4.76 24.47
CA ALA A 95 11.65 -5.81 25.36
C ALA A 95 11.42 -5.43 26.84
N ASP A 96 11.74 -4.17 27.17
CA ASP A 96 11.50 -3.65 28.52
C ASP A 96 10.03 -3.71 28.93
N ALA A 97 9.16 -3.27 28.04
CA ALA A 97 7.73 -3.23 28.33
C ALA A 97 7.17 -4.63 28.53
N ILE A 98 7.63 -5.59 27.74
CA ILE A 98 7.22 -7.00 27.96
C ILE A 98 7.70 -7.51 29.34
N HIS A 99 8.92 -7.16 29.73
CA HIS A 99 9.48 -7.69 30.97
C HIS A 99 8.71 -7.13 32.11
N GLU A 100 8.51 -5.82 32.10
CA GLU A 100 7.86 -5.18 33.24
C GLU A 100 6.39 -5.60 33.32
N GLY A 101 5.90 -6.22 32.25
CA GLY A 101 4.58 -6.83 32.18
C GLY A 101 4.49 -8.26 32.70
N GLY A 102 5.63 -8.89 32.95
CA GLY A 102 5.69 -10.21 33.56
C GLY A 102 6.02 -11.31 32.58
N GLY A 103 6.51 -10.96 31.39
CA GLY A 103 6.69 -11.93 30.31
C GLY A 103 8.09 -12.10 29.73
N LEU A 104 8.34 -13.24 29.11
CA LEU A 104 9.55 -13.47 28.31
C LEU A 104 9.39 -12.82 26.94
N ALA A 105 10.41 -12.09 26.49
CA ALA A 105 10.30 -11.35 25.22
C ALA A 105 10.94 -12.07 24.05
N GLY A 106 10.20 -12.18 22.95
CA GLY A 106 10.71 -12.81 21.72
C GLY A 106 10.88 -11.82 20.56
N ILE A 107 11.93 -12.03 19.77
CA ILE A 107 12.16 -11.20 18.63
C ILE A 107 12.34 -12.09 17.42
N GLU A 108 11.62 -11.77 16.36
CA GLU A 108 11.67 -12.60 15.21
C GLU A 108 12.60 -11.99 14.19
N LEU A 109 13.86 -12.39 14.22
CA LEU A 109 14.80 -11.92 13.23
C LEU A 109 14.48 -12.53 11.88
N ALA A 110 14.49 -11.71 10.83
CA ALA A 110 14.07 -12.11 9.49
C ALA A 110 14.93 -11.49 8.42
N HIS A 111 15.33 -12.35 7.47
CA HIS A 111 15.74 -11.88 6.17
C HIS A 111 14.75 -12.40 5.13
N ASN A 112 14.08 -11.49 4.44
CA ASN A 112 13.00 -11.88 3.57
C ASN A 112 13.51 -12.38 2.23
N GLY A 113 14.82 -12.25 2.01
CA GLY A 113 15.41 -12.76 0.81
C GLY A 113 14.67 -12.35 -0.45
N MET A 114 14.51 -13.31 -1.30
CA MET A 114 13.88 -13.17 -2.61
C MET A 114 12.47 -12.56 -2.51
N ASN A 115 12.00 -12.37 -1.28
CA ASN A 115 10.66 -11.87 -1.05
C ASN A 115 10.68 -10.39 -0.72
N ALA A 116 11.89 -9.83 -0.59
CA ALA A 116 12.03 -8.40 -0.36
C ALA A 116 12.22 -7.71 -1.72
N PRO A 117 11.31 -6.83 -2.12
CA PRO A 117 11.51 -6.08 -3.37
C PRO A 117 12.51 -4.92 -3.23
N ASN A 118 12.77 -4.47 -2.00
CA ASN A 118 13.71 -3.40 -1.73
C ASN A 118 13.32 -2.14 -2.45
N GLN A 119 12.06 -1.75 -2.34
CA GLN A 119 11.61 -0.54 -3.05
C GLN A 119 12.08 0.76 -2.41
N LEU A 120 12.45 0.67 -1.14
CA LEU A 120 12.88 1.80 -0.35
C LEU A 120 14.41 1.92 -0.29
N SER A 121 15.11 0.79 -0.07
CA SER A 121 16.55 0.76 0.08
C SER A 121 17.27 0.79 -1.26
N ARG A 122 16.55 0.37 -2.29
CA ARG A 122 17.05 0.20 -3.68
C ARG A 122 18.20 -0.80 -3.84
N GLU A 123 18.42 -1.61 -2.82
CA GLU A 123 19.36 -2.72 -2.88
C GLU A 123 18.86 -3.89 -3.73
N THR A 124 19.78 -4.72 -4.16
CA THR A 124 19.43 -5.88 -4.91
C THR A 124 18.87 -7.00 -4.02
N PRO A 125 17.73 -7.57 -4.38
CA PRO A 125 17.29 -8.71 -3.58
C PRO A 125 18.18 -9.89 -3.82
N LEU A 126 18.35 -10.68 -2.77
CA LEU A 126 19.18 -11.88 -2.76
C LEU A 126 18.36 -13.15 -2.52
N GLY A 127 18.51 -14.15 -3.37
CA GLY A 127 17.79 -15.40 -3.21
C GLY A 127 18.55 -16.64 -3.66
N PRO A 128 17.92 -17.81 -3.59
CA PRO A 128 18.63 -18.96 -4.12
C PRO A 128 18.81 -18.91 -5.62
N GLY A 129 17.93 -18.22 -6.34
CA GLY A 129 17.98 -18.24 -7.83
C GLY A 129 17.79 -16.89 -8.50
N HIS A 130 17.97 -16.82 -9.80
CA HIS A 130 17.62 -15.60 -10.51
C HIS A 130 16.14 -15.61 -10.83
N LEU A 131 15.34 -14.96 -10.01
CA LEU A 131 13.90 -15.03 -10.12
C LEU A 131 13.19 -13.73 -9.77
N PRO A 132 12.01 -13.49 -10.38
CA PRO A 132 11.17 -12.38 -9.96
C PRO A 132 10.90 -12.47 -8.49
N VAL A 133 10.99 -11.35 -7.83
CA VAL A 133 10.71 -11.22 -6.42
C VAL A 133 9.35 -11.92 -6.07
N ALA A 134 9.29 -12.67 -4.97
CA ALA A 134 8.12 -13.54 -4.71
C ALA A 134 8.21 -14.31 -3.37
N PRO A 135 7.05 -14.78 -2.86
CA PRO A 135 5.67 -14.62 -3.40
C PRO A 135 4.99 -13.37 -2.84
N ASP A 136 3.71 -13.18 -3.18
CA ASP A 136 2.82 -12.14 -2.58
C ASP A 136 3.18 -10.73 -2.97
N THR A 137 3.66 -10.59 -4.20
CA THR A 137 4.15 -9.33 -4.72
C THR A 137 4.27 -9.53 -6.21
N ILE A 138 4.07 -8.47 -6.98
CA ILE A 138 4.30 -8.51 -8.41
C ILE A 138 5.21 -7.36 -8.89
N ALA A 139 6.06 -6.90 -7.96
CA ALA A 139 7.02 -5.85 -8.21
C ALA A 139 7.97 -6.19 -9.32
N PRO A 140 8.30 -5.18 -10.14
CA PRO A 140 9.08 -5.37 -11.32
C PRO A 140 10.57 -5.44 -11.01
N ILE A 141 10.94 -6.32 -10.10
CA ILE A 141 12.33 -6.48 -9.72
C ILE A 141 12.64 -7.98 -9.53
N GLN A 142 13.85 -8.38 -9.94
CA GLN A 142 14.31 -9.76 -9.83
C GLN A 142 15.31 -9.89 -8.74
N ALA A 143 15.30 -11.04 -8.08
CA ALA A 143 16.37 -11.37 -7.15
C ALA A 143 17.61 -11.87 -7.90
N ARG A 144 18.77 -11.62 -7.32
CA ARG A 144 19.97 -12.16 -7.88
C ARG A 144 20.33 -13.45 -7.13
N ALA A 145 20.83 -14.45 -7.86
CA ALA A 145 21.24 -15.72 -7.20
C ALA A 145 22.50 -15.53 -6.33
N MET A 146 22.40 -15.96 -5.08
CA MET A 146 23.49 -15.84 -4.11
C MET A 146 24.68 -16.76 -4.40
N THR A 147 25.87 -16.27 -4.13
CA THR A 147 27.11 -17.05 -4.21
C THR A 147 27.35 -17.57 -2.81
N LYS A 148 28.42 -18.37 -2.62
CA LYS A 148 28.86 -18.73 -1.26
C LYS A 148 29.19 -17.49 -0.44
N GLN A 149 29.86 -16.52 -1.05
CA GLN A 149 30.25 -15.27 -0.39
C GLN A 149 29.07 -14.44 0.10
N ASP A 150 28.02 -14.39 -0.71
CA ASP A 150 26.78 -13.77 -0.31
C ASP A 150 26.12 -14.49 0.85
N ILE A 151 26.13 -15.82 0.81
CA ILE A 151 25.61 -16.62 1.90
C ILE A 151 26.41 -16.35 3.17
N ASP A 152 27.73 -16.16 3.05
CA ASP A 152 28.52 -15.89 4.24
C ASP A 152 28.19 -14.52 4.83
N ASP A 153 27.90 -13.58 3.92
CA ASP A 153 27.50 -12.24 4.22
C ASP A 153 26.17 -12.29 4.97
N LEU A 154 25.21 -13.00 4.41
CA LEU A 154 23.91 -13.18 5.08
C LEU A 154 24.09 -13.69 6.51
N ARG A 155 24.96 -14.69 6.71
CA ARG A 155 25.18 -15.29 8.01
C ARG A 155 25.72 -14.31 9.02
N ARG A 156 26.64 -13.47 8.57
CA ARG A 156 27.23 -12.43 9.41
C ARG A 156 26.21 -11.35 9.82
N TRP A 157 25.30 -11.01 8.90
CA TRP A 157 24.27 -10.02 9.19
C TRP A 157 23.33 -10.56 10.23
N HIS A 158 22.99 -11.82 10.06
CA HIS A 158 22.13 -12.52 10.99
C HIS A 158 22.78 -12.50 12.37
N ARG A 159 24.08 -12.80 12.41
CA ARG A 159 24.84 -12.87 13.65
C ARG A 159 24.90 -11.51 14.35
N ASN A 160 25.06 -10.45 13.56
CA ASN A 160 25.04 -9.08 14.11
C ASN A 160 23.69 -8.80 14.72
N ALA A 161 22.66 -9.14 13.98
CA ALA A 161 21.30 -8.92 14.43
C ALA A 161 21.03 -9.65 15.76
N VAL A 162 21.52 -10.89 15.91
CA VAL A 162 21.35 -11.65 17.16
C VAL A 162 22.05 -10.97 18.34
N ARG A 163 23.29 -10.55 18.13
CA ARG A 163 24.02 -9.78 19.10
C ARG A 163 23.19 -8.65 19.57
N ARG A 164 22.70 -7.83 18.66
CA ARG A 164 21.90 -6.66 19.03
C ARG A 164 20.61 -7.06 19.78
N SER A 165 20.03 -8.21 19.49
CA SER A 165 18.87 -8.68 20.24
C SER A 165 19.21 -9.00 21.70
N ILE A 166 20.41 -9.52 21.94
CA ILE A 166 20.89 -9.73 23.30
C ILE A 166 21.09 -8.37 23.98
N GLU A 167 21.73 -7.43 23.27
CA GLU A 167 21.89 -6.07 23.78
C GLU A 167 20.60 -5.34 24.14
N ALA A 168 19.50 -5.71 23.46
CA ALA A 168 18.16 -5.14 23.70
C ALA A 168 17.34 -5.88 24.78
N GLY A 169 17.73 -7.11 25.10
CA GLY A 169 17.24 -7.75 26.29
C GLY A 169 16.28 -8.87 26.04
N TYR A 170 16.16 -9.26 24.77
CA TYR A 170 15.24 -10.30 24.36
C TYR A 170 15.63 -11.63 24.95
N ASP A 171 14.64 -12.46 25.26
CA ASP A 171 14.94 -13.77 25.84
C ASP A 171 14.94 -14.85 24.79
N ILE A 172 14.18 -14.62 23.72
CA ILE A 172 14.06 -15.58 22.67
C ILE A 172 14.31 -14.88 21.34
N VAL A 173 15.16 -15.51 20.56
CA VAL A 173 15.64 -15.01 19.32
C VAL A 173 15.33 -16.10 18.32
N TYR A 174 14.57 -15.78 17.27
CA TYR A 174 14.16 -16.71 16.23
C TYR A 174 15.13 -16.86 15.08
N VAL A 175 15.18 -18.09 14.52
CA VAL A 175 15.53 -18.19 13.14
C VAL A 175 14.15 -18.32 12.44
N TYR A 176 13.92 -17.44 11.47
CA TYR A 176 12.64 -17.41 10.81
C TYR A 176 12.73 -18.14 9.48
N GLY A 177 11.91 -19.18 9.33
CA GLY A 177 11.83 -19.94 8.08
C GLY A 177 10.42 -20.31 7.65
N ALA A 178 9.48 -19.37 7.83
CA ALA A 178 8.06 -19.67 7.63
C ALA A 178 7.43 -18.75 6.59
N HIS A 179 6.23 -19.13 6.11
CA HIS A 179 5.30 -18.28 5.30
C HIS A 179 5.75 -17.87 3.91
N GLY A 180 6.80 -18.47 3.38
CA GLY A 180 7.28 -18.11 2.07
C GLY A 180 7.95 -16.76 2.21
N TYR A 181 8.12 -16.29 3.42
CA TYR A 181 8.61 -14.92 3.60
C TYR A 181 10.05 -14.89 4.01
N SER A 182 10.70 -16.04 3.92
CA SER A 182 12.04 -16.12 4.41
C SER A 182 13.00 -16.79 3.45
N GLY A 183 14.22 -16.25 3.40
CA GLY A 183 15.26 -16.80 2.55
C GLY A 183 15.43 -18.26 2.90
N VAL A 184 15.45 -18.53 4.20
CA VAL A 184 15.50 -19.88 4.73
C VAL A 184 14.38 -20.77 4.17
N HIS A 185 13.18 -20.27 4.06
CA HIS A 185 12.14 -21.08 3.45
C HIS A 185 12.46 -21.26 1.96
N HIS A 186 13.07 -20.26 1.34
CA HIS A 186 13.27 -20.33 -0.09
C HIS A 186 14.36 -21.30 -0.39
N PHE A 187 15.25 -21.49 0.59
CA PHE A 187 16.34 -22.46 0.44
C PHE A 187 15.88 -23.87 0.66
N LEU A 188 14.92 -24.01 1.54
CA LEU A 188 14.26 -25.27 1.80
C LEU A 188 13.39 -25.83 0.72
N SER A 189 12.69 -24.94 0.01
CA SER A 189 11.63 -25.33 -0.88
C SER A 189 12.14 -25.65 -2.26
N LYS A 190 11.78 -26.81 -2.78
CA LYS A 190 12.17 -27.21 -4.13
C LYS A 190 11.66 -26.20 -5.19
N ARG A 191 10.61 -25.46 -4.81
CA ARG A 191 9.97 -24.44 -5.66
C ARG A 191 10.89 -23.25 -5.95
N TYR A 192 11.66 -22.82 -4.95
CA TYR A 192 12.58 -21.71 -5.15
C TYR A 192 14.05 -22.11 -5.27
N ASN A 193 14.41 -23.32 -4.82
CA ASN A 193 15.78 -23.74 -4.83
C ASN A 193 15.98 -24.74 -5.94
N GLN A 194 16.70 -24.35 -6.97
CA GLN A 194 17.08 -25.28 -8.00
C GLN A 194 18.58 -25.19 -8.13
N ARG A 195 19.23 -24.94 -6.99
CA ARG A 195 20.65 -24.74 -6.99
C ARG A 195 21.34 -26.04 -7.23
N THR A 196 22.60 -25.94 -7.64
CA THR A 196 23.36 -27.13 -7.95
C THR A 196 24.68 -27.27 -7.19
N ASP A 197 24.96 -26.31 -6.31
CA ASP A 197 26.08 -26.37 -5.38
C ASP A 197 25.65 -26.99 -4.04
N GLU A 198 26.46 -26.86 -3.01
CA GLU A 198 26.12 -27.48 -1.72
C GLU A 198 24.88 -26.91 -0.99
N TYR A 199 24.30 -25.80 -1.47
CA TYR A 199 23.08 -25.31 -0.84
C TYR A 199 21.80 -25.71 -1.53
N GLY A 200 21.88 -26.48 -2.60
CA GLY A 200 20.68 -27.00 -3.21
C GLY A 200 20.79 -28.48 -3.58
N GLY A 201 19.66 -29.04 -4.00
CA GLY A 201 19.71 -30.33 -4.60
C GLY A 201 19.14 -31.49 -3.84
N SER A 202 19.14 -31.44 -2.51
CA SER A 202 18.72 -32.58 -1.71
C SER A 202 18.41 -32.01 -0.37
N LEU A 203 17.61 -32.72 0.43
CA LEU A 203 17.37 -32.27 1.79
C LEU A 203 18.59 -31.73 2.59
N GLU A 204 19.63 -32.55 2.76
CA GLU A 204 20.80 -32.13 3.56
C GLU A 204 21.34 -30.79 3.13
N ASN A 205 21.33 -30.58 1.81
CA ASN A 205 21.76 -29.35 1.22
C ASN A 205 20.77 -28.19 1.32
N ARG A 206 19.48 -28.47 1.21
CA ARG A 206 18.51 -27.40 1.19
C ARG A 206 18.30 -26.94 2.60
N MET A 207 18.63 -27.82 3.54
CA MET A 207 18.59 -27.47 4.94
C MET A 207 19.90 -26.79 5.41
N ARG A 208 20.91 -26.79 4.56
CA ARG A 208 22.22 -26.28 4.96
C ARG A 208 22.15 -24.90 5.56
N LEU A 209 21.47 -23.99 4.89
CA LEU A 209 21.40 -22.60 5.33
C LEU A 209 20.74 -22.53 6.69
N LEU A 210 19.61 -23.21 6.82
CA LEU A 210 18.91 -23.35 8.10
C LEU A 210 19.85 -23.79 9.21
N ARG A 211 20.45 -24.97 9.05
CA ARG A 211 21.46 -25.47 9.96
C ARG A 211 22.44 -24.36 10.35
N GLU A 212 22.96 -23.65 9.35
CA GLU A 212 24.04 -22.69 9.59
C GLU A 212 23.58 -21.52 10.41
N LEU A 213 22.38 -21.04 10.08
CA LEU A 213 21.84 -19.95 10.84
C LEU A 213 21.54 -20.39 12.28
N LEU A 214 21.02 -21.59 12.47
CA LEU A 214 20.81 -22.15 13.81
C LEU A 214 22.07 -22.21 14.67
N GLU A 215 23.08 -22.91 14.14
CA GLU A 215 24.37 -23.05 14.81
C GLU A 215 24.98 -21.70 15.17
N ASP A 216 24.99 -20.78 14.19
CA ASP A 216 25.44 -19.41 14.43
C ASP A 216 24.67 -18.67 15.55
N THR A 217 23.37 -18.88 15.59
CA THR A 217 22.53 -18.20 16.55
C THR A 217 22.80 -18.74 17.92
N LEU A 218 22.89 -20.07 18.01
CA LEU A 218 23.35 -20.73 19.23
C LEU A 218 24.73 -20.27 19.70
N ASP A 219 25.72 -20.30 18.83
CA ASP A 219 27.04 -19.91 19.28
C ASP A 219 27.02 -18.49 19.80
N GLU A 220 26.27 -17.63 19.12
CA GLU A 220 26.24 -16.23 19.47
C GLU A 220 25.44 -15.95 20.75
N CYS A 221 24.41 -16.75 21.02
CA CYS A 221 23.63 -16.59 22.26
C CYS A 221 24.37 -17.07 23.52
N ALA A 222 25.14 -18.16 23.36
CA ALA A 222 25.95 -18.70 24.44
C ALA A 222 25.08 -18.86 25.66
N GLY A 223 23.89 -19.41 25.46
CA GLY A 223 22.94 -19.59 26.57
C GLY A 223 22.46 -18.33 27.32
N ARG A 224 22.61 -17.14 26.73
CA ARG A 224 22.07 -15.95 27.37
C ARG A 224 20.71 -15.66 26.80
N ALA A 225 20.35 -16.40 25.76
CA ALA A 225 19.01 -16.36 25.19
C ALA A 225 18.68 -17.73 24.65
N ALA A 226 17.41 -18.00 24.45
CA ALA A 226 16.99 -19.24 23.82
C ALA A 226 16.86 -19.03 22.30
N VAL A 227 17.11 -20.09 21.54
CA VAL A 227 16.93 -20.02 20.13
C VAL A 227 15.68 -20.76 19.68
N ALA A 228 14.72 -20.00 19.17
CA ALA A 228 13.52 -20.53 18.51
C ALA A 228 13.71 -20.69 17.01
N CYS A 229 13.07 -21.70 16.48
CA CYS A 229 12.99 -21.79 15.08
C CYS A 229 11.52 -21.89 14.59
N ARG A 230 11.11 -20.89 13.83
CA ARG A 230 9.76 -20.88 13.26
C ARG A 230 9.75 -21.41 11.83
N ILE A 231 9.10 -22.54 11.62
CA ILE A 231 9.28 -23.28 10.40
C ILE A 231 7.99 -23.64 9.67
N THR A 232 8.06 -23.47 8.35
CA THR A 232 7.07 -23.97 7.39
C THR A 232 6.99 -25.47 7.50
N VAL A 233 5.78 -25.96 7.52
CA VAL A 233 5.55 -27.36 7.83
C VAL A 233 4.71 -27.99 6.70
N GLU A 234 3.89 -27.13 6.08
CA GLU A 234 3.16 -27.46 4.89
C GLU A 234 2.98 -26.18 4.09
N GLU A 235 3.41 -26.25 2.83
CA GLU A 235 3.32 -25.11 1.92
C GLU A 235 1.98 -25.05 1.10
N GLU A 236 1.35 -26.22 0.86
CA GLU A 236 0.10 -26.37 0.06
C GLU A 236 0.21 -26.02 -1.44
N ILE A 237 1.33 -26.39 -2.06
CA ILE A 237 1.56 -26.16 -3.49
C ILE A 237 2.50 -27.27 -3.98
N ASP A 238 2.39 -27.60 -5.25
CA ASP A 238 3.21 -28.62 -5.84
C ASP A 238 4.71 -28.31 -5.80
N GLY A 239 5.50 -29.30 -5.41
CA GLY A 239 6.95 -29.12 -5.23
C GLY A 239 7.34 -28.40 -3.95
N GLY A 240 6.37 -27.79 -3.26
CA GLY A 240 6.62 -27.06 -2.03
C GLY A 240 6.90 -27.98 -0.86
N ILE A 241 7.22 -27.37 0.28
CA ILE A 241 7.56 -28.11 1.49
C ILE A 241 6.39 -28.96 1.95
N THR A 242 6.66 -30.26 2.04
CA THR A 242 5.70 -31.23 2.55
C THR A 242 6.16 -31.87 3.87
N ARG A 243 5.29 -32.70 4.43
CA ARG A 243 5.58 -33.68 5.48
C ARG A 243 6.98 -34.36 5.39
N GLU A 244 7.31 -34.98 4.26
CA GLU A 244 8.63 -35.58 4.02
C GLU A 244 9.80 -34.63 4.40
N ASP A 245 9.71 -33.37 4.00
CA ASP A 245 10.77 -32.39 4.22
C ASP A 245 10.92 -32.00 5.69
N ILE A 246 9.79 -31.57 6.25
CA ILE A 246 9.79 -31.19 7.63
C ILE A 246 10.27 -32.34 8.55
N GLU A 247 9.94 -33.58 8.21
CA GLU A 247 10.38 -34.71 8.99
C GLU A 247 11.88 -34.94 8.87
N GLY A 248 12.42 -34.76 7.67
CA GLY A 248 13.86 -34.83 7.44
C GLY A 248 14.59 -33.75 8.21
N VAL A 249 14.04 -32.54 8.23
CA VAL A 249 14.68 -31.45 8.95
C VAL A 249 14.73 -31.74 10.45
N LEU A 250 13.61 -32.24 10.96
CA LEU A 250 13.46 -32.54 12.39
C LEU A 250 14.41 -33.65 12.81
N ARG A 251 14.53 -34.64 11.95
CA ARG A 251 15.38 -35.72 12.23
C ARG A 251 16.85 -35.32 12.29
N GLU A 252 17.28 -34.40 11.43
CA GLU A 252 18.68 -33.96 11.42
C GLU A 252 18.96 -32.84 12.40
N LEU A 253 17.99 -31.95 12.58
CA LEU A 253 18.20 -30.67 13.26
C LEU A 253 17.31 -30.47 14.48
N GLY A 254 16.45 -31.46 14.75
CA GLY A 254 15.48 -31.37 15.86
C GLY A 254 16.08 -31.10 17.24
N GLU A 255 17.35 -31.46 17.40
CA GLU A 255 18.05 -31.30 18.66
C GLU A 255 18.66 -29.88 18.77
N LEU A 256 18.65 -29.12 17.68
CA LEU A 256 19.38 -27.85 17.63
C LEU A 256 18.78 -26.62 18.34
N PRO A 257 17.52 -26.24 18.03
CA PRO A 257 17.03 -25.08 18.76
C PRO A 257 16.49 -25.41 20.13
N ASP A 258 16.16 -24.35 20.85
CA ASP A 258 15.53 -24.51 22.14
C ASP A 258 14.05 -24.72 21.99
N LEU A 259 13.49 -24.28 20.88
CA LEU A 259 12.07 -24.36 20.64
C LEU A 259 11.75 -24.40 19.16
N TRP A 260 10.73 -25.17 18.78
CA TRP A 260 10.26 -25.28 17.40
C TRP A 260 8.85 -24.69 17.36
N ASP A 261 8.65 -23.65 16.54
CA ASP A 261 7.34 -23.05 16.33
C ASP A 261 6.89 -23.54 14.93
N PHE A 262 5.70 -24.11 14.82
CA PHE A 262 5.27 -24.66 13.54
C PHE A 262 4.26 -23.76 12.81
N ALA A 263 4.55 -23.48 11.55
CA ALA A 263 3.69 -22.64 10.76
C ALA A 263 3.62 -23.03 9.25
N MET A 264 2.57 -22.52 8.60
CA MET A 264 2.23 -22.81 7.22
C MET A 264 3.22 -22.09 6.32
N GLY A 265 3.34 -22.57 5.08
CA GLY A 265 4.29 -22.03 4.12
C GLY A 265 3.72 -20.84 3.38
N SER A 266 2.71 -20.23 3.95
CA SER A 266 1.95 -19.23 3.25
C SER A 266 1.22 -18.41 4.25
N TRP A 267 1.22 -17.10 4.06
CA TRP A 267 0.42 -16.28 4.93
C TRP A 267 -1.08 -16.42 4.59
N GLU A 268 -1.43 -16.51 3.30
CA GLU A 268 -2.82 -16.88 2.94
C GLU A 268 -3.26 -18.09 3.73
N GLY A 269 -2.42 -19.13 3.69
CA GLY A 269 -2.68 -20.40 4.34
C GLY A 269 -2.73 -20.34 5.84
N ASP A 270 -1.79 -19.61 6.45
CA ASP A 270 -1.69 -19.40 7.92
C ASP A 270 -2.86 -18.66 8.59
N SER A 271 -3.20 -17.45 8.14
CA SER A 271 -4.28 -16.70 8.77
C SER A 271 -5.60 -16.79 8.01
N VAL A 272 -6.08 -18.00 7.75
CA VAL A 272 -7.30 -18.16 6.96
C VAL A 272 -8.49 -17.76 7.82
N THR A 273 -9.51 -17.15 7.24
CA THR A 273 -10.64 -16.67 8.03
C THR A 273 -11.60 -17.78 8.44
N SER A 274 -12.37 -17.49 9.48
CA SER A 274 -13.39 -18.43 9.99
C SER A 274 -14.36 -18.82 8.88
N ARG A 275 -14.64 -17.85 8.01
CA ARG A 275 -15.40 -18.10 6.80
C ARG A 275 -14.91 -19.28 5.96
N PHE A 276 -13.62 -19.58 6.01
CA PHE A 276 -13.07 -20.58 5.13
C PHE A 276 -12.41 -21.73 5.86
N ALA A 277 -12.38 -21.65 7.19
CA ALA A 277 -11.68 -22.64 7.99
C ALA A 277 -12.10 -22.65 9.45
N PRO A 278 -12.33 -23.85 10.02
CA PRO A 278 -12.61 -23.96 11.44
C PRO A 278 -11.35 -23.75 12.32
N GLU A 279 -11.56 -23.72 13.61
CA GLU A 279 -10.49 -23.72 14.59
C GLU A 279 -9.57 -24.98 14.41
N GLY A 280 -8.28 -24.80 14.68
CA GLY A 280 -7.31 -25.90 14.76
C GLY A 280 -7.06 -26.76 13.54
N ARG A 281 -7.22 -26.18 12.35
CA ARG A 281 -7.01 -26.86 11.05
C ARG A 281 -5.55 -27.13 10.69
N GLN A 282 -4.64 -26.53 11.44
CA GLN A 282 -3.22 -26.77 11.23
C GLN A 282 -2.78 -28.10 11.82
N GLU A 283 -3.70 -28.78 12.50
CA GLU A 283 -3.38 -29.99 13.24
C GLU A 283 -2.84 -31.17 12.42
N GLU A 284 -3.35 -31.41 11.21
CA GLU A 284 -2.97 -32.65 10.54
C GLU A 284 -1.76 -32.47 9.65
N PHE A 285 -1.15 -31.29 9.77
CA PHE A 285 0.13 -30.93 9.16
C PHE A 285 1.24 -30.96 10.22
N VAL A 286 0.83 -30.99 11.48
CA VAL A 286 1.68 -30.87 12.66
C VAL A 286 1.69 -32.15 13.52
N ALA A 287 0.58 -32.88 13.54
CA ALA A 287 0.46 -34.14 14.25
C ALA A 287 1.61 -35.02 13.85
N GLY A 288 2.22 -35.69 14.82
CA GLY A 288 3.31 -36.60 14.52
C GLY A 288 4.69 -35.99 14.63
N LEU A 289 4.78 -34.66 14.66
CA LEU A 289 6.09 -33.95 14.68
C LEU A 289 6.80 -33.83 16.06
N LYS A 290 6.00 -33.66 17.12
CA LYS A 290 6.51 -33.59 18.50
C LYS A 290 7.41 -34.79 18.86
N LYS A 291 6.91 -36.00 18.63
CA LYS A 291 7.69 -37.23 18.75
C LYS A 291 9.11 -37.19 18.15
N LEU A 292 9.35 -36.26 17.25
CA LEU A 292 10.65 -36.24 16.59
C LEU A 292 11.72 -35.38 17.28
N THR A 293 11.33 -34.63 18.30
CA THR A 293 12.26 -33.72 18.96
C THR A 293 12.16 -33.72 20.48
N THR A 294 13.33 -33.62 21.09
CA THR A 294 13.51 -33.48 22.53
C THR A 294 12.90 -32.12 22.94
N LYS A 295 12.85 -31.16 22.00
CA LYS A 295 12.51 -29.76 22.30
C LYS A 295 11.03 -29.46 22.33
N PRO A 296 10.62 -28.45 23.10
CA PRO A 296 9.22 -28.00 23.13
C PRO A 296 8.71 -27.48 21.76
N VAL A 297 7.40 -27.40 21.61
CA VAL A 297 6.84 -27.10 20.31
C VAL A 297 5.69 -26.15 20.50
N VAL A 298 5.60 -25.14 19.64
CA VAL A 298 4.45 -24.27 19.61
C VAL A 298 3.71 -24.52 18.35
N GLY A 299 2.39 -24.45 18.41
CA GLY A 299 1.61 -24.49 17.17
C GLY A 299 0.43 -23.57 17.25
N VAL A 300 -0.14 -23.22 16.11
CA VAL A 300 -1.30 -22.33 16.11
C VAL A 300 -2.53 -23.00 15.53
N GLY A 301 -3.67 -22.35 15.69
CA GLY A 301 -4.85 -22.89 15.08
C GLY A 301 -6.04 -22.07 15.41
N ARG A 302 -5.91 -20.75 15.35
CA ARG A 302 -6.95 -19.81 15.78
C ARG A 302 -7.63 -20.27 17.09
N PHE A 303 -6.84 -20.51 18.13
CA PHE A 303 -7.31 -21.22 19.31
C PHE A 303 -8.12 -20.31 20.22
N THR A 304 -9.43 -20.60 20.29
CA THR A 304 -10.35 -19.87 21.19
C THR A 304 -10.97 -20.70 22.31
N SER A 305 -11.26 -21.97 22.02
CA SER A 305 -11.90 -22.86 22.96
C SER A 305 -10.87 -23.53 23.92
N PRO A 306 -11.02 -23.30 25.23
CA PRO A 306 -10.07 -23.84 26.21
C PRO A 306 -9.98 -25.36 26.25
N ASP A 307 -11.06 -26.06 25.89
CA ASP A 307 -11.03 -27.54 25.78
C ASP A 307 -10.29 -28.03 24.54
N ALA A 308 -10.33 -27.25 23.46
CA ALA A 308 -9.46 -27.51 22.30
C ALA A 308 -7.98 -27.36 22.67
N MET A 309 -7.67 -26.40 23.54
CA MET A 309 -6.31 -26.19 23.99
C MET A 309 -5.87 -27.35 24.88
N VAL A 310 -6.75 -27.77 25.77
CA VAL A 310 -6.52 -28.96 26.61
C VAL A 310 -6.20 -30.17 25.72
N ARG A 311 -6.93 -30.29 24.62
CA ARG A 311 -6.81 -31.42 23.72
C ARG A 311 -5.39 -31.46 23.16
N GLN A 312 -4.97 -30.34 22.57
CA GLN A 312 -3.70 -30.24 21.89
C GLN A 312 -2.54 -30.70 22.72
N ILE A 313 -2.66 -30.60 24.05
CA ILE A 313 -1.54 -30.93 24.93
C ILE A 313 -1.56 -32.35 25.48
N LYS A 314 -2.76 -32.82 25.80
CA LYS A 314 -2.98 -34.14 26.35
C LYS A 314 -2.72 -35.17 25.27
N ALA A 315 -3.16 -34.87 24.05
CA ALA A 315 -2.98 -35.78 22.90
C ALA A 315 -1.56 -35.68 22.26
N GLY A 316 -0.71 -34.81 22.82
CA GLY A 316 0.70 -34.73 22.44
C GLY A 316 0.97 -34.15 21.06
N ILE A 317 0.18 -33.16 20.67
CA ILE A 317 0.40 -32.48 19.42
C ILE A 317 1.32 -31.27 19.64
N LEU A 318 1.15 -30.61 20.79
CA LEU A 318 1.83 -29.34 21.10
C LEU A 318 2.30 -29.24 22.58
N ASP A 319 3.36 -28.48 22.83
CA ASP A 319 3.77 -28.15 24.20
C ASP A 319 3.27 -26.79 24.61
N LEU A 320 3.27 -25.85 23.67
CA LEU A 320 2.78 -24.51 23.96
C LEU A 320 1.60 -24.24 23.07
N ILE A 321 0.65 -23.50 23.61
CA ILE A 321 -0.46 -23.07 22.81
C ILE A 321 -0.09 -21.72 22.27
N GLY A 322 0.15 -21.70 20.95
CA GLY A 322 0.43 -20.46 20.26
C GLY A 322 -0.85 -19.83 19.78
N ALA A 323 -0.90 -18.50 19.85
CA ALA A 323 -1.92 -17.72 19.18
C ALA A 323 -1.40 -16.40 18.69
N ALA A 324 -1.98 -15.93 17.61
CA ALA A 324 -1.75 -14.57 17.18
C ALA A 324 -3.08 -13.89 17.38
N ARG A 325 -4.05 -14.20 16.53
CA ARG A 325 -5.32 -13.50 16.56
C ARG A 325 -6.13 -13.65 17.88
N PRO A 326 -6.20 -14.86 18.45
CA PRO A 326 -6.87 -15.02 19.73
C PRO A 326 -6.30 -14.08 20.76
N SER A 327 -4.99 -13.86 20.73
CA SER A 327 -4.32 -12.88 21.60
C SER A 327 -4.69 -11.43 21.27
N ILE A 328 -4.98 -11.11 20.02
CA ILE A 328 -5.43 -9.77 19.69
C ILE A 328 -6.89 -9.54 20.14
N ALA A 329 -7.74 -10.53 19.88
CA ALA A 329 -9.12 -10.44 20.27
C ALA A 329 -9.27 -10.30 21.79
N ASP A 330 -8.51 -11.11 22.53
CA ASP A 330 -8.54 -11.08 23.99
C ASP A 330 -7.16 -11.25 24.60
N PRO A 331 -6.41 -10.15 24.73
CA PRO A 331 -5.12 -10.14 25.43
C PRO A 331 -5.18 -10.87 26.77
N PHE A 332 -6.35 -10.92 27.39
CA PHE A 332 -6.50 -11.50 28.73
C PHE A 332 -7.04 -12.96 28.74
N LEU A 333 -6.93 -13.65 27.62
CA LEU A 333 -7.48 -14.98 27.55
C LEU A 333 -6.79 -15.91 28.55
N PRO A 334 -5.44 -15.89 28.65
CA PRO A 334 -4.91 -16.78 29.68
C PRO A 334 -5.44 -16.51 31.11
N ASN A 335 -5.46 -15.25 31.55
CA ASN A 335 -5.96 -14.95 32.89
C ASN A 335 -7.42 -15.31 33.10
N LYS A 336 -8.25 -15.24 32.07
CA LYS A 336 -9.65 -15.60 32.26
C LYS A 336 -9.82 -17.12 32.40
N ILE A 337 -8.89 -17.87 31.82
CA ILE A 337 -8.94 -19.28 31.99
C ILE A 337 -8.46 -19.58 33.40
N ARG A 338 -7.38 -18.93 33.79
CA ARG A 338 -6.84 -19.04 35.11
C ARG A 338 -7.92 -18.88 36.17
N ASP A 339 -8.71 -17.82 36.01
CA ASP A 339 -9.66 -17.37 37.02
C ASP A 339 -11.01 -18.04 36.93
N GLY A 340 -11.18 -19.00 36.04
CA GLY A 340 -12.49 -19.67 35.91
C GLY A 340 -13.59 -18.92 35.17
N ARG A 341 -13.35 -17.65 34.80
CA ARG A 341 -14.39 -16.89 34.09
C ARG A 341 -14.32 -17.19 32.59
N LEU A 342 -14.67 -18.40 32.16
CA LEU A 342 -14.52 -18.76 30.73
C LEU A 342 -15.56 -18.09 29.85
N ASN A 343 -16.72 -17.84 30.46
CA ASN A 343 -17.84 -17.16 29.82
C ASN A 343 -17.52 -15.72 29.43
N LEU A 344 -16.40 -15.17 29.90
CA LEU A 344 -16.03 -13.76 29.59
C LEU A 344 -14.92 -13.60 28.57
N ILE A 345 -14.55 -14.73 27.95
CA ILE A 345 -13.57 -14.74 26.86
C ILE A 345 -14.17 -14.14 25.58
N ARG A 346 -13.47 -13.15 25.04
CA ARG A 346 -13.85 -12.47 23.83
C ARG A 346 -13.22 -13.28 22.68
N GLU A 347 -13.99 -14.17 22.08
CA GLU A 347 -13.46 -15.07 21.10
C GLU A 347 -13.23 -14.41 19.74
N CYS A 348 -12.06 -14.67 19.14
CA CYS A 348 -11.76 -14.21 17.81
C CYS A 348 -12.88 -14.66 16.89
N ILE A 349 -13.18 -13.83 15.92
CA ILE A 349 -14.26 -13.97 14.96
C ILE A 349 -13.65 -14.55 13.68
N GLY A 350 -12.34 -14.41 13.55
CA GLY A 350 -11.67 -14.83 12.33
C GLY A 350 -12.06 -13.97 11.16
N CYS A 351 -12.30 -12.68 11.38
CA CYS A 351 -12.68 -11.76 10.32
C CYS A 351 -11.47 -11.40 9.46
N ASN A 352 -10.32 -11.25 10.09
CA ASN A 352 -9.09 -10.90 9.38
C ASN A 352 -8.80 -9.41 9.43
N ILE A 353 -9.78 -8.63 9.85
CA ILE A 353 -9.63 -7.17 9.94
C ILE A 353 -8.26 -6.79 10.50
N CYS A 354 -7.76 -7.60 11.43
CA CYS A 354 -6.45 -7.35 12.04
C CYS A 354 -5.38 -7.24 10.98
N VAL A 355 -5.37 -8.20 10.04
CA VAL A 355 -4.40 -8.20 8.95
C VAL A 355 -4.56 -6.95 8.09
N SER A 356 -5.68 -6.71 7.58
CA SER A 356 -5.88 -5.55 6.71
C SER A 356 -5.24 -4.24 7.22
N GLY A 357 -5.10 -4.11 8.53
CA GLY A 357 -4.34 -2.99 9.08
C GLY A 357 -2.91 -3.09 8.57
N ASP A 358 -2.33 -4.28 8.64
CA ASP A 358 -0.97 -4.41 8.25
C ASP A 358 -0.78 -4.21 6.75
N LEU A 359 -1.74 -4.71 5.98
CA LEU A 359 -1.69 -4.56 4.55
C LEU A 359 -2.04 -3.13 4.09
N THR A 360 -2.56 -2.31 5.00
CA THR A 360 -2.84 -0.92 4.67
C THR A 360 -1.96 -0.03 5.54
N MET A 361 -0.84 -0.58 6.01
CA MET A 361 0.08 0.17 6.88
C MET A 361 -0.63 1.06 7.94
N SER A 362 -1.72 0.55 8.52
CA SER A 362 -2.41 1.21 9.65
C SER A 362 -2.23 0.37 10.90
N PRO A 363 -2.22 1.01 12.09
CA PRO A 363 -2.23 0.25 13.36
C PRO A 363 -3.46 -0.68 13.43
N ILE A 364 -3.22 -1.97 13.62
CA ILE A 364 -4.27 -2.97 13.39
C ILE A 364 -5.46 -2.74 14.29
N ARG A 365 -6.66 -2.79 13.71
CA ARG A 365 -7.93 -2.77 14.43
C ARG A 365 -8.40 -4.19 14.70
N CYS A 366 -9.11 -4.41 15.79
CA CYS A 366 -9.78 -5.69 15.99
C CYS A 366 -11.27 -5.42 16.02
N THR A 367 -12.05 -6.22 15.27
CA THR A 367 -13.48 -6.18 15.44
C THR A 367 -13.86 -6.35 16.91
N GLN A 368 -13.19 -7.29 17.59
CA GLN A 368 -13.62 -7.68 18.92
C GLN A 368 -13.06 -6.75 19.98
N ASN A 369 -11.87 -6.25 19.77
CA ASN A 369 -11.22 -5.46 20.79
C ASN A 369 -10.89 -4.09 20.22
N PRO A 370 -11.76 -3.09 20.49
CA PRO A 370 -11.58 -1.73 20.05
C PRO A 370 -10.37 -1.07 20.65
N SER A 371 -9.83 -1.62 21.73
CA SER A 371 -8.66 -0.98 22.33
C SER A 371 -7.36 -1.37 21.63
N MET A 372 -7.41 -2.33 20.74
CA MET A 372 -6.21 -2.73 20.01
C MET A 372 -5.75 -1.51 19.22
N GLY A 373 -4.52 -1.09 19.46
CA GLY A 373 -4.02 0.10 18.78
C GLY A 373 -4.52 1.39 19.41
N GLU A 374 -5.06 1.30 20.62
CA GLU A 374 -5.43 2.49 21.35
C GLU A 374 -4.74 2.57 22.70
N GLU A 375 -4.03 1.49 23.04
CA GLU A 375 -3.49 1.33 24.38
C GLU A 375 -2.52 2.44 24.74
N TRP A 376 -1.57 2.75 23.86
CA TRP A 376 -0.66 3.82 24.17
C TRP A 376 -1.27 5.14 23.79
N ARG A 377 -1.84 5.23 22.60
CA ARG A 377 -2.13 6.56 22.05
C ARG A 377 -3.31 7.25 22.67
N ARG A 378 -4.32 6.46 23.09
CA ARG A 378 -5.48 6.94 23.85
C ARG A 378 -5.59 6.42 25.29
N GLY A 379 -4.72 5.48 25.70
CA GLY A 379 -4.74 4.86 27.05
C GLY A 379 -5.90 3.88 27.25
N TRP A 380 -6.42 3.28 26.20
CA TRP A 380 -7.52 2.37 26.36
C TRP A 380 -6.97 1.07 26.89
N HIS A 381 -7.83 0.27 27.49
CA HIS A 381 -7.38 -0.98 28.02
C HIS A 381 -8.33 -2.06 27.56
N PRO A 382 -7.82 -3.27 27.23
CA PRO A 382 -8.74 -4.32 26.74
C PRO A 382 -9.77 -4.70 27.76
N GLU A 383 -9.43 -4.58 29.04
CA GLU A 383 -10.36 -4.97 30.10
C GLU A 383 -10.88 -3.82 31.00
N ARG A 384 -10.00 -2.93 31.43
CA ARG A 384 -10.39 -1.81 32.31
C ARG A 384 -10.81 -0.51 31.66
N ILE A 385 -11.64 0.26 32.36
CA ILE A 385 -12.08 1.55 31.91
C ILE A 385 -12.22 2.41 33.14
N ARG A 386 -11.79 3.66 33.05
CA ARG A 386 -11.90 4.60 34.18
C ARG A 386 -13.26 4.48 34.87
N ALA A 387 -13.25 4.67 36.18
CA ALA A 387 -14.50 4.87 36.91
C ALA A 387 -15.34 6.03 36.32
N LYS A 388 -16.65 5.91 36.45
CA LYS A 388 -17.59 6.97 36.09
C LYS A 388 -17.29 8.29 36.83
N GLU A 389 -17.40 9.40 36.11
CA GLU A 389 -17.05 10.70 36.66
C GLU A 389 -18.31 11.42 37.11
N SER A 390 -19.45 10.75 37.04
CA SER A 390 -20.69 11.42 37.30
C SER A 390 -21.80 10.48 37.73
N ASP A 391 -22.92 11.09 38.13
CA ASP A 391 -24.09 10.40 38.63
C ASP A 391 -25.09 10.00 37.53
N ALA A 392 -24.74 10.34 36.28
CA ALA A 392 -25.62 10.25 35.11
C ALA A 392 -26.43 8.97 34.85
N ARG A 393 -27.59 9.17 34.25
CA ARG A 393 -28.39 8.09 33.76
C ARG A 393 -28.32 8.23 32.20
N VAL A 394 -27.78 7.22 31.51
CA VAL A 394 -27.64 7.25 30.02
C VAL A 394 -28.52 6.28 29.25
N LEU A 395 -29.19 6.80 28.23
CA LEU A 395 -29.97 5.95 27.36
C LEU A 395 -29.14 5.62 26.09
N VAL A 396 -28.92 4.34 25.83
CA VAL A 396 -28.33 3.97 24.57
C VAL A 396 -29.45 3.45 23.70
N VAL A 397 -29.63 4.02 22.53
CA VAL A 397 -30.72 3.56 21.68
C VAL A 397 -30.13 2.70 20.57
N GLY A 398 -30.59 1.46 20.51
CA GLY A 398 -30.18 0.56 19.43
C GLY A 398 -29.12 -0.33 19.99
N ALA A 399 -29.24 -1.63 19.72
CA ALA A 399 -28.36 -2.64 20.32
C ALA A 399 -27.66 -3.46 19.27
N GLY A 400 -27.06 -2.77 18.30
CA GLY A 400 -26.13 -3.42 17.37
C GLY A 400 -24.75 -3.39 18.00
N PRO A 401 -23.69 -3.56 17.20
CA PRO A 401 -22.34 -3.59 17.72
C PRO A 401 -21.98 -2.33 18.49
N SER A 402 -22.39 -1.17 18.01
CA SER A 402 -21.97 0.08 18.61
C SER A 402 -22.70 0.31 19.93
N GLY A 403 -24.04 0.21 19.90
CA GLY A 403 -24.84 0.26 21.13
C GLY A 403 -24.38 -0.71 22.20
N LEU A 404 -24.16 -1.97 21.79
CA LEU A 404 -23.73 -3.00 22.72
C LEU A 404 -22.42 -2.64 23.38
N GLU A 405 -21.50 -2.04 22.64
CA GLU A 405 -20.22 -1.75 23.20
C GLU A 405 -20.24 -0.49 24.07
N ALA A 406 -20.89 0.57 23.60
CA ALA A 406 -21.21 1.69 24.48
C ALA A 406 -21.85 1.20 25.78
N ALA A 407 -22.90 0.40 25.69
CA ALA A 407 -23.59 0.01 26.93
C ALA A 407 -22.72 -0.86 27.82
N ARG A 408 -21.94 -1.76 27.22
CA ARG A 408 -21.01 -2.62 27.97
C ARG A 408 -19.96 -1.75 28.65
N ALA A 409 -19.30 -0.88 27.87
CA ALA A 409 -18.28 -0.03 28.44
C ALA A 409 -18.78 0.96 29.50
N LEU A 410 -19.95 1.55 29.27
CA LEU A 410 -20.55 2.48 30.27
C LEU A 410 -20.97 1.67 31.51
N GLY A 411 -21.52 0.48 31.27
CA GLY A 411 -21.79 -0.47 32.32
C GLY A 411 -20.55 -0.67 33.17
N VAL A 412 -19.48 -1.12 32.53
CA VAL A 412 -18.24 -1.36 33.24
C VAL A 412 -17.76 -0.12 33.99
N ARG A 413 -18.10 1.08 33.51
CA ARG A 413 -17.65 2.34 34.20
C ARG A 413 -18.40 2.60 35.50
N GLY A 414 -19.60 2.02 35.59
CA GLY A 414 -20.46 2.19 36.73
C GLY A 414 -21.70 3.02 36.47
N TYR A 415 -21.95 3.43 35.22
CA TYR A 415 -23.11 4.29 34.94
C TYR A 415 -24.46 3.56 35.03
N ASP A 416 -25.50 4.34 35.23
CA ASP A 416 -26.83 3.85 35.27
C ASP A 416 -27.25 3.93 33.82
N VAL A 417 -27.37 2.78 33.17
CA VAL A 417 -27.59 2.76 31.73
C VAL A 417 -28.77 1.92 31.36
N VAL A 418 -29.58 2.48 30.46
CA VAL A 418 -30.80 1.88 29.93
C VAL A 418 -30.53 1.65 28.44
N LEU A 419 -30.71 0.41 27.99
CA LEU A 419 -30.42 0.06 26.63
C LEU A 419 -31.72 -0.32 25.96
N ALA A 420 -32.10 0.47 24.97
CA ALA A 420 -33.40 0.33 24.30
C ALA A 420 -33.22 -0.26 22.93
N GLU A 421 -34.00 -1.29 22.60
CA GLU A 421 -33.87 -1.93 21.31
C GLU A 421 -35.24 -2.06 20.63
N ALA A 422 -35.36 -1.68 19.36
CA ALA A 422 -36.63 -1.75 18.62
C ALA A 422 -37.16 -3.16 18.33
N GLY A 423 -36.27 -4.07 17.88
CA GLY A 423 -36.75 -5.37 17.39
C GLY A 423 -36.79 -6.44 18.46
N ARG A 424 -37.27 -7.67 18.18
CA ARG A 424 -37.37 -8.79 19.12
C ARG A 424 -36.04 -9.16 19.72
N ASP A 425 -34.97 -9.08 18.92
CA ASP A 425 -33.60 -9.46 19.37
C ASP A 425 -32.52 -8.37 19.48
N LEU A 426 -31.58 -8.62 20.39
CA LEU A 426 -30.33 -7.90 20.51
C LEU A 426 -29.34 -8.25 19.38
N GLY A 427 -28.47 -7.31 19.04
CA GLY A 427 -27.37 -7.61 18.12
C GLY A 427 -27.28 -6.82 16.84
N GLY A 428 -28.38 -6.25 16.37
CA GLY A 428 -28.42 -5.47 15.14
C GLY A 428 -27.87 -6.22 13.95
N ARG A 429 -26.95 -5.55 13.25
CA ARG A 429 -26.34 -6.10 12.05
C ARG A 429 -25.46 -7.33 12.31
N VAL A 430 -24.89 -7.46 13.50
CA VAL A 430 -24.19 -8.70 13.84
C VAL A 430 -25.06 -9.96 13.67
N THR A 431 -26.26 -9.94 14.28
CA THR A 431 -27.30 -10.97 14.13
C THR A 431 -27.76 -11.17 12.69
N GLN A 432 -28.15 -10.10 11.99
CA GLN A 432 -28.55 -10.23 10.58
C GLN A 432 -27.41 -10.75 9.69
N GLU A 433 -26.18 -10.34 9.97
CA GLU A 433 -25.03 -10.72 9.17
C GLU A 433 -24.54 -12.14 9.45
N SER A 434 -24.48 -12.55 10.72
CA SER A 434 -24.06 -13.92 11.05
C SER A 434 -24.99 -15.03 10.54
N ALA A 435 -26.23 -14.69 10.17
CA ALA A 435 -27.13 -15.72 9.63
C ALA A 435 -26.74 -16.05 8.21
N LEU A 436 -25.95 -15.17 7.59
CA LEU A 436 -25.40 -15.38 6.22
C LEU A 436 -24.34 -16.49 6.13
N PRO A 437 -24.29 -17.20 4.98
CA PRO A 437 -23.36 -18.36 4.81
C PRO A 437 -21.92 -18.04 5.17
N GLY A 438 -21.33 -18.88 6.02
CA GLY A 438 -19.94 -18.75 6.40
C GLY A 438 -19.58 -17.68 7.42
N LEU A 439 -20.57 -16.98 7.96
CA LEU A 439 -20.32 -15.90 8.92
C LEU A 439 -20.79 -16.19 10.34
N SER A 440 -21.09 -17.44 10.64
CA SER A 440 -21.58 -17.87 11.96
C SER A 440 -20.74 -17.35 13.11
N ALA A 441 -19.42 -17.38 12.99
CA ALA A 441 -18.59 -16.95 14.12
C ALA A 441 -18.78 -15.48 14.45
N TRP A 442 -19.18 -14.67 13.49
CA TRP A 442 -19.36 -13.26 13.74
C TRP A 442 -20.29 -12.97 14.90
N GLY A 443 -21.18 -13.93 15.17
CA GLY A 443 -22.12 -13.83 16.28
C GLY A 443 -21.46 -13.54 17.60
N ARG A 444 -20.18 -13.88 17.67
CA ARG A 444 -19.42 -13.80 18.91
C ARG A 444 -19.26 -12.38 19.43
N VAL A 445 -19.27 -11.40 18.54
CA VAL A 445 -19.26 -9.98 18.91
C VAL A 445 -20.44 -9.66 19.81
N LYS A 446 -21.60 -10.19 19.45
CA LYS A 446 -22.82 -10.03 20.25
C LYS A 446 -22.72 -10.86 21.52
N GLU A 447 -22.22 -12.10 21.45
CA GLU A 447 -22.12 -12.99 22.64
C GLU A 447 -21.31 -12.45 23.80
N TYR A 448 -20.09 -12.04 23.49
CA TYR A 448 -19.23 -11.46 24.50
C TYR A 448 -19.97 -10.32 25.17
N ARG A 449 -20.57 -9.42 24.38
CA ARG A 449 -21.24 -8.25 24.96
C ARG A 449 -22.43 -8.61 25.85
N GLU A 450 -23.22 -9.59 25.44
CA GLU A 450 -24.25 -10.12 26.31
C GLU A 450 -23.72 -10.82 27.54
N ALA A 451 -22.62 -11.55 27.39
CA ALA A 451 -22.14 -12.33 28.49
C ALA A 451 -21.67 -11.37 29.57
N VAL A 452 -21.15 -10.21 29.17
CA VAL A 452 -20.67 -9.21 30.12
C VAL A 452 -21.82 -8.34 30.59
N LEU A 453 -22.79 -8.10 29.73
CA LEU A 453 -23.88 -7.27 30.18
C LEU A 453 -24.61 -8.00 31.30
N ALA A 454 -24.68 -9.31 31.16
CA ALA A 454 -25.39 -10.11 32.12
C ALA A 454 -24.79 -9.89 33.52
N GLU A 455 -23.48 -9.71 33.63
CA GLU A 455 -22.88 -9.43 34.95
C GLU A 455 -22.91 -7.96 35.36
N LEU A 456 -23.77 -7.16 34.76
CA LEU A 456 -23.87 -5.77 35.13
C LEU A 456 -25.28 -5.44 35.57
N PRO A 457 -25.45 -5.26 36.89
CA PRO A 457 -26.80 -4.98 37.39
C PRO A 457 -27.25 -3.56 37.03
N ASN A 458 -26.28 -2.66 36.86
CA ASN A 458 -26.53 -1.27 36.53
C ASN A 458 -26.97 -1.03 35.06
N VAL A 459 -27.14 -2.09 34.28
CA VAL A 459 -27.59 -1.93 32.90
C VAL A 459 -28.98 -2.56 32.64
N GLU A 460 -29.97 -1.74 32.29
CA GLU A 460 -31.30 -2.25 31.98
C GLU A 460 -31.41 -2.46 30.46
N ILE A 461 -31.94 -3.60 30.03
CA ILE A 461 -32.08 -3.86 28.60
C ILE A 461 -33.54 -4.06 28.24
N TYR A 462 -34.04 -3.26 27.31
CA TYR A 462 -35.43 -3.39 26.90
C TYR A 462 -35.51 -3.70 25.41
N ARG A 463 -36.12 -4.86 25.17
CA ARG A 463 -36.00 -5.37 23.82
C ARG A 463 -37.12 -5.14 22.82
N GLU A 464 -38.29 -4.72 23.15
CA GLU A 464 -39.28 -4.42 22.11
C GLU A 464 -39.80 -3.01 22.18
N SER A 465 -38.84 -2.10 22.18
CA SER A 465 -39.07 -0.76 22.58
C SER A 465 -38.47 0.17 21.55
N PRO A 466 -39.28 0.57 20.54
CA PRO A 466 -38.84 1.62 19.63
C PRO A 466 -38.84 2.88 20.47
N MET A 467 -38.03 3.89 20.13
CA MET A 467 -38.00 5.16 20.86
C MET A 467 -38.05 6.35 19.89
N THR A 468 -38.86 7.35 20.23
CA THR A 468 -38.98 8.60 19.47
C THR A 468 -38.51 9.71 20.38
N GLY A 469 -38.20 10.86 19.82
CA GLY A 469 -37.77 11.98 20.64
C GLY A 469 -38.74 12.24 21.79
N ASP A 470 -40.04 12.17 21.48
CA ASP A 470 -41.09 12.20 22.49
C ASP A 470 -40.85 11.35 23.76
N ASP A 471 -40.95 10.02 23.62
CA ASP A 471 -40.62 9.07 24.70
C ASP A 471 -39.40 9.42 25.53
N ILE A 472 -38.33 9.89 24.91
CA ILE A 472 -37.10 10.10 25.63
C ILE A 472 -37.28 11.25 26.62
N VAL A 473 -37.97 12.30 26.18
CA VAL A 473 -38.17 13.46 27.03
C VAL A 473 -39.17 13.12 28.14
N GLU A 474 -40.27 12.46 27.76
CA GLU A 474 -41.30 12.02 28.68
C GLU A 474 -40.75 11.13 29.76
N PHE A 475 -39.91 10.17 29.36
CA PHE A 475 -39.13 9.33 30.27
C PHE A 475 -38.11 10.16 31.09
N GLY A 476 -37.86 11.40 30.70
CA GLY A 476 -36.95 12.31 31.42
C GLY A 476 -35.46 12.02 31.29
N PHE A 477 -35.04 11.37 30.19
CA PHE A 477 -33.64 11.00 30.01
C PHE A 477 -32.79 12.17 29.64
N GLU A 478 -31.77 12.42 30.44
CA GLU A 478 -30.97 13.62 30.29
C GLU A 478 -29.81 13.51 29.24
N HIS A 479 -29.33 12.28 29.03
CA HIS A 479 -28.21 11.96 28.14
C HIS A 479 -28.51 10.73 27.27
N VAL A 480 -28.25 10.84 25.98
CA VAL A 480 -28.57 9.76 25.05
C VAL A 480 -27.38 9.48 24.15
N ILE A 481 -27.21 8.21 23.79
CA ILE A 481 -26.30 7.83 22.76
C ILE A 481 -27.13 7.14 21.72
N THR A 482 -27.06 7.66 20.52
CA THR A 482 -27.94 7.22 19.47
C THR A 482 -27.26 6.20 18.50
N ALA A 483 -27.60 4.93 18.66
CA ALA A 483 -26.91 3.85 17.97
C ALA A 483 -27.85 3.10 17.03
N THR A 484 -28.46 3.81 16.11
CA THR A 484 -29.60 3.28 15.38
C THR A 484 -29.32 2.55 14.06
N GLY A 485 -28.07 2.48 13.66
CA GLY A 485 -27.71 1.82 12.42
C GLY A 485 -27.96 2.60 11.15
N ALA A 486 -28.00 1.86 10.03
CA ALA A 486 -28.01 2.43 8.70
C ALA A 486 -28.82 1.48 7.84
N THR A 487 -29.42 1.98 6.76
CA THR A 487 -30.19 1.16 5.81
C THR A 487 -29.35 1.02 4.56
N TRP A 488 -29.53 -0.06 3.81
CA TRP A 488 -28.81 -0.20 2.55
C TRP A 488 -29.60 0.50 1.44
N ARG A 489 -29.02 1.52 0.82
CA ARG A 489 -29.55 2.16 -0.39
C ARG A 489 -30.09 1.16 -1.37
N THR A 490 -31.09 1.59 -2.10
CA THR A 490 -31.70 0.75 -3.07
C THR A 490 -31.69 1.42 -4.44
N ASP A 491 -31.22 2.67 -4.44
CA ASP A 491 -31.21 3.53 -5.62
C ASP A 491 -29.93 3.39 -6.41
N GLY A 492 -29.02 2.55 -5.94
CA GLY A 492 -27.90 2.14 -6.74
C GLY A 492 -26.63 2.90 -6.52
N VAL A 493 -26.64 3.80 -5.56
CA VAL A 493 -25.56 4.72 -5.31
C VAL A 493 -24.53 4.13 -4.35
N ALA A 494 -23.26 4.34 -4.68
CA ALA A 494 -22.14 3.98 -3.83
C ALA A 494 -20.87 4.69 -4.25
N ARG A 495 -20.10 4.12 -5.19
CA ARG A 495 -18.86 4.74 -5.64
C ARG A 495 -18.93 5.02 -7.14
N PHE A 496 -19.29 4.02 -7.92
CA PHE A 496 -19.45 4.25 -9.36
C PHE A 496 -20.57 5.27 -9.72
N HIS A 497 -21.77 5.11 -9.17
CA HIS A 497 -22.77 6.18 -9.19
C HIS A 497 -22.74 6.93 -7.88
N THR A 498 -22.72 8.25 -7.97
CA THR A 498 -22.89 9.04 -6.78
C THR A 498 -24.34 9.48 -6.67
N THR A 499 -25.07 9.27 -7.76
CA THR A 499 -26.47 9.66 -7.84
C THR A 499 -27.30 8.53 -8.39
N ALA A 500 -28.57 8.49 -7.97
CA ALA A 500 -29.50 7.43 -8.34
C ALA A 500 -29.42 7.05 -9.81
N LEU A 501 -29.41 5.76 -10.07
CA LEU A 501 -29.53 5.28 -11.43
C LEU A 501 -31.02 5.04 -11.73
N PRO A 502 -31.42 5.06 -13.01
CA PRO A 502 -32.85 4.80 -13.35
C PRO A 502 -33.35 3.35 -13.11
N ILE A 503 -34.49 3.25 -12.42
CA ILE A 503 -35.09 1.97 -12.06
C ILE A 503 -36.55 1.82 -12.50
N ALA A 504 -36.81 1.06 -13.54
CA ALA A 504 -38.20 0.88 -14.00
C ALA A 504 -39.14 0.36 -12.90
N GLU A 505 -40.40 0.76 -12.94
CA GLU A 505 -41.42 0.27 -12.00
C GLU A 505 -41.64 -1.27 -11.97
N GLY A 506 -41.53 -1.93 -13.11
CA GLY A 506 -41.81 -3.38 -13.15
C GLY A 506 -40.78 -4.36 -12.55
N MET A 507 -39.55 -3.91 -12.29
CA MET A 507 -38.50 -4.78 -11.80
C MET A 507 -38.53 -4.79 -10.30
N GLN A 508 -38.46 -6.00 -9.73
CA GLN A 508 -38.26 -6.17 -8.30
C GLN A 508 -36.79 -5.86 -7.96
N VAL A 509 -36.63 -4.95 -7.00
CA VAL A 509 -35.34 -4.51 -6.56
C VAL A 509 -35.30 -4.69 -5.07
N LEU A 510 -34.43 -5.55 -4.60
CA LEU A 510 -34.24 -5.75 -3.18
C LEU A 510 -32.86 -5.27 -2.75
N GLY A 511 -32.73 -5.09 -1.45
CA GLY A 511 -31.47 -4.78 -0.80
C GLY A 511 -31.26 -5.74 0.36
N PRO A 512 -30.12 -5.64 1.05
CA PRO A 512 -29.88 -6.54 2.16
C PRO A 512 -30.89 -6.45 3.30
N ASP A 513 -31.53 -5.28 3.52
CA ASP A 513 -32.59 -5.16 4.55
C ASP A 513 -33.74 -6.16 4.32
N ASP A 514 -34.14 -6.29 3.05
CA ASP A 514 -35.14 -7.23 2.63
C ASP A 514 -34.81 -8.73 2.87
N LEU A 515 -33.59 -9.12 2.51
CA LEU A 515 -33.07 -10.46 2.77
C LEU A 515 -32.92 -10.81 4.25
N PHE A 516 -32.54 -9.81 5.06
CA PHE A 516 -32.46 -9.91 6.51
C PHE A 516 -33.86 -10.05 7.10
N ALA A 517 -34.82 -9.38 6.46
CA ALA A 517 -36.22 -9.45 6.87
C ALA A 517 -36.90 -10.75 6.39
N GLY A 518 -36.15 -11.59 5.67
CA GLY A 518 -36.66 -12.87 5.21
C GLY A 518 -37.31 -12.85 3.83
N ARG A 519 -37.54 -11.66 3.28
CA ARG A 519 -37.95 -11.50 1.87
C ARG A 519 -36.88 -12.05 0.90
N LEU A 520 -37.33 -12.75 -0.14
CA LEU A 520 -36.44 -13.36 -1.14
C LEU A 520 -36.94 -13.06 -2.56
N PRO A 521 -36.02 -12.83 -3.51
CA PRO A 521 -36.45 -12.53 -4.87
C PRO A 521 -37.53 -13.48 -5.41
N ASP A 522 -38.42 -12.91 -6.22
CA ASP A 522 -39.56 -13.66 -6.72
C ASP A 522 -39.21 -14.69 -7.80
N GLY A 523 -38.49 -14.28 -8.84
CA GLY A 523 -38.22 -15.17 -9.95
C GLY A 523 -36.91 -15.94 -9.79
N LYS A 524 -36.56 -16.72 -10.81
CA LYS A 524 -35.39 -17.59 -10.75
C LYS A 524 -34.02 -16.89 -10.96
N LYS A 525 -33.93 -16.02 -11.94
CA LYS A 525 -32.66 -15.33 -12.25
C LYS A 525 -32.49 -14.00 -11.48
N VAL A 526 -31.39 -13.90 -10.74
CA VAL A 526 -31.14 -12.72 -9.98
C VAL A 526 -29.82 -12.12 -10.41
N VAL A 527 -29.78 -10.80 -10.49
CA VAL A 527 -28.53 -10.07 -10.57
C VAL A 527 -28.29 -9.37 -9.27
N VAL A 528 -27.13 -9.62 -8.66
CA VAL A 528 -26.64 -8.83 -7.53
C VAL A 528 -25.69 -7.76 -8.07
N TYR A 529 -26.05 -6.50 -7.90
CA TYR A 529 -25.14 -5.40 -8.23
C TYR A 529 -24.25 -5.06 -7.02
N ASP A 530 -22.96 -5.38 -7.09
CA ASP A 530 -22.08 -5.22 -5.93
C ASP A 530 -21.13 -4.02 -6.14
N ASP A 531 -21.47 -2.86 -5.56
CA ASP A 531 -20.56 -1.73 -5.59
C ASP A 531 -20.04 -1.37 -4.17
N ASP A 532 -20.00 -2.39 -3.30
CA ASP A 532 -19.45 -2.30 -1.96
C ASP A 532 -17.99 -2.78 -1.87
N HIS A 533 -17.69 -3.84 -2.65
CA HIS A 533 -16.34 -4.38 -2.83
C HIS A 533 -15.72 -5.04 -1.63
N TYR A 534 -16.49 -5.25 -0.57
CA TYR A 534 -16.01 -6.02 0.54
C TYR A 534 -16.68 -7.41 0.59
N TYR A 535 -17.20 -7.86 1.72
CA TYR A 535 -17.67 -9.22 1.81
C TYR A 535 -19.12 -9.42 1.31
N LEU A 536 -20.01 -8.47 1.54
CA LEU A 536 -21.45 -8.75 1.51
C LEU A 536 -22.07 -9.20 0.21
N GLY A 537 -21.70 -8.55 -0.89
CA GLY A 537 -22.12 -8.96 -2.24
C GLY A 537 -21.91 -10.46 -2.48
N GLY A 538 -20.70 -10.95 -2.16
CA GLY A 538 -20.35 -12.32 -2.43
C GLY A 538 -21.15 -13.22 -1.53
N VAL A 539 -21.20 -12.85 -0.25
CA VAL A 539 -22.00 -13.56 0.74
C VAL A 539 -23.50 -13.66 0.38
N VAL A 540 -24.13 -12.53 0.05
CA VAL A 540 -25.51 -12.52 -0.44
C VAL A 540 -25.68 -13.43 -1.66
N ALA A 541 -24.75 -13.35 -2.60
CA ALA A 541 -24.83 -14.19 -3.77
C ALA A 541 -24.69 -15.66 -3.37
N GLU A 542 -23.77 -15.99 -2.47
CA GLU A 542 -23.70 -17.38 -1.93
C GLU A 542 -25.10 -17.85 -1.51
N LEU A 543 -25.77 -16.99 -0.76
CA LEU A 543 -27.04 -17.30 -0.17
C LEU A 543 -28.09 -17.63 -1.21
N LEU A 544 -28.16 -16.78 -2.21
CA LEU A 544 -29.17 -16.95 -3.23
C LEU A 544 -28.99 -18.27 -3.97
N ALA A 545 -27.75 -18.60 -4.29
CA ALA A 545 -27.43 -19.80 -5.07
C ALA A 545 -27.73 -21.10 -4.27
N GLN A 546 -27.33 -21.11 -3.01
CA GLN A 546 -27.77 -22.14 -2.06
C GLN A 546 -29.31 -22.29 -2.03
N LYS A 547 -30.04 -21.22 -2.32
CA LYS A 547 -31.48 -21.26 -2.20
C LYS A 547 -32.13 -21.60 -3.56
N GLY A 548 -31.31 -21.84 -4.57
CA GLY A 548 -31.78 -22.36 -5.86
C GLY A 548 -31.88 -21.34 -6.98
N TYR A 549 -31.52 -20.08 -6.72
CA TYR A 549 -31.50 -19.07 -7.76
C TYR A 549 -30.33 -19.16 -8.73
N GLU A 550 -30.50 -18.66 -9.93
CA GLU A 550 -29.41 -18.53 -10.88
C GLU A 550 -28.91 -17.12 -10.72
N VAL A 551 -27.65 -16.99 -10.36
CA VAL A 551 -27.15 -15.76 -9.86
C VAL A 551 -25.94 -15.26 -10.64
N SER A 552 -25.97 -13.97 -10.97
CA SER A 552 -24.82 -13.23 -11.52
C SER A 552 -24.47 -12.09 -10.58
N ILE A 553 -23.18 -11.89 -10.32
CA ILE A 553 -22.73 -10.72 -9.59
C ILE A 553 -22.19 -9.69 -10.54
N VAL A 554 -22.61 -8.43 -10.40
CA VAL A 554 -22.04 -7.37 -11.23
C VAL A 554 -21.21 -6.44 -10.40
N THR A 555 -19.93 -6.28 -10.73
CA THR A 555 -19.02 -5.40 -9.94
C THR A 555 -18.15 -4.57 -10.82
N PRO A 556 -18.02 -3.29 -10.50
CA PRO A 556 -16.99 -2.48 -11.13
C PRO A 556 -15.55 -2.94 -10.88
N GLY A 557 -15.28 -3.72 -9.83
CA GLY A 557 -13.96 -4.23 -9.68
C GLY A 557 -13.55 -5.40 -10.58
N ALA A 558 -12.24 -5.58 -10.71
CA ALA A 558 -11.66 -6.68 -11.49
C ALA A 558 -11.79 -8.05 -10.78
N GLN A 559 -12.17 -8.02 -9.50
CA GLN A 559 -12.48 -9.24 -8.77
C GLN A 559 -13.66 -8.97 -7.90
N VAL A 560 -14.43 -10.01 -7.64
CA VAL A 560 -15.56 -9.82 -6.72
C VAL A 560 -14.93 -9.62 -5.36
N SER A 561 -15.36 -8.62 -4.60
CA SER A 561 -14.99 -8.45 -3.20
C SER A 561 -13.52 -8.12 -3.15
N SER A 562 -13.10 -7.13 -3.94
CA SER A 562 -11.66 -6.88 -4.16
C SER A 562 -10.94 -6.39 -2.93
N TRP A 563 -11.65 -5.70 -2.03
CA TRP A 563 -11.04 -5.28 -0.78
C TRP A 563 -10.47 -6.44 0.04
N THR A 564 -11.02 -7.63 -0.17
CA THR A 564 -10.55 -8.83 0.55
C THR A 564 -9.14 -9.26 0.17
N ASN A 565 -8.56 -8.71 -0.90
CA ASN A 565 -7.10 -8.68 -1.00
C ASN A 565 -6.46 -8.38 0.33
N ASN A 566 -7.10 -7.52 1.11
CA ASN A 566 -6.53 -7.02 2.35
C ASN A 566 -6.70 -7.98 3.48
N THR A 567 -7.63 -8.93 3.28
CA THR A 567 -7.89 -9.98 4.25
C THR A 567 -7.42 -11.39 3.75
N PHE A 568 -6.71 -11.45 2.61
CA PHE A 568 -6.30 -12.73 2.00
C PHE A 568 -7.46 -13.67 1.67
N GLU A 569 -8.65 -13.12 1.40
CA GLU A 569 -9.81 -13.95 1.13
C GLU A 569 -10.15 -13.98 -0.35
N VAL A 570 -9.62 -12.98 -1.09
CA VAL A 570 -10.04 -12.73 -2.48
C VAL A 570 -10.03 -13.99 -3.35
N ASN A 571 -8.94 -14.77 -3.32
CA ASN A 571 -8.88 -16.03 -4.07
C ASN A 571 -9.91 -17.02 -3.62
N ARG A 572 -10.01 -17.23 -2.31
CA ARG A 572 -11.01 -18.14 -1.76
C ARG A 572 -12.46 -17.72 -2.12
N ILE A 573 -12.78 -16.41 -1.99
CA ILE A 573 -14.06 -15.92 -2.45
C ILE A 573 -14.29 -16.35 -3.93
N GLN A 574 -13.32 -16.14 -4.80
CA GLN A 574 -13.64 -16.38 -6.21
C GLN A 574 -13.86 -17.88 -6.46
N ARG A 575 -13.03 -18.72 -5.84
CA ARG A 575 -13.15 -20.16 -6.03
C ARG A 575 -14.51 -20.65 -5.52
N ARG A 576 -14.90 -20.10 -4.38
CA ARG A 576 -16.19 -20.39 -3.78
C ARG A 576 -17.37 -19.92 -4.65
N LEU A 577 -17.22 -18.82 -5.39
CA LEU A 577 -18.29 -18.36 -6.24
C LEU A 577 -18.39 -19.25 -7.48
N ILE A 578 -17.24 -19.58 -8.04
CA ILE A 578 -17.15 -20.45 -9.21
C ILE A 578 -17.69 -21.85 -8.91
N GLU A 579 -17.62 -22.29 -7.67
CA GLU A 579 -18.10 -23.62 -7.29
C GLU A 579 -19.61 -23.67 -6.99
N ASN A 580 -20.22 -22.51 -6.78
CA ASN A 580 -21.65 -22.42 -6.54
C ASN A 580 -22.36 -22.00 -7.83
N GLY A 581 -21.62 -21.90 -8.91
CA GLY A 581 -22.19 -21.63 -10.23
C GLY A 581 -22.59 -20.17 -10.42
N VAL A 582 -22.10 -19.28 -9.55
CA VAL A 582 -22.44 -17.89 -9.68
C VAL A 582 -21.57 -17.23 -10.79
N ALA A 583 -22.18 -16.51 -11.71
CA ALA A 583 -21.48 -15.82 -12.81
C ALA A 583 -20.83 -14.58 -12.24
N ARG A 584 -19.54 -14.41 -12.48
CA ARG A 584 -18.85 -13.24 -11.99
C ARG A 584 -18.82 -12.24 -13.12
N VAL A 585 -19.60 -11.19 -13.03
CA VAL A 585 -19.55 -10.25 -14.14
C VAL A 585 -18.81 -9.05 -13.63
N THR A 586 -17.49 -9.16 -13.69
CA THR A 586 -16.59 -8.14 -13.20
C THR A 586 -16.28 -7.05 -14.25
N ASP A 587 -15.78 -5.90 -13.77
CA ASP A 587 -15.40 -4.80 -14.66
C ASP A 587 -16.63 -4.15 -15.30
N HIS A 588 -17.77 -4.23 -14.60
CA HIS A 588 -19.02 -3.75 -15.13
C HIS A 588 -19.79 -3.04 -14.05
N ALA A 589 -20.44 -1.94 -14.43
CA ALA A 589 -21.43 -1.30 -13.57
C ALA A 589 -22.81 -1.51 -14.19
N VAL A 590 -23.79 -1.65 -13.30
CA VAL A 590 -25.20 -1.59 -13.65
C VAL A 590 -25.51 -0.09 -13.85
N VAL A 591 -26.03 0.27 -15.02
CA VAL A 591 -26.33 1.69 -15.34
C VAL A 591 -27.80 1.96 -15.59
N ALA A 592 -28.61 0.91 -15.73
CA ALA A 592 -30.06 1.02 -15.83
C ALA A 592 -30.71 -0.27 -15.36
N VAL A 593 -31.83 -0.16 -14.65
CA VAL A 593 -32.63 -1.33 -14.36
C VAL A 593 -33.93 -1.18 -15.14
N GLY A 594 -34.16 -2.10 -16.06
CA GLY A 594 -35.36 -2.05 -16.89
C GLY A 594 -36.38 -3.07 -16.38
N ALA A 595 -37.59 -3.00 -16.90
CA ALA A 595 -38.60 -3.98 -16.56
C ALA A 595 -38.10 -5.46 -16.55
N GLY A 596 -37.33 -5.89 -17.54
CA GLY A 596 -36.99 -7.31 -17.64
C GLY A 596 -35.51 -7.66 -17.61
N GLY A 597 -34.67 -6.69 -17.28
CA GLY A 597 -33.24 -6.89 -17.22
C GLY A 597 -32.56 -5.65 -16.69
N VAL A 598 -31.23 -5.66 -16.80
CA VAL A 598 -30.40 -4.52 -16.45
C VAL A 598 -29.45 -4.24 -17.59
N THR A 599 -29.02 -2.99 -17.68
CA THR A 599 -27.99 -2.61 -18.61
C THR A 599 -26.70 -2.50 -17.82
N VAL A 600 -25.70 -3.24 -18.25
CA VAL A 600 -24.40 -3.11 -17.66
C VAL A 600 -23.47 -2.38 -18.60
N ARG A 601 -22.53 -1.66 -18.01
CA ARG A 601 -21.52 -0.97 -18.75
C ARG A 601 -20.15 -1.39 -18.29
N ASP A 602 -19.32 -1.71 -19.25
CA ASP A 602 -17.95 -2.10 -19.00
C ASP A 602 -17.15 -0.90 -18.49
N THR A 603 -16.34 -1.09 -17.46
CA THR A 603 -15.64 0.00 -16.87
C THR A 603 -14.52 0.56 -17.74
N TYR A 604 -13.96 -0.23 -18.62
CA TYR A 604 -12.80 0.21 -19.40
C TYR A 604 -13.17 0.96 -20.65
N ALA A 605 -14.02 0.38 -21.49
CA ALA A 605 -14.38 0.99 -22.77
C ALA A 605 -15.82 1.45 -22.84
N SER A 606 -16.57 1.39 -21.75
CA SER A 606 -17.95 1.84 -21.76
C SER A 606 -18.88 1.08 -22.72
N ILE A 607 -18.49 -0.10 -23.20
CA ILE A 607 -19.41 -0.92 -24.00
C ILE A 607 -20.57 -1.39 -23.14
N GLU A 608 -21.77 -1.22 -23.66
CA GLU A 608 -22.99 -1.59 -22.92
C GLU A 608 -23.63 -2.91 -23.39
N ARG A 609 -24.32 -3.64 -22.50
CA ARG A 609 -24.95 -4.93 -22.83
C ARG A 609 -26.20 -5.08 -22.00
N GLU A 610 -27.16 -5.85 -22.50
CA GLU A 610 -28.31 -6.18 -21.66
C GLU A 610 -28.12 -7.50 -20.97
N LEU A 611 -28.64 -7.61 -19.76
CA LEU A 611 -28.57 -8.83 -18.98
C LEU A 611 -29.98 -9.09 -18.47
N GLU A 612 -30.59 -10.21 -18.87
CA GLU A 612 -31.97 -10.47 -18.50
C GLU A 612 -31.99 -11.10 -17.14
N CYS A 613 -33.03 -10.77 -16.38
CA CYS A 613 -33.16 -11.23 -15.01
C CYS A 613 -34.60 -11.02 -14.54
N ASP A 614 -34.96 -11.71 -13.46
CA ASP A 614 -36.31 -11.63 -12.86
C ASP A 614 -36.32 -10.69 -11.66
N ALA A 615 -35.14 -10.36 -11.15
CA ALA A 615 -34.97 -9.57 -9.92
C ALA A 615 -33.53 -9.06 -9.79
N VAL A 616 -33.37 -7.96 -9.06
CA VAL A 616 -32.08 -7.32 -8.87
C VAL A 616 -31.89 -7.07 -7.38
N VAL A 617 -30.73 -7.45 -6.86
CA VAL A 617 -30.40 -7.16 -5.47
C VAL A 617 -29.26 -6.19 -5.47
N MET A 618 -29.50 -5.04 -4.83
CA MET A 618 -28.57 -3.96 -4.75
C MET A 618 -27.72 -4.14 -3.49
N VAL A 619 -26.41 -4.17 -3.66
CA VAL A 619 -25.46 -4.14 -2.52
C VAL A 619 -24.45 -3.10 -2.88
N THR A 620 -24.77 -1.87 -2.50
CA THR A 620 -23.95 -0.72 -2.87
C THR A 620 -23.41 0.08 -1.66
N ALA A 621 -24.20 0.93 -1.02
CA ALA A 621 -23.80 1.66 0.20
C ALA A 621 -24.99 1.93 1.09
N ARG A 622 -24.79 2.77 2.09
CA ARG A 622 -25.78 2.85 3.11
C ARG A 622 -26.16 4.29 3.46
N LEU A 623 -27.36 4.47 4.03
CA LEU A 623 -27.67 5.76 4.64
C LEU A 623 -27.95 5.58 6.10
N PRO A 624 -27.46 6.53 6.93
CA PRO A 624 -27.63 6.44 8.37
C PRO A 624 -29.09 6.69 8.78
N ARG A 625 -29.53 5.97 9.84
CA ARG A 625 -30.82 6.19 10.53
C ARG A 625 -30.68 7.29 11.53
N GLU A 626 -30.78 8.54 11.09
CA GLU A 626 -30.46 9.62 12.01
C GLU A 626 -31.66 10.54 12.37
N GLU A 627 -32.86 10.07 12.02
CA GLU A 627 -34.10 10.82 12.30
C GLU A 627 -34.20 11.09 13.78
N LEU A 628 -33.97 10.06 14.59
CA LEU A 628 -33.95 10.20 16.04
C LEU A 628 -32.90 11.18 16.49
N TYR A 629 -31.68 11.00 16.05
CA TYR A 629 -30.64 11.93 16.42
C TYR A 629 -30.99 13.42 16.13
N LEU A 630 -31.55 13.70 14.95
CA LEU A 630 -31.74 15.10 14.51
C LEU A 630 -32.89 15.72 15.28
N ASP A 631 -33.92 14.88 15.48
CA ASP A 631 -34.97 15.12 16.43
C ASP A 631 -34.40 15.47 17.83
N LEU A 632 -33.42 14.73 18.32
CA LEU A 632 -32.85 15.02 19.66
C LEU A 632 -31.91 16.22 19.74
N VAL A 633 -31.15 16.46 18.68
CA VAL A 633 -30.35 17.70 18.61
C VAL A 633 -31.29 18.92 18.68
N ALA A 634 -32.38 18.88 17.92
CA ALA A 634 -33.43 19.91 18.02
C ALA A 634 -33.90 20.05 19.48
N ARG A 635 -34.13 18.94 20.15
CA ARG A 635 -34.60 19.01 21.54
C ARG A 635 -33.51 19.43 22.53
N ARG A 636 -32.25 19.26 22.13
CA ARG A 636 -31.15 19.71 22.98
C ARG A 636 -30.99 21.19 22.87
N ASP A 637 -31.08 21.71 21.65
CA ASP A 637 -30.91 23.15 21.45
C ASP A 637 -32.01 23.90 22.23
N ALA A 638 -33.26 23.48 22.03
CA ALA A 638 -34.40 23.97 22.83
C ALA A 638 -34.28 23.88 24.38
N GLY A 639 -33.56 22.88 24.89
CA GLY A 639 -33.21 22.77 26.34
C GLY A 639 -33.84 21.60 27.10
N GLU A 640 -34.41 20.64 26.37
CA GLU A 640 -35.17 19.52 26.94
C GLU A 640 -34.34 18.27 27.27
N ILE A 641 -33.06 18.29 26.88
CA ILE A 641 -32.08 17.24 27.22
C ILE A 641 -30.72 17.94 27.31
N ALA A 642 -29.70 17.26 27.81
CA ALA A 642 -28.40 17.92 27.88
C ALA A 642 -27.38 17.42 26.83
N SER A 643 -27.44 16.15 26.44
CA SER A 643 -26.50 15.64 25.41
C SER A 643 -27.02 14.49 24.56
N VAL A 644 -26.72 14.54 23.27
CA VAL A 644 -26.91 13.43 22.36
C VAL A 644 -25.62 13.22 21.64
N ARG A 645 -25.35 11.97 21.28
CA ARG A 645 -24.18 11.69 20.47
C ARG A 645 -24.56 10.63 19.48
N GLY A 646 -24.25 10.83 18.21
CA GLY A 646 -24.54 9.79 17.21
C GLY A 646 -23.44 8.77 17.25
N ILE A 647 -23.74 7.50 16.96
CA ILE A 647 -22.74 6.44 17.12
C ILE A 647 -22.84 5.34 16.08
N GLY A 648 -21.71 4.81 15.67
CA GLY A 648 -21.72 3.64 14.81
C GLY A 648 -22.22 3.99 13.45
N ASP A 649 -22.89 3.04 12.82
CA ASP A 649 -23.44 3.19 11.49
C ASP A 649 -24.46 4.34 11.32
N ALA A 650 -25.12 4.78 12.38
CA ALA A 650 -26.02 5.93 12.29
C ALA A 650 -25.20 7.22 12.15
N TRP A 651 -23.95 7.22 12.59
CA TRP A 651 -23.13 8.43 12.48
C TRP A 651 -22.47 8.44 11.12
N ALA A 652 -21.82 7.32 10.75
CA ALA A 652 -21.20 7.17 9.44
C ALA A 652 -20.88 5.71 9.27
N PRO A 653 -21.55 5.05 8.33
CA PRO A 653 -21.52 3.60 8.17
C PRO A 653 -20.13 3.04 7.82
N GLY A 654 -19.79 1.90 8.38
CA GLY A 654 -18.46 1.34 8.26
C GLY A 654 -18.51 -0.12 8.61
N THR A 655 -17.35 -0.70 8.91
CA THR A 655 -17.33 -2.09 9.22
C THR A 655 -17.96 -2.21 10.60
N ILE A 656 -18.29 -3.44 10.97
CA ILE A 656 -18.60 -3.79 12.34
C ILE A 656 -17.52 -3.34 13.30
N ALA A 657 -16.24 -3.48 12.94
CA ALA A 657 -15.12 -3.12 13.87
C ALA A 657 -15.21 -1.65 14.21
N ALA A 658 -15.30 -0.82 13.18
CA ALA A 658 -15.56 0.62 13.33
C ALA A 658 -16.78 0.92 14.24
N ALA A 659 -17.84 0.10 14.17
CA ALA A 659 -19.03 0.30 14.99
C ALA A 659 -18.73 0.04 16.43
N VAL A 660 -18.15 -1.12 16.71
CA VAL A 660 -17.67 -1.43 18.04
C VAL A 660 -16.75 -0.36 18.63
N TRP A 661 -15.75 0.02 17.86
CA TRP A 661 -14.85 1.10 18.25
C TRP A 661 -15.63 2.38 18.58
N SER A 662 -16.59 2.69 17.71
CA SER A 662 -17.36 3.93 17.79
C SER A 662 -18.07 4.09 19.12
N GLY A 663 -18.58 2.95 19.61
CA GLY A 663 -19.25 2.85 20.86
C GLY A 663 -18.28 2.88 22.01
N ARG A 664 -17.09 2.28 21.87
CA ARG A 664 -16.23 2.31 23.02
C ARG A 664 -15.80 3.74 23.21
N ARG A 665 -15.58 4.43 22.09
CA ARG A 665 -15.13 5.82 22.11
C ARG A 665 -16.10 6.73 22.84
N ALA A 666 -17.39 6.63 22.52
CA ALA A 666 -18.44 7.32 23.26
C ALA A 666 -18.40 7.02 24.74
N ALA A 667 -18.21 5.76 25.10
CA ALA A 667 -18.06 5.36 26.51
C ALA A 667 -16.84 5.98 27.22
N GLU A 668 -15.69 6.01 26.56
CA GLU A 668 -14.47 6.53 27.17
C GLU A 668 -14.53 8.05 27.24
N GLU A 669 -15.41 8.64 26.44
CA GLU A 669 -15.42 10.07 26.32
C GLU A 669 -16.56 10.68 27.10
N PHE A 670 -17.50 9.86 27.57
CA PHE A 670 -18.58 10.36 28.39
C PHE A 670 -18.08 11.03 29.68
N ASP A 671 -18.52 12.28 29.87
CA ASP A 671 -18.13 13.14 31.01
C ASP A 671 -16.67 13.48 31.04
N ALA A 672 -15.93 13.21 29.96
CA ALA A 672 -14.50 13.53 29.94
C ALA A 672 -14.35 14.99 29.61
N VAL A 673 -13.37 15.65 30.18
CA VAL A 673 -13.13 16.99 29.69
C VAL A 673 -12.13 16.90 28.56
N LEU A 674 -12.59 17.32 27.38
CA LEU A 674 -11.89 17.10 26.14
C LEU A 674 -11.24 18.37 25.60
N PRO A 675 -10.14 18.21 24.86
CA PRO A 675 -9.63 19.32 24.05
C PRO A 675 -10.62 19.69 22.95
N SER A 676 -10.57 20.91 22.41
CA SER A 676 -11.38 21.19 21.25
C SER A 676 -10.86 20.26 20.15
N ASN A 677 -11.67 20.05 19.11
CA ASN A 677 -11.26 19.14 18.06
C ASN A 677 -10.15 19.72 17.17
N ASP A 678 -9.64 20.89 17.51
CA ASP A 678 -8.46 21.45 16.82
C ASP A 678 -7.22 20.54 16.99
N GLU A 679 -7.23 19.78 18.08
CA GLU A 679 -6.07 19.01 18.51
C GLU A 679 -6.19 17.58 18.05
N VAL A 680 -5.06 16.95 17.87
CA VAL A 680 -4.99 15.53 17.60
C VAL A 680 -5.56 14.74 18.78
N PRO A 681 -6.60 13.92 18.56
CA PRO A 681 -7.17 13.26 19.73
C PRO A 681 -6.39 12.01 20.21
N PHE A 682 -5.11 11.90 19.90
CA PHE A 682 -4.31 10.80 20.40
C PHE A 682 -2.87 11.22 20.39
N ARG A 683 -2.01 10.38 20.96
CA ARG A 683 -0.58 10.70 21.00
C ARG A 683 0.12 10.08 19.83
N ARG A 684 1.24 10.68 19.46
CA ARG A 684 1.99 10.14 18.36
C ARG A 684 3.41 10.49 18.43
N GLU A 685 4.21 9.54 17.97
CA GLU A 685 5.61 9.80 17.78
C GLU A 685 5.78 10.36 16.37
N VAL A 686 6.83 11.12 16.18
CA VAL A 686 7.10 11.83 14.94
C VAL A 686 8.58 11.51 14.59
N THR A 687 9.00 11.81 13.37
CA THR A 687 10.36 11.44 12.98
C THR A 687 11.48 12.23 13.67
N GLN A 688 12.55 11.54 14.08
CA GLN A 688 13.63 12.21 14.76
C GLN A 688 14.49 12.89 13.71
N LEU A 689 14.52 14.21 13.73
CA LEU A 689 15.38 14.94 12.80
C LEU A 689 16.85 14.63 12.99
N ALA A 690 17.59 14.58 11.88
CA ALA A 690 19.04 14.36 11.93
C ALA A 690 19.77 15.64 12.41
N VAL B 7 20.53 36.12 -21.31
CA VAL B 7 19.82 34.92 -21.84
C VAL B 7 19.43 35.14 -23.30
N ALA B 8 19.69 34.14 -24.15
CA ALA B 8 19.44 34.23 -25.59
C ALA B 8 17.99 34.54 -25.98
N ALA B 9 17.86 35.37 -27.03
CA ALA B 9 16.64 36.12 -27.41
C ALA B 9 15.28 35.39 -27.56
N PRO B 10 15.25 34.10 -28.00
CA PRO B 10 13.90 33.46 -27.89
C PRO B 10 13.47 33.23 -26.42
N TYR B 11 14.40 32.78 -25.58
CA TYR B 11 14.06 32.20 -24.28
C TYR B 11 14.10 33.22 -23.14
N ASP B 12 14.52 34.45 -23.44
CA ASP B 12 14.69 35.48 -22.40
C ASP B 12 13.40 35.76 -21.64
N VAL B 13 12.26 35.62 -22.30
CA VAL B 13 10.93 35.83 -21.68
C VAL B 13 10.66 34.87 -20.47
N LEU B 14 11.20 33.66 -20.55
CA LEU B 14 11.05 32.74 -19.45
C LEU B 14 11.84 33.14 -18.23
N PHE B 15 12.71 34.14 -18.38
CA PHE B 15 13.54 34.59 -17.25
C PHE B 15 13.21 35.95 -16.68
N GLU B 16 11.92 36.29 -16.81
CA GLU B 16 11.35 37.51 -16.30
C GLU B 16 10.79 37.32 -14.91
N PRO B 17 10.97 38.31 -14.06
CA PRO B 17 10.41 38.26 -12.69
C PRO B 17 8.89 38.30 -12.69
N VAL B 18 8.27 37.49 -11.81
CA VAL B 18 6.81 37.47 -11.65
C VAL B 18 6.41 37.67 -10.18
N GLN B 19 5.57 38.68 -9.96
CA GLN B 19 5.13 39.02 -8.62
C GLN B 19 4.00 38.11 -8.16
N ILE B 20 4.15 37.56 -6.95
CA ILE B 20 3.22 36.59 -6.40
C ILE B 20 2.92 37.05 -4.99
N GLY B 21 1.86 37.80 -4.82
CA GLY B 21 1.73 38.58 -3.59
C GLY B 21 3.04 39.34 -3.27
N PRO B 22 3.41 39.33 -2.00
CA PRO B 22 4.62 39.95 -1.45
C PRO B 22 5.98 39.53 -2.09
N PHE B 23 5.97 38.54 -3.01
CA PHE B 23 7.23 37.94 -3.45
C PHE B 23 7.41 37.98 -4.97
N THR B 24 8.66 37.91 -5.39
CA THR B 24 8.99 37.98 -6.80
C THR B 24 9.85 36.79 -7.11
N THR B 25 9.55 36.16 -8.24
CA THR B 25 10.28 35.00 -8.70
C THR B 25 11.48 35.51 -9.44
N LYS B 26 12.53 34.71 -9.45
CA LYS B 26 13.69 35.00 -10.29
C LYS B 26 13.32 34.80 -11.74
N ASN B 27 12.50 33.78 -12.05
CA ASN B 27 12.08 33.50 -13.44
C ASN B 27 10.65 32.97 -13.41
N ARG B 28 10.21 32.28 -14.46
CA ARG B 28 8.82 31.82 -14.52
C ARG B 28 8.68 30.32 -14.27
N PHE B 29 9.77 29.69 -13.86
CA PHE B 29 9.78 28.27 -13.62
C PHE B 29 9.29 27.97 -12.24
N TYR B 30 8.16 27.30 -12.20
CA TYR B 30 7.46 27.04 -10.96
C TYR B 30 7.27 25.52 -10.79
N GLN B 31 7.70 24.99 -9.67
CA GLN B 31 7.57 23.58 -9.38
C GLN B 31 6.30 23.41 -8.56
N VAL B 32 5.25 22.89 -9.18
CA VAL B 32 3.95 22.72 -8.53
C VAL B 32 3.95 21.63 -7.48
N PRO B 33 2.93 21.60 -6.62
CA PRO B 33 2.96 20.54 -5.62
C PRO B 33 3.07 19.12 -6.20
N HIS B 34 4.00 18.33 -5.64
CA HIS B 34 4.14 16.94 -5.98
C HIS B 34 4.70 16.15 -4.81
N CYS B 35 4.11 14.97 -4.62
CA CYS B 35 4.51 13.92 -3.65
C CYS B 35 5.91 13.34 -3.89
N ASN B 36 6.41 12.54 -2.95
CA ASN B 36 7.78 12.06 -3.08
C ASN B 36 8.11 10.78 -2.32
N GLY B 37 7.14 10.24 -1.58
CA GLY B 37 7.37 9.07 -0.73
C GLY B 37 8.31 9.24 0.46
N MET B 38 8.63 10.48 0.83
CA MET B 38 9.46 10.79 2.00
C MET B 38 8.70 11.83 2.82
N GLY B 39 7.42 11.56 3.07
CA GLY B 39 6.53 12.57 3.69
C GLY B 39 6.97 12.91 5.09
N TYR B 40 6.10 12.65 6.07
CA TYR B 40 6.43 12.81 7.49
C TYR B 40 7.52 11.84 7.99
N ARG B 41 7.87 10.87 7.15
CA ARG B 41 8.75 9.78 7.49
C ARG B 41 10.22 10.13 7.32
N ASP B 42 10.54 10.84 6.22
CA ASP B 42 11.91 11.17 5.84
C ASP B 42 12.05 12.67 5.47
N PRO B 43 11.88 13.56 6.48
CA PRO B 43 11.89 15.03 6.29
C PRO B 43 13.19 15.58 5.75
N SER B 44 14.31 15.04 6.20
CA SER B 44 15.59 15.53 5.70
C SER B 44 15.80 15.22 4.22
N ALA B 45 15.32 14.07 3.76
CA ALA B 45 15.52 13.66 2.37
C ALA B 45 14.81 14.65 1.48
N GLN B 46 13.63 15.03 1.90
CA GLN B 46 12.87 15.94 1.14
C GLN B 46 13.50 17.32 1.12
N ALA B 47 14.01 17.77 2.27
CA ALA B 47 14.71 19.01 2.34
C ALA B 47 15.83 19.02 1.32
N SER B 48 16.71 18.04 1.30
CA SER B 48 17.80 18.08 0.34
C SER B 48 17.31 18.16 -1.10
N MET B 49 16.25 17.41 -1.39
CA MET B 49 15.67 17.36 -2.73
C MET B 49 15.06 18.73 -3.14
N ARG B 50 14.34 19.37 -2.23
CA ARG B 50 13.75 20.65 -2.56
C ARG B 50 14.79 21.79 -2.71
N LYS B 51 15.81 21.80 -1.87
CA LYS B 51 16.93 22.74 -2.02
C LYS B 51 17.63 22.64 -3.40
N ILE B 52 17.85 21.41 -3.88
CA ILE B 52 18.49 21.19 -5.16
C ILE B 52 17.63 21.78 -6.25
N LYS B 53 16.31 21.60 -6.12
CA LYS B 53 15.40 22.14 -7.12
C LYS B 53 15.46 23.64 -7.23
N ALA B 54 15.47 24.30 -6.07
CA ALA B 54 15.69 25.73 -5.94
C ALA B 54 17.02 26.13 -6.56
N GLU B 55 18.06 25.38 -6.24
CA GLU B 55 19.38 25.63 -6.83
C GLU B 55 19.40 25.41 -8.31
N GLY B 56 18.46 24.59 -8.79
CA GLY B 56 18.38 24.25 -10.22
C GLY B 56 17.72 25.35 -11.03
N GLY B 57 17.16 26.33 -10.32
CA GLY B 57 16.63 27.50 -10.99
C GLY B 57 15.12 27.56 -10.96
N TRP B 58 14.49 26.61 -10.26
CA TRP B 58 13.04 26.64 -10.05
C TRP B 58 12.76 27.72 -9.01
N SER B 59 12.05 28.78 -9.42
CA SER B 59 11.76 29.93 -8.55
C SER B 59 10.83 29.73 -7.35
N ALA B 60 9.81 28.90 -7.54
CA ALA B 60 8.97 28.50 -6.40
C ALA B 60 9.09 26.97 -6.33
N VAL B 61 9.35 26.43 -5.16
CA VAL B 61 9.42 24.98 -4.99
C VAL B 61 8.38 24.70 -3.94
N CYS B 62 7.55 23.68 -4.16
CA CYS B 62 6.42 23.38 -3.27
C CYS B 62 6.55 22.00 -2.66
N THR B 63 6.06 21.85 -1.44
CA THR B 63 5.92 20.56 -0.82
C THR B 63 4.76 19.81 -1.49
N GLU B 64 4.59 18.52 -1.16
CA GLU B 64 3.40 17.78 -1.53
C GLU B 64 2.29 18.24 -0.62
N GLN B 65 1.12 17.64 -0.80
CA GLN B 65 -0.01 17.99 0.02
C GLN B 65 0.29 17.68 1.47
N VAL B 66 -0.18 18.59 2.34
CA VAL B 66 0.05 18.50 3.78
C VAL B 66 -1.27 18.31 4.44
N GLU B 67 -1.48 17.18 5.12
CA GLU B 67 -2.71 16.97 5.82
C GLU B 67 -2.79 18.02 6.95
N ILE B 68 -3.93 18.71 7.08
CA ILE B 68 -4.01 19.80 8.07
C ILE B 68 -4.62 19.32 9.36
N HIS B 69 -5.02 18.05 9.40
CA HIS B 69 -5.86 17.54 10.51
C HIS B 69 -5.99 16.03 10.47
N ALA B 70 -6.22 15.40 11.61
CA ALA B 70 -6.34 13.93 11.66
C ALA B 70 -7.61 13.34 11.03
N THR B 71 -8.61 14.18 10.74
CA THR B 71 -9.73 13.75 9.94
C THR B 71 -9.33 13.72 8.45
N SER B 72 -8.10 14.11 8.14
CA SER B 72 -7.71 14.10 6.75
C SER B 72 -6.61 13.11 6.52
N ASP B 73 -6.74 11.93 7.12
CA ASP B 73 -5.68 10.93 7.08
C ASP B 73 -5.70 9.99 5.85
N ILE B 74 -4.73 10.14 4.96
CA ILE B 74 -4.76 9.37 3.76
C ILE B 74 -3.82 8.19 3.77
N ALA B 75 -3.37 7.75 4.93
CA ALA B 75 -2.67 6.45 5.06
C ALA B 75 -3.38 5.39 4.21
N PRO B 76 -2.62 4.51 3.53
CA PRO B 76 -1.17 4.25 3.68
C PRO B 76 -0.27 5.27 3.00
N PHE B 77 -0.86 6.13 2.19
CA PHE B 77 -0.06 7.14 1.54
C PHE B 77 0.65 7.92 2.60
N ILE B 78 1.87 8.31 2.30
CA ILE B 78 2.73 8.93 3.30
C ILE B 78 3.17 10.28 2.79
N GLU B 79 2.36 11.27 3.11
CA GLU B 79 2.59 12.63 2.70
C GLU B 79 3.11 13.39 3.90
N LEU B 80 3.06 14.70 3.85
CA LEU B 80 3.40 15.47 5.05
C LEU B 80 2.16 15.77 5.88
N ARG B 81 2.37 16.30 7.08
CA ARG B 81 1.27 16.65 7.97
C ARG B 81 1.50 18.01 8.63
N ILE B 82 0.43 18.63 9.09
CA ILE B 82 0.54 19.88 9.83
C ILE B 82 -0.59 19.90 10.83
N TRP B 83 -0.80 18.75 11.43
CA TRP B 83 -1.83 18.53 12.40
C TRP B 83 -1.66 19.45 13.60
N ASP B 84 -0.39 19.71 13.96
CA ASP B 84 -0.03 20.45 15.19
C ASP B 84 1.48 20.68 15.23
N ASP B 85 1.97 21.23 16.33
CA ASP B 85 3.32 21.79 16.36
C ASP B 85 4.46 20.80 16.30
N GLN B 86 4.16 19.52 16.46
CA GLN B 86 5.19 18.47 16.44
C GLN B 86 5.74 18.30 15.03
N ASP B 87 4.91 18.70 14.06
CA ASP B 87 5.21 18.66 12.61
C ASP B 87 6.06 19.86 12.14
N LEU B 88 6.23 20.85 13.02
CA LEU B 88 6.84 22.13 12.65
C LEU B 88 8.33 22.00 12.42
N PRO B 89 9.04 21.33 13.32
CA PRO B 89 10.46 21.15 13.07
C PRO B 89 10.71 20.62 11.66
N ALA B 90 9.94 19.62 11.26
CA ALA B 90 10.06 19.01 9.93
C ALA B 90 9.63 19.96 8.80
N LEU B 91 8.52 20.68 8.97
CA LEU B 91 8.15 21.60 7.93
C LEU B 91 9.11 22.78 7.85
N LYS B 92 9.63 23.18 9.00
CA LYS B 92 10.53 24.31 9.03
C LYS B 92 11.84 23.96 8.31
N ARG B 93 12.28 22.70 8.41
CA ARG B 93 13.51 22.31 7.76
C ARG B 93 13.35 22.31 6.25
N ILE B 94 12.19 21.85 5.76
CA ILE B 94 11.94 21.88 4.32
C ILE B 94 11.96 23.31 3.77
N ALA B 95 11.27 24.24 4.44
CA ALA B 95 11.29 25.63 3.94
C ALA B 95 12.66 26.32 4.03
N ASP B 96 13.41 26.04 5.09
CA ASP B 96 14.76 26.58 5.16
C ASP B 96 15.62 26.06 4.05
N ALA B 97 15.46 24.78 3.70
CA ALA B 97 16.25 24.21 2.62
C ALA B 97 16.04 24.89 1.26
N ILE B 98 14.78 25.21 0.95
CA ILE B 98 14.41 25.86 -0.29
C ILE B 98 15.02 27.26 -0.31
N HIS B 99 14.96 27.92 0.84
CA HIS B 99 15.50 29.28 0.93
C HIS B 99 16.99 29.34 0.70
N GLU B 100 17.70 28.44 1.38
CA GLU B 100 19.14 28.27 1.23
C GLU B 100 19.42 28.00 -0.23
N GLY B 101 18.43 27.46 -0.90
CA GLY B 101 18.56 27.10 -2.32
C GLY B 101 18.35 28.30 -3.21
N GLY B 102 17.72 29.33 -2.65
CA GLY B 102 17.49 30.60 -3.34
C GLY B 102 16.11 30.67 -3.95
N GLY B 103 15.15 29.92 -3.39
CA GLY B 103 13.82 29.88 -3.99
C GLY B 103 12.74 30.24 -3.01
N LEU B 104 11.54 30.44 -3.54
CA LEU B 104 10.34 30.59 -2.74
C LEU B 104 9.71 29.25 -2.42
N ALA B 105 9.26 29.10 -1.18
CA ALA B 105 8.75 27.83 -0.67
C ALA B 105 7.23 27.83 -0.62
N GLY B 106 6.60 26.86 -1.29
CA GLY B 106 5.16 26.70 -1.20
C GLY B 106 4.78 25.51 -0.36
N ILE B 107 3.60 25.59 0.23
CA ILE B 107 3.09 24.51 1.06
C ILE B 107 1.70 24.26 0.62
N GLU B 108 1.41 23.03 0.21
CA GLU B 108 0.08 22.67 -0.27
C GLU B 108 -0.81 22.14 0.85
N LEU B 109 -1.31 23.04 1.68
CA LEU B 109 -2.22 22.64 2.75
C LEU B 109 -3.50 22.05 2.15
N ALA B 110 -3.89 20.88 2.62
CA ALA B 110 -5.06 20.20 2.05
C ALA B 110 -5.82 19.30 3.00
N HIS B 111 -7.15 19.43 2.98
CA HIS B 111 -8.07 18.56 3.72
C HIS B 111 -8.80 17.66 2.76
N ASN B 112 -8.67 16.36 2.90
CA ASN B 112 -9.10 15.46 1.83
C ASN B 112 -10.58 15.15 1.84
N GLY B 113 -11.24 15.50 2.95
CA GLY B 113 -12.66 15.30 3.12
C GLY B 113 -12.95 13.86 2.87
N MET B 114 -13.96 13.60 2.04
CA MET B 114 -14.42 12.24 1.78
C MET B 114 -13.46 11.34 1.02
N ASN B 115 -12.32 11.89 0.61
CA ASN B 115 -11.26 11.10 0.02
C ASN B 115 -10.29 10.58 1.08
N ALA B 116 -10.56 10.88 2.35
CA ALA B 116 -9.64 10.49 3.39
C ALA B 116 -10.26 9.30 4.07
N PRO B 117 -9.72 8.10 3.86
CA PRO B 117 -10.35 6.98 4.54
C PRO B 117 -10.09 6.95 6.06
N ASN B 118 -9.15 7.73 6.56
CA ASN B 118 -8.84 7.72 7.97
C ASN B 118 -8.49 6.36 8.61
N GLN B 119 -7.65 5.57 7.98
CA GLN B 119 -7.45 4.19 8.46
C GLN B 119 -6.50 4.11 9.64
N LEU B 120 -5.72 5.15 9.82
CA LEU B 120 -4.77 5.24 10.89
C LEU B 120 -5.35 6.05 12.02
N SER B 121 -5.96 7.20 11.72
CA SER B 121 -6.60 8.04 12.73
C SER B 121 -7.89 7.43 13.31
N ARG B 122 -8.58 6.66 12.48
CA ARG B 122 -9.88 6.07 12.82
C ARG B 122 -10.96 7.09 13.09
N GLU B 123 -10.67 8.36 12.84
CA GLU B 123 -11.64 9.42 12.85
C GLU B 123 -12.68 9.29 11.72
N THR B 124 -13.83 9.92 11.89
CA THR B 124 -14.87 9.98 10.86
C THR B 124 -14.50 10.90 9.69
N PRO B 125 -14.49 10.35 8.47
CA PRO B 125 -14.24 11.18 7.31
C PRO B 125 -15.38 12.15 7.16
N LEU B 126 -15.07 13.35 6.64
CA LEU B 126 -16.05 14.39 6.45
C LEU B 126 -16.23 14.83 4.98
N GLY B 127 -17.46 14.93 4.49
CA GLY B 127 -17.74 15.36 3.10
C GLY B 127 -19.06 16.09 2.90
N PRO B 128 -19.36 16.52 1.67
CA PRO B 128 -20.62 17.25 1.46
C PRO B 128 -21.89 16.38 1.70
N GLY B 129 -21.77 15.05 1.62
CA GLY B 129 -22.91 14.17 1.90
C GLY B 129 -22.51 12.84 2.48
N HIS B 130 -23.50 12.00 2.80
CA HIS B 130 -23.25 10.62 3.26
C HIS B 130 -22.88 9.69 2.10
N LEU B 131 -21.60 9.45 1.87
CA LEU B 131 -21.14 8.58 0.78
C LEU B 131 -19.93 7.77 1.18
N PRO B 132 -19.68 6.66 0.45
CA PRO B 132 -18.41 5.95 0.62
C PRO B 132 -17.25 6.84 0.26
N VAL B 133 -16.12 6.71 0.93
CA VAL B 133 -14.94 7.48 0.55
C VAL B 133 -14.57 7.28 -0.92
N ALA B 134 -14.28 8.37 -1.59
CA ALA B 134 -14.07 8.38 -3.03
C ALA B 134 -13.31 9.66 -3.34
N PRO B 135 -12.65 9.72 -4.53
CA PRO B 135 -12.47 8.63 -5.53
C PRO B 135 -11.25 7.75 -5.23
N ASP B 136 -10.98 6.80 -6.12
CA ASP B 136 -9.80 5.92 -6.05
C ASP B 136 -9.40 5.41 -4.65
N THR B 137 -10.38 4.82 -3.98
CA THR B 137 -10.16 4.03 -2.81
C THR B 137 -11.42 3.16 -2.79
N ILE B 138 -11.32 1.95 -2.22
CA ILE B 138 -12.48 1.08 -2.01
C ILE B 138 -12.54 0.67 -0.52
N ALA B 139 -12.02 1.54 0.33
CA ALA B 139 -12.05 1.34 1.74
C ALA B 139 -13.48 1.26 2.25
N PRO B 140 -13.77 0.26 3.10
CA PRO B 140 -15.12 0.10 3.61
C PRO B 140 -15.39 1.14 4.68
N ILE B 141 -15.64 2.36 4.26
CA ILE B 141 -15.91 3.43 5.20
C ILE B 141 -16.60 4.53 4.43
N GLN B 142 -17.55 5.18 5.10
CA GLN B 142 -18.36 6.21 4.47
C GLN B 142 -18.05 7.50 5.18
N ALA B 143 -18.22 8.60 4.45
CA ALA B 143 -18.05 9.94 4.95
C ALA B 143 -19.38 10.45 5.51
N ARG B 144 -19.29 11.11 6.65
CA ARG B 144 -20.38 11.81 7.31
C ARG B 144 -20.65 13.13 6.55
N ALA B 145 -21.93 13.45 6.34
CA ALA B 145 -22.34 14.74 5.77
C ALA B 145 -22.12 15.88 6.77
N MET B 146 -21.31 16.85 6.37
CA MET B 146 -20.96 17.94 7.27
C MET B 146 -22.20 18.79 7.57
N THR B 147 -22.27 19.29 8.80
CA THR B 147 -23.19 20.38 9.17
C THR B 147 -22.46 21.72 9.05
N LYS B 148 -23.20 22.82 9.18
CA LYS B 148 -22.57 24.14 9.21
C LYS B 148 -21.52 24.20 10.28
N GLN B 149 -21.72 23.49 11.39
CA GLN B 149 -20.77 23.51 12.49
C GLN B 149 -19.47 22.77 12.15
N ASP B 150 -19.59 21.69 11.40
CA ASP B 150 -18.42 21.01 10.85
C ASP B 150 -17.62 21.86 9.85
N ILE B 151 -18.33 22.66 9.04
CA ILE B 151 -17.68 23.61 8.13
C ILE B 151 -16.98 24.73 8.90
N ASP B 152 -17.61 25.28 9.93
CA ASP B 152 -16.83 26.18 10.79
C ASP B 152 -15.61 25.49 11.42
N ASP B 153 -15.77 24.26 11.93
CA ASP B 153 -14.61 23.54 12.44
C ASP B 153 -13.49 23.42 11.37
N LEU B 154 -13.87 23.07 10.14
CA LEU B 154 -12.90 22.84 9.07
C LEU B 154 -12.13 24.15 8.78
N ARG B 155 -12.90 25.24 8.70
CA ARG B 155 -12.37 26.56 8.44
C ARG B 155 -11.36 26.93 9.48
N ARG B 156 -11.70 26.64 10.74
CA ARG B 156 -10.79 26.85 11.84
C ARG B 156 -9.54 25.99 11.75
N TRP B 157 -9.66 24.72 11.32
CA TRP B 157 -8.47 23.88 11.21
C TRP B 157 -7.50 24.37 10.13
N HIS B 158 -8.08 24.98 9.10
CA HIS B 158 -7.33 25.48 7.99
C HIS B 158 -6.59 26.80 8.35
N ARG B 159 -7.32 27.68 9.02
CA ARG B 159 -6.75 28.85 9.68
C ARG B 159 -5.54 28.45 10.55
N ASN B 160 -5.70 27.48 11.45
CA ASN B 160 -4.57 27.01 12.28
C ASN B 160 -3.38 26.59 11.47
N ALA B 161 -3.62 25.80 10.42
CA ALA B 161 -2.56 25.38 9.52
C ALA B 161 -1.87 26.52 8.80
N VAL B 162 -2.61 27.56 8.44
CA VAL B 162 -2.03 28.70 7.75
C VAL B 162 -1.10 29.40 8.72
N ARG B 163 -1.55 29.62 9.96
CA ARG B 163 -0.68 30.17 11.00
C ARG B 163 0.59 29.42 10.99
N ARG B 164 0.50 28.10 11.15
CA ARG B 164 1.69 27.28 11.33
C ARG B 164 2.57 27.31 10.08
N SER B 165 1.96 27.50 8.91
CA SER B 165 2.72 27.59 7.68
C SER B 165 3.57 28.83 7.71
N ILE B 166 3.05 29.89 8.28
CA ILE B 166 3.79 31.11 8.31
C ILE B 166 4.89 31.01 9.36
N GLU B 167 4.57 30.37 10.49
CA GLU B 167 5.62 30.07 11.46
C GLU B 167 6.77 29.27 10.85
N ALA B 168 6.45 28.28 10.00
CA ALA B 168 7.49 27.40 9.48
C ALA B 168 8.33 28.14 8.43
N GLY B 169 7.82 29.28 7.98
CA GLY B 169 8.54 30.18 7.07
C GLY B 169 8.22 30.04 5.59
N TYR B 170 7.01 29.64 5.25
CA TYR B 170 6.65 29.44 3.88
C TYR B 170 6.22 30.73 3.22
N ASP B 171 6.51 30.87 1.92
CA ASP B 171 6.21 32.07 1.21
C ASP B 171 4.82 32.07 0.53
N ILE B 172 4.40 30.88 0.09
CA ILE B 172 3.16 30.70 -0.65
C ILE B 172 2.37 29.60 0.05
N VAL B 173 1.10 29.83 0.29
CA VAL B 173 0.30 28.90 1.07
C VAL B 173 -0.95 28.64 0.23
N TYR B 174 -1.24 27.36 -0.01
CA TYR B 174 -2.32 26.98 -0.93
C TYR B 174 -3.62 26.76 -0.23
N VAL B 175 -4.69 27.19 -0.85
CA VAL B 175 -5.96 26.55 -0.66
C VAL B 175 -6.05 25.54 -1.80
N TYR B 176 -6.13 24.28 -1.42
CA TYR B 176 -6.08 23.18 -2.36
C TYR B 176 -7.45 22.61 -2.73
N GLY B 177 -7.78 22.66 -4.03
CA GLY B 177 -9.09 22.21 -4.53
C GLY B 177 -9.02 21.42 -5.83
N ALA B 178 -8.06 20.51 -5.93
CA ALA B 178 -7.84 19.86 -7.22
C ALA B 178 -7.84 18.33 -7.10
N HIS B 179 -7.78 17.62 -8.23
CA HIS B 179 -7.53 16.15 -8.27
C HIS B 179 -8.63 15.31 -7.66
N GLY B 180 -9.76 15.90 -7.39
CA GLY B 180 -10.78 15.25 -6.61
C GLY B 180 -10.22 14.75 -5.30
N TYR B 181 -9.12 15.33 -4.82
CA TYR B 181 -8.58 14.91 -3.54
C TYR B 181 -8.81 15.87 -2.38
N SER B 182 -9.76 16.79 -2.51
CA SER B 182 -10.04 17.69 -1.37
C SER B 182 -11.47 18.03 -1.25
N GLY B 183 -11.81 18.42 -0.03
CA GLY B 183 -13.16 18.73 0.35
C GLY B 183 -13.65 19.87 -0.50
N VAL B 184 -12.72 20.75 -0.87
CA VAL B 184 -13.08 21.91 -1.71
C VAL B 184 -13.60 21.42 -3.05
N HIS B 185 -12.88 20.51 -3.69
CA HIS B 185 -13.34 19.94 -4.93
C HIS B 185 -14.68 19.16 -4.76
N HIS B 186 -14.85 18.41 -3.69
CA HIS B 186 -16.12 17.72 -3.51
C HIS B 186 -17.28 18.67 -3.27
N PHE B 187 -17.00 19.77 -2.63
CA PHE B 187 -18.07 20.74 -2.52
C PHE B 187 -18.37 21.40 -3.83
N LEU B 188 -17.38 21.53 -4.67
CA LEU B 188 -17.54 22.28 -5.86
C LEU B 188 -18.24 21.49 -6.97
N SER B 189 -18.02 20.17 -6.97
CA SER B 189 -18.47 19.26 -8.04
C SER B 189 -19.86 18.69 -7.78
N LYS B 190 -20.68 18.65 -8.82
CA LYS B 190 -22.07 18.23 -8.68
C LYS B 190 -22.13 16.74 -8.51
N ARG B 191 -21.02 16.08 -8.79
CA ARG B 191 -20.91 14.68 -8.63
C ARG B 191 -20.94 14.32 -7.14
N TYR B 192 -20.36 15.18 -6.29
CA TYR B 192 -20.27 14.86 -4.88
C TYR B 192 -21.17 15.73 -3.99
N ASN B 193 -21.52 16.92 -4.45
CA ASN B 193 -22.33 17.86 -3.69
C ASN B 193 -23.80 17.83 -4.14
N GLN B 194 -24.66 17.24 -3.31
CA GLN B 194 -26.09 17.18 -3.61
C GLN B 194 -26.89 17.92 -2.54
N ARG B 195 -26.23 18.93 -1.98
CA ARG B 195 -26.71 19.64 -0.83
C ARG B 195 -27.77 20.66 -1.21
N THR B 196 -28.56 21.02 -0.21
CA THR B 196 -29.65 21.95 -0.41
C THR B 196 -29.60 23.16 0.53
N ASP B 197 -28.63 23.19 1.44
CA ASP B 197 -28.41 24.31 2.31
C ASP B 197 -27.52 25.32 1.56
N GLU B 198 -26.92 26.29 2.23
CA GLU B 198 -26.15 27.30 1.51
C GLU B 198 -24.84 26.77 0.82
N TYR B 199 -24.51 25.50 1.04
CA TYR B 199 -23.35 24.96 0.38
C TYR B 199 -23.64 24.08 -0.84
N GLY B 200 -24.85 24.12 -1.34
CA GLY B 200 -25.16 23.41 -2.57
C GLY B 200 -26.27 24.07 -3.34
N GLY B 201 -26.60 23.48 -4.50
CA GLY B 201 -27.62 24.01 -5.40
C GLY B 201 -26.84 24.81 -6.44
N SER B 202 -27.01 26.13 -6.42
CA SER B 202 -26.32 27.00 -7.36
C SER B 202 -24.80 26.90 -7.29
N LEU B 203 -24.16 27.27 -8.40
CA LEU B 203 -22.70 27.40 -8.48
C LEU B 203 -22.18 28.40 -7.47
N GLU B 204 -22.91 29.49 -7.23
CA GLU B 204 -22.57 30.45 -6.16
C GLU B 204 -22.44 29.70 -4.83
N ASN B 205 -23.36 28.78 -4.58
CA ASN B 205 -23.32 28.01 -3.34
C ASN B 205 -22.20 26.99 -3.23
N ARG B 206 -21.88 26.29 -4.32
CA ARG B 206 -20.92 25.18 -4.24
C ARG B 206 -19.52 25.71 -4.16
N MET B 207 -19.38 26.92 -4.67
CA MET B 207 -18.15 27.69 -4.63
C MET B 207 -17.94 28.35 -3.24
N ARG B 208 -18.94 28.32 -2.37
CA ARG B 208 -18.89 29.06 -1.11
C ARG B 208 -17.80 28.61 -0.13
N LEU B 209 -17.58 27.31 0.02
CA LEU B 209 -16.49 26.84 0.86
C LEU B 209 -15.18 27.40 0.38
N LEU B 210 -14.91 27.29 -0.93
CA LEU B 210 -13.70 27.83 -1.53
C LEU B 210 -13.53 29.32 -1.24
N ARG B 211 -14.62 30.09 -1.39
CA ARG B 211 -14.64 31.54 -1.11
C ARG B 211 -14.22 31.73 0.33
N GLU B 212 -14.83 30.94 1.21
CA GLU B 212 -14.58 31.07 2.62
C GLU B 212 -13.17 30.68 3.06
N LEU B 213 -12.57 29.69 2.43
CA LEU B 213 -11.22 29.29 2.79
C LEU B 213 -10.25 30.30 2.17
N LEU B 214 -10.58 30.80 0.99
CA LEU B 214 -9.75 31.83 0.38
C LEU B 214 -9.68 33.05 1.29
N GLU B 215 -10.83 33.57 1.73
CA GLU B 215 -10.86 34.81 2.49
C GLU B 215 -10.15 34.70 3.83
N ASP B 216 -10.37 33.57 4.49
CA ASP B 216 -9.74 33.25 5.77
C ASP B 216 -8.23 33.13 5.65
N THR B 217 -7.76 32.48 4.60
CA THR B 217 -6.33 32.30 4.36
C THR B 217 -5.68 33.66 4.13
N LEU B 218 -6.33 34.51 3.34
CA LEU B 218 -5.85 35.86 3.08
C LEU B 218 -5.79 36.73 4.34
N ASP B 219 -6.77 36.57 5.22
CA ASP B 219 -6.85 37.39 6.41
C ASP B 219 -5.70 37.00 7.33
N GLU B 220 -5.60 35.70 7.60
CA GLU B 220 -4.51 35.07 8.38
C GLU B 220 -3.10 35.37 7.87
N CYS B 221 -2.89 35.21 6.57
CA CYS B 221 -1.65 35.67 5.94
C CYS B 221 -1.37 37.14 6.27
N ALA B 222 -2.18 38.07 5.75
CA ALA B 222 -2.02 39.52 6.00
C ALA B 222 -0.68 40.02 5.55
N GLY B 223 -0.43 39.94 4.25
CA GLY B 223 0.82 40.42 3.69
C GLY B 223 2.12 39.72 4.09
N ARG B 224 2.00 38.52 4.68
CA ARG B 224 3.15 37.74 5.15
C ARG B 224 3.51 36.60 4.20
N ALA B 225 2.51 36.12 3.48
CA ALA B 225 2.69 35.04 2.57
C ALA B 225 1.72 35.30 1.44
N ALA B 226 2.01 34.75 0.26
CA ALA B 226 1.07 34.81 -0.83
C ALA B 226 0.10 33.63 -0.70
N VAL B 227 -1.08 33.79 -1.29
CA VAL B 227 -2.09 32.77 -1.20
C VAL B 227 -2.33 32.23 -2.59
N ALA B 228 -2.16 30.92 -2.71
CA ALA B 228 -2.30 30.28 -4.00
C ALA B 228 -3.53 29.44 -3.95
N CYS B 229 -4.16 29.32 -5.11
CA CYS B 229 -5.29 28.45 -5.23
C CYS B 229 -5.08 27.44 -6.32
N ARG B 230 -5.02 26.17 -5.93
CA ARG B 230 -4.92 25.10 -6.91
C ARG B 230 -6.28 24.47 -7.17
N ILE B 231 -6.79 24.67 -8.37
CA ILE B 231 -8.15 24.30 -8.64
C ILE B 231 -8.32 23.38 -9.86
N THR B 232 -9.29 22.47 -9.75
CA THR B 232 -9.68 21.58 -10.85
C THR B 232 -10.27 22.45 -11.92
N VAL B 233 -9.73 22.39 -13.13
CA VAL B 233 -10.38 23.06 -14.22
C VAL B 233 -11.29 22.14 -15.08
N GLU B 234 -10.99 20.84 -15.14
CA GLU B 234 -11.86 19.87 -15.81
C GLU B 234 -11.71 18.51 -15.17
N GLU B 235 -12.83 17.92 -14.78
CA GLU B 235 -12.85 16.70 -14.03
C GLU B 235 -12.95 15.49 -14.97
N GLU B 236 -13.34 15.71 -16.22
CA GLU B 236 -13.38 14.62 -17.22
C GLU B 236 -14.47 13.54 -16.95
N ILE B 237 -15.51 13.89 -16.20
CA ILE B 237 -16.64 12.97 -15.89
C ILE B 237 -17.98 13.69 -15.95
N ASP B 238 -19.04 12.89 -16.06
CA ASP B 238 -20.38 13.34 -16.45
C ASP B 238 -20.92 14.61 -15.76
N GLY B 239 -21.27 14.54 -14.48
CA GLY B 239 -21.76 15.73 -13.79
C GLY B 239 -20.67 16.54 -13.09
N GLY B 240 -19.41 16.23 -13.38
CA GLY B 240 -18.30 16.86 -12.69
C GLY B 240 -18.06 18.32 -13.09
N ILE B 241 -16.96 18.86 -12.60
CA ILE B 241 -16.59 20.22 -12.85
C ILE B 241 -16.17 20.34 -14.31
N THR B 242 -16.62 21.43 -14.93
CA THR B 242 -16.44 21.65 -16.35
C THR B 242 -16.03 23.12 -16.64
N ARG B 243 -16.04 23.50 -17.92
CA ARG B 243 -15.67 24.83 -18.35
C ARG B 243 -16.59 25.92 -17.73
N GLU B 244 -17.91 25.74 -17.80
CA GLU B 244 -18.79 26.75 -17.18
C GLU B 244 -18.55 26.91 -15.67
N ASP B 245 -18.29 25.81 -14.96
CA ASP B 245 -18.03 25.87 -13.53
C ASP B 245 -16.79 26.72 -13.15
N ILE B 246 -15.62 26.37 -13.69
CA ILE B 246 -14.39 27.10 -13.39
C ILE B 246 -14.47 28.59 -13.84
N GLU B 247 -15.05 28.83 -15.00
CA GLU B 247 -15.24 30.22 -15.46
C GLU B 247 -16.04 31.06 -14.49
N GLY B 248 -17.12 30.52 -13.95
CA GLY B 248 -17.91 31.21 -12.97
C GLY B 248 -17.13 31.41 -11.68
N VAL B 249 -16.36 30.39 -11.29
CA VAL B 249 -15.48 30.52 -10.12
C VAL B 249 -14.55 31.69 -10.35
N LEU B 250 -13.94 31.74 -11.52
CA LEU B 250 -13.09 32.88 -11.84
C LEU B 250 -13.79 34.24 -11.98
N ARG B 251 -15.03 34.32 -12.49
CA ARG B 251 -15.71 35.62 -12.57
C ARG B 251 -15.86 36.20 -11.18
N GLU B 252 -16.25 35.36 -10.24
CA GLU B 252 -16.62 35.79 -8.92
C GLU B 252 -15.42 35.89 -7.99
N LEU B 253 -14.46 35.02 -8.18
CA LEU B 253 -13.45 34.81 -7.17
C LEU B 253 -12.06 35.09 -7.71
N GLY B 254 -11.94 35.39 -8.99
CA GLY B 254 -10.63 35.53 -9.61
C GLY B 254 -9.66 36.50 -8.97
N GLU B 255 -10.17 37.45 -8.22
CA GLU B 255 -9.33 38.51 -7.73
C GLU B 255 -8.97 38.26 -6.29
N LEU B 256 -9.42 37.15 -5.73
CA LEU B 256 -9.09 36.82 -4.33
C LEU B 256 -7.65 36.34 -4.08
N PRO B 257 -7.22 35.25 -4.73
CA PRO B 257 -5.95 34.69 -4.31
C PRO B 257 -4.83 35.51 -4.88
N ASP B 258 -3.61 35.18 -4.54
CA ASP B 258 -2.50 35.85 -5.15
C ASP B 258 -2.11 35.18 -6.43
N LEU B 259 -2.35 33.88 -6.52
CA LEU B 259 -1.94 33.09 -7.67
C LEU B 259 -2.97 32.02 -7.93
N TRP B 260 -3.31 31.79 -9.19
CA TRP B 260 -4.13 30.65 -9.57
C TRP B 260 -3.25 29.57 -10.19
N ASP B 261 -3.42 28.35 -9.69
CA ASP B 261 -2.67 27.20 -10.17
C ASP B 261 -3.69 26.29 -10.82
N PHE B 262 -3.63 26.11 -12.14
CA PHE B 262 -4.61 25.27 -12.86
C PHE B 262 -4.19 23.83 -13.11
N ALA B 263 -5.02 22.89 -12.66
CA ALA B 263 -4.74 21.44 -12.77
C ALA B 263 -6.02 20.59 -13.00
N MET B 264 -5.86 19.30 -13.32
CA MET B 264 -7.00 18.41 -13.63
C MET B 264 -7.79 17.94 -12.39
N GLY B 265 -8.86 17.19 -12.64
CA GLY B 265 -9.86 16.80 -11.63
C GLY B 265 -9.74 15.38 -11.12
N SER B 266 -8.64 14.74 -11.48
CA SER B 266 -8.36 13.38 -11.02
C SER B 266 -6.90 13.27 -11.29
N TRP B 267 -6.23 12.45 -10.51
CA TRP B 267 -4.81 12.25 -10.69
C TRP B 267 -4.50 11.35 -11.89
N GLU B 268 -5.37 10.36 -12.20
CA GLU B 268 -5.25 9.61 -13.49
C GLU B 268 -5.27 10.60 -14.66
N GLY B 269 -6.21 11.56 -14.62
CA GLY B 269 -6.30 12.62 -15.63
C GLY B 269 -5.10 13.55 -15.71
N ASP B 270 -4.59 13.97 -14.55
CA ASP B 270 -3.48 14.93 -14.40
C ASP B 270 -2.08 14.39 -14.80
N SER B 271 -1.61 13.30 -14.20
CA SER B 271 -0.29 12.72 -14.55
C SER B 271 -0.32 11.66 -15.64
N VAL B 272 -0.69 12.03 -16.85
CA VAL B 272 -0.90 11.01 -17.85
C VAL B 272 0.42 10.61 -18.43
N THR B 273 0.59 9.32 -18.51
CA THR B 273 1.75 8.74 -19.13
C THR B 273 1.96 9.23 -20.59
N SER B 274 3.22 9.26 -21.03
CA SER B 274 3.49 9.72 -22.41
C SER B 274 3.04 8.67 -23.43
N ARG B 275 2.97 7.42 -22.98
CA ARG B 275 2.33 6.32 -23.69
C ARG B 275 0.87 6.61 -24.15
N PHE B 276 0.23 7.54 -23.45
CA PHE B 276 -1.19 7.84 -23.61
C PHE B 276 -1.53 9.29 -23.96
N ALA B 277 -0.55 10.17 -23.82
CA ALA B 277 -0.84 11.59 -24.04
C ALA B 277 0.41 12.33 -24.42
N PRO B 278 0.28 13.16 -25.44
CA PRO B 278 1.34 14.09 -25.85
C PRO B 278 1.58 15.15 -24.77
N GLU B 279 2.67 15.90 -24.95
CA GLU B 279 3.03 17.10 -24.15
C GLU B 279 1.99 18.23 -24.31
N GLY B 280 1.71 18.97 -23.24
CA GLY B 280 0.83 20.15 -23.30
C GLY B 280 -0.64 19.84 -23.44
N ARG B 281 -1.02 18.68 -22.93
CA ARG B 281 -2.36 18.13 -23.11
C ARG B 281 -3.45 19.00 -22.45
N GLN B 282 -3.06 19.69 -21.37
CA GLN B 282 -3.97 20.47 -20.56
C GLN B 282 -4.34 21.86 -21.11
N GLU B 283 -3.90 22.18 -22.32
CA GLU B 283 -4.25 23.45 -22.93
C GLU B 283 -5.72 23.56 -23.39
N GLU B 284 -6.28 22.51 -24.01
CA GLU B 284 -7.68 22.54 -24.41
C GLU B 284 -8.51 22.95 -23.18
N PHE B 285 -7.95 22.84 -21.99
CA PHE B 285 -8.72 23.08 -20.77
C PHE B 285 -8.46 24.41 -20.04
N VAL B 286 -7.27 24.99 -20.18
CA VAL B 286 -6.94 26.27 -19.49
C VAL B 286 -7.01 27.52 -20.38
N ALA B 287 -7.17 27.30 -21.67
CA ALA B 287 -7.21 28.41 -22.58
C ALA B 287 -8.43 29.24 -22.22
N GLY B 288 -8.25 30.55 -22.12
CA GLY B 288 -9.33 31.51 -21.97
C GLY B 288 -9.56 31.94 -20.55
N LEU B 289 -8.98 31.20 -19.61
CA LEU B 289 -9.19 31.51 -18.20
C LEU B 289 -8.31 32.64 -17.70
N LYS B 290 -7.10 32.74 -18.25
CA LYS B 290 -6.20 33.81 -17.86
C LYS B 290 -6.80 35.21 -18.00
N LYS B 291 -7.59 35.45 -19.05
CA LYS B 291 -8.31 36.75 -19.24
C LYS B 291 -9.35 37.08 -18.19
N LEU B 292 -9.63 36.18 -17.28
CA LEU B 292 -10.69 36.44 -16.32
C LEU B 292 -10.14 36.80 -14.97
N THR B 293 -8.82 36.90 -14.88
CA THR B 293 -8.16 37.25 -13.63
C THR B 293 -6.98 38.16 -13.95
N THR B 294 -6.64 39.05 -13.02
CA THR B 294 -5.41 39.81 -13.20
C THR B 294 -4.24 39.09 -12.54
N LYS B 295 -4.50 38.09 -11.69
CA LYS B 295 -3.43 37.41 -10.95
C LYS B 295 -2.55 36.51 -11.83
N PRO B 296 -1.30 36.23 -11.41
CA PRO B 296 -0.51 35.25 -12.17
C PRO B 296 -1.18 33.90 -12.16
N VAL B 297 -0.88 33.11 -13.20
CA VAL B 297 -1.52 31.82 -13.45
C VAL B 297 -0.45 30.82 -13.77
N VAL B 298 -0.41 29.68 -13.07
CA VAL B 298 0.53 28.57 -13.36
C VAL B 298 -0.22 27.40 -13.96
N GLY B 299 0.48 26.63 -14.81
CA GLY B 299 -0.07 25.47 -15.45
C GLY B 299 0.96 24.42 -15.81
N VAL B 300 0.48 23.17 -15.97
CA VAL B 300 1.36 22.05 -16.27
C VAL B 300 1.04 21.41 -17.60
N GLY B 301 2.01 20.76 -18.21
CA GLY B 301 1.67 20.03 -19.42
C GLY B 301 2.67 18.98 -19.75
N ARG B 302 3.32 18.42 -18.74
CA ARG B 302 4.53 17.64 -18.91
C ARG B 302 5.54 18.43 -19.77
N PHE B 303 5.75 19.69 -19.43
CA PHE B 303 6.53 20.62 -20.24
C PHE B 303 8.00 20.26 -20.21
N THR B 304 8.51 19.77 -21.34
CA THR B 304 9.96 19.54 -21.52
C THR B 304 10.61 20.35 -22.66
N SER B 305 9.78 20.83 -23.61
CA SER B 305 10.25 21.57 -24.80
C SER B 305 10.28 23.08 -24.55
N PRO B 306 11.48 23.68 -24.60
CA PRO B 306 11.59 25.13 -24.30
C PRO B 306 10.77 25.99 -25.24
N ASP B 307 10.60 25.56 -26.49
CA ASP B 307 9.74 26.29 -27.44
C ASP B 307 8.26 26.30 -27.01
N ALA B 308 7.80 25.14 -26.57
CA ALA B 308 6.46 24.97 -26.06
C ALA B 308 6.21 25.95 -24.90
N MET B 309 7.23 26.17 -24.09
CA MET B 309 7.14 27.08 -22.96
C MET B 309 7.01 28.54 -23.42
N VAL B 310 7.78 28.91 -24.42
CA VAL B 310 7.75 30.27 -24.87
C VAL B 310 6.39 30.56 -25.48
N ARG B 311 5.79 29.53 -26.04
CA ARG B 311 4.48 29.66 -26.64
C ARG B 311 3.36 29.89 -25.60
N GLN B 312 3.34 29.07 -24.56
CA GLN B 312 2.42 29.26 -23.45
C GLN B 312 2.38 30.70 -22.95
N ILE B 313 3.57 31.28 -22.74
CA ILE B 313 3.64 32.64 -22.19
C ILE B 313 3.26 33.63 -23.25
N LYS B 314 3.81 33.46 -24.45
CA LYS B 314 3.60 34.45 -25.52
C LYS B 314 2.15 34.51 -26.01
N ALA B 315 1.46 33.38 -25.99
CA ALA B 315 0.05 33.36 -26.40
C ALA B 315 -0.95 33.76 -25.28
N GLY B 316 -0.45 34.16 -24.10
CA GLY B 316 -1.31 34.53 -22.98
C GLY B 316 -2.06 33.36 -22.33
N ILE B 317 -1.49 32.15 -22.44
CA ILE B 317 -2.06 31.01 -21.75
C ILE B 317 -1.67 30.96 -20.27
N LEU B 318 -0.37 31.05 -20.00
CA LEU B 318 0.15 30.99 -18.65
C LEU B 318 0.97 32.25 -18.36
N ASP B 319 1.30 32.48 -17.08
CA ASP B 319 2.34 33.42 -16.70
C ASP B 319 3.53 32.64 -16.19
N LEU B 320 3.27 31.49 -15.59
CA LEU B 320 4.35 30.69 -15.06
C LEU B 320 4.34 29.32 -15.68
N ILE B 321 5.53 28.77 -15.92
CA ILE B 321 5.63 27.45 -16.48
C ILE B 321 5.70 26.51 -15.30
N GLY B 322 4.62 25.79 -15.09
CA GLY B 322 4.52 24.83 -13.99
C GLY B 322 5.07 23.48 -14.36
N ALA B 323 5.70 22.81 -13.42
CA ALA B 323 6.20 21.49 -13.72
C ALA B 323 6.32 20.63 -12.47
N ALA B 324 5.76 19.43 -12.54
CA ALA B 324 6.14 18.41 -11.56
C ALA B 324 7.22 17.48 -12.11
N ARG B 325 6.84 16.52 -12.94
CA ARG B 325 7.78 15.52 -13.41
C ARG B 325 8.96 16.04 -14.23
N PRO B 326 8.74 17.03 -15.08
CA PRO B 326 9.94 17.56 -15.73
C PRO B 326 10.95 18.07 -14.70
N SER B 327 10.47 18.60 -13.60
CA SER B 327 11.39 19.09 -12.60
C SER B 327 12.05 17.94 -11.81
N ILE B 328 11.39 16.78 -11.74
CA ILE B 328 11.97 15.62 -11.09
C ILE B 328 13.02 15.00 -12.01
N ALA B 329 12.70 14.94 -13.31
CA ALA B 329 13.66 14.43 -14.28
C ALA B 329 14.88 15.35 -14.40
N ASP B 330 14.66 16.65 -14.29
CA ASP B 330 15.78 17.60 -14.36
C ASP B 330 15.65 18.81 -13.50
N PRO B 331 16.09 18.71 -12.24
CA PRO B 331 16.08 19.84 -11.33
C PRO B 331 16.76 21.07 -11.93
N PHE B 332 17.73 20.87 -12.78
CA PHE B 332 18.51 21.95 -13.31
C PHE B 332 18.01 22.42 -14.66
N LEU B 333 16.74 22.20 -14.97
CA LEU B 333 16.22 22.57 -16.30
C LEU B 333 16.21 24.10 -16.58
N PRO B 334 15.74 24.92 -15.62
CA PRO B 334 15.80 26.35 -15.85
C PRO B 334 17.22 26.88 -16.10
N ASN B 335 18.18 26.52 -15.28
CA ASN B 335 19.52 26.97 -15.50
C ASN B 335 20.07 26.55 -16.83
N LYS B 336 19.71 25.35 -17.29
CA LYS B 336 20.22 24.93 -18.58
C LYS B 336 19.72 25.82 -19.68
N ILE B 337 18.45 26.19 -19.60
CA ILE B 337 17.89 27.11 -20.60
C ILE B 337 18.52 28.51 -20.49
N ARG B 338 18.66 28.99 -19.26
CA ARG B 338 19.24 30.30 -19.03
C ARG B 338 20.61 30.39 -19.69
N ASP B 339 21.45 29.43 -19.32
CA ASP B 339 22.84 29.30 -19.78
C ASP B 339 22.97 28.85 -21.23
N GLY B 340 21.89 28.46 -21.87
CA GLY B 340 21.92 28.18 -23.29
C GLY B 340 22.36 26.78 -23.62
N ARG B 341 22.26 25.85 -22.65
CA ARG B 341 22.76 24.50 -22.84
C ARG B 341 21.58 23.56 -23.04
N LEU B 342 20.71 23.90 -23.98
CA LEU B 342 19.46 23.15 -24.19
C LEU B 342 19.66 21.67 -24.51
N ASN B 343 20.86 21.35 -25.00
CA ASN B 343 21.18 20.00 -25.47
C ASN B 343 21.46 19.08 -24.28
N LEU B 344 21.62 19.66 -23.08
CA LEU B 344 21.91 18.92 -21.85
C LEU B 344 20.67 18.68 -20.97
N ILE B 345 19.50 19.10 -21.44
CA ILE B 345 18.27 18.92 -20.64
C ILE B 345 17.90 17.45 -20.67
N ARG B 346 17.54 16.92 -19.50
CA ARG B 346 17.13 15.53 -19.33
C ARG B 346 15.59 15.52 -19.33
N GLU B 347 14.98 15.13 -20.45
CA GLU B 347 13.53 15.29 -20.58
C GLU B 347 12.77 14.15 -19.90
N CYS B 348 11.63 14.45 -19.25
CA CYS B 348 10.78 13.41 -18.66
C CYS B 348 10.45 12.48 -19.83
N ILE B 349 10.45 11.18 -19.59
CA ILE B 349 9.99 10.22 -20.61
C ILE B 349 8.50 9.86 -20.44
N GLY B 350 7.88 10.39 -19.39
CA GLY B 350 6.47 10.12 -19.13
C GLY B 350 6.21 8.66 -18.77
N CYS B 351 7.07 8.12 -17.91
CA CYS B 351 6.94 6.73 -17.47
C CYS B 351 6.05 6.62 -16.23
N ASN B 352 6.06 7.66 -15.41
CA ASN B 352 5.27 7.69 -14.19
C ASN B 352 5.87 6.82 -13.09
N ILE B 353 7.08 6.31 -13.34
CA ILE B 353 7.77 5.47 -12.37
C ILE B 353 7.85 6.17 -11.04
N CYS B 354 7.87 7.50 -11.08
CA CYS B 354 7.91 8.31 -9.87
C CYS B 354 6.63 8.11 -9.06
N VAL B 355 5.49 8.33 -9.71
CA VAL B 355 4.20 8.12 -9.06
C VAL B 355 4.20 6.77 -8.35
N SER B 356 4.78 5.77 -9.00
CA SER B 356 4.90 4.45 -8.42
C SER B 356 5.57 4.46 -7.02
N GLY B 357 6.50 5.40 -6.79
CA GLY B 357 6.96 5.66 -5.45
C GLY B 357 5.86 6.10 -4.48
N ASP B 358 4.97 6.98 -4.90
CA ASP B 358 3.95 7.39 -3.98
C ASP B 358 2.98 6.27 -3.58
N LEU B 359 2.59 5.49 -4.58
CA LEU B 359 1.61 4.46 -4.45
C LEU B 359 2.14 3.20 -3.82
N THR B 360 3.47 3.12 -3.63
CA THR B 360 4.08 2.00 -2.90
C THR B 360 4.82 2.48 -1.64
N MET B 361 4.56 3.72 -1.25
CA MET B 361 5.09 4.36 -0.03
C MET B 361 6.62 4.26 0.08
N SER B 362 7.30 4.60 -1.02
CA SER B 362 8.75 4.53 -1.14
C SER B 362 9.27 5.81 -1.76
N PRO B 363 10.44 6.30 -1.30
CA PRO B 363 11.01 7.49 -1.98
C PRO B 363 11.04 7.27 -3.51
N ILE B 364 10.54 8.27 -4.22
CA ILE B 364 10.31 8.17 -5.63
C ILE B 364 11.65 8.04 -6.37
N ARG B 365 11.62 7.21 -7.42
CA ARG B 365 12.73 7.01 -8.32
C ARG B 365 12.33 7.71 -9.60
N CYS B 366 13.29 8.03 -10.46
CA CYS B 366 12.95 8.59 -11.73
C CYS B 366 13.75 7.76 -12.67
N THR B 367 13.18 7.38 -13.80
CA THR B 367 13.97 6.74 -14.82
C THR B 367 15.12 7.63 -15.27
N GLN B 368 14.87 8.91 -15.46
CA GLN B 368 15.93 9.76 -15.97
C GLN B 368 16.92 10.13 -14.87
N ASN B 369 16.45 10.44 -13.66
CA ASN B 369 17.30 11.01 -12.65
C ASN B 369 17.57 10.08 -11.47
N PRO B 370 18.67 9.32 -11.51
CA PRO B 370 18.87 8.40 -10.43
C PRO B 370 19.20 9.06 -9.09
N SER B 371 19.48 10.36 -9.06
CA SER B 371 19.75 10.98 -7.77
C SER B 371 18.50 11.39 -6.98
N MET B 372 17.35 11.44 -7.65
CA MET B 372 16.05 11.63 -6.97
C MET B 372 15.89 10.55 -5.91
N GLY B 373 15.78 10.97 -4.65
CA GLY B 373 15.74 10.06 -3.50
C GLY B 373 17.10 9.81 -2.82
N GLU B 374 18.18 10.32 -3.40
CA GLU B 374 19.51 9.97 -2.90
C GLU B 374 20.26 11.19 -2.47
N GLU B 375 19.66 12.34 -2.65
CA GLU B 375 20.38 13.58 -2.40
C GLU B 375 20.88 13.63 -0.95
N TRP B 376 19.97 13.48 0.00
CA TRP B 376 20.34 13.45 1.40
C TRP B 376 21.02 12.13 1.79
N ARG B 377 20.35 11.01 1.55
CA ARG B 377 20.83 9.77 2.14
C ARG B 377 22.13 9.25 1.55
N ARG B 378 22.54 9.70 0.35
CA ARG B 378 23.83 9.24 -0.20
C ARG B 378 24.70 10.36 -0.73
N GLY B 379 24.21 11.58 -0.67
CA GLY B 379 24.97 12.71 -1.19
C GLY B 379 24.97 12.87 -2.70
N TRP B 380 24.07 12.23 -3.44
CA TRP B 380 24.14 12.36 -4.88
C TRP B 380 23.56 13.69 -5.30
N HIS B 381 23.93 14.13 -6.48
CA HIS B 381 23.46 15.37 -7.03
C HIS B 381 23.00 15.07 -8.48
N PRO B 382 21.98 15.79 -8.97
CA PRO B 382 21.57 15.48 -10.32
C PRO B 382 22.62 15.91 -11.35
N GLU B 383 23.34 16.99 -11.08
CA GLU B 383 24.38 17.45 -12.03
C GLU B 383 25.80 17.16 -11.54
N ARG B 384 26.11 17.53 -10.31
CA ARG B 384 27.48 17.36 -9.79
C ARG B 384 27.82 15.92 -9.38
N ILE B 385 28.91 15.44 -9.89
CA ILE B 385 29.44 14.26 -9.31
C ILE B 385 30.79 14.71 -8.79
N ARG B 386 31.14 14.26 -7.60
CA ARG B 386 32.46 14.54 -7.05
C ARG B 386 33.54 14.03 -8.02
N ALA B 387 34.62 14.81 -8.12
CA ALA B 387 35.77 14.56 -9.01
C ALA B 387 36.46 13.21 -8.81
N LYS B 388 37.10 12.73 -9.86
CA LYS B 388 37.89 11.51 -9.80
C LYS B 388 38.90 11.50 -8.63
N GLU B 389 39.08 10.33 -8.03
CA GLU B 389 39.95 10.22 -6.88
C GLU B 389 41.22 9.50 -7.24
N SER B 390 41.34 9.12 -8.49
CA SER B 390 42.56 8.52 -9.01
C SER B 390 42.62 8.79 -10.53
N ASP B 391 43.68 8.32 -11.18
CA ASP B 391 43.87 8.53 -12.63
C ASP B 391 43.44 7.33 -13.44
N ALA B 392 42.51 6.58 -12.88
CA ALA B 392 42.16 5.28 -13.40
C ALA B 392 41.50 5.34 -14.78
N ARG B 393 41.68 4.25 -15.51
CA ARG B 393 41.06 4.01 -16.80
C ARG B 393 40.01 2.91 -16.62
N VAL B 394 38.77 3.17 -17.01
CA VAL B 394 37.66 2.25 -16.80
C VAL B 394 37.02 1.70 -18.06
N LEU B 395 36.84 0.39 -18.13
CA LEU B 395 36.12 -0.19 -19.24
C LEU B 395 34.67 -0.50 -18.86
N VAL B 396 33.75 -0.01 -19.68
CA VAL B 396 32.35 -0.29 -19.48
C VAL B 396 31.88 -0.99 -20.71
N VAL B 397 31.48 -2.25 -20.53
CA VAL B 397 31.00 -3.11 -21.59
C VAL B 397 29.46 -3.13 -21.62
N GLY B 398 28.88 -2.64 -22.71
CA GLY B 398 27.45 -2.58 -22.81
C GLY B 398 27.03 -1.12 -22.73
N ALA B 399 26.37 -0.63 -23.77
CA ALA B 399 25.87 0.74 -23.76
C ALA B 399 24.34 0.77 -23.62
N GLY B 400 23.78 -0.04 -22.72
CA GLY B 400 22.35 0.05 -22.41
C GLY B 400 22.13 1.15 -21.38
N PRO B 401 20.97 1.20 -20.76
CA PRO B 401 20.78 2.29 -19.78
C PRO B 401 21.85 2.27 -18.67
N SER B 402 22.12 1.08 -18.20
CA SER B 402 23.05 0.85 -17.13
C SER B 402 24.45 1.44 -17.37
N GLY B 403 25.06 0.94 -18.45
CA GLY B 403 26.41 1.23 -18.87
C GLY B 403 26.60 2.64 -19.37
N LEU B 404 25.55 3.16 -20.01
CA LEU B 404 25.50 4.55 -20.43
C LEU B 404 25.56 5.53 -19.27
N GLU B 405 24.87 5.23 -18.19
CA GLU B 405 24.86 6.15 -17.09
C GLU B 405 26.13 6.01 -16.29
N ALA B 406 26.64 4.78 -16.17
CA ALA B 406 27.95 4.59 -15.52
C ALA B 406 29.03 5.38 -16.25
N ALA B 407 29.03 5.33 -17.58
CA ALA B 407 30.06 5.96 -18.39
C ALA B 407 29.88 7.44 -18.26
N ARG B 408 28.64 7.89 -18.27
CA ARG B 408 28.40 9.31 -18.27
C ARG B 408 28.84 9.85 -16.92
N ALA B 409 28.51 9.13 -15.87
CA ALA B 409 28.84 9.55 -14.55
C ALA B 409 30.37 9.54 -14.30
N LEU B 410 31.03 8.45 -14.69
CA LEU B 410 32.49 8.37 -14.57
C LEU B 410 33.16 9.43 -15.43
N GLY B 411 32.58 9.65 -16.60
CA GLY B 411 33.03 10.68 -17.50
C GLY B 411 33.03 12.06 -16.88
N VAL B 412 31.96 12.41 -16.18
CA VAL B 412 31.83 13.72 -15.55
C VAL B 412 32.78 13.92 -14.36
N ARG B 413 33.30 12.82 -13.84
CA ARG B 413 34.18 12.87 -12.71
C ARG B 413 35.58 13.17 -13.22
N GLY B 414 35.82 12.80 -14.48
CA GLY B 414 37.07 13.10 -15.18
C GLY B 414 37.85 11.87 -15.53
N TYR B 415 37.34 10.70 -15.11
CA TYR B 415 37.99 9.44 -15.40
C TYR B 415 38.13 9.25 -16.89
N ASP B 416 39.15 8.45 -17.28
CA ASP B 416 39.28 7.96 -18.63
C ASP B 416 38.42 6.74 -18.77
N VAL B 417 37.56 6.73 -19.76
CA VAL B 417 36.54 5.72 -19.83
C VAL B 417 36.47 5.15 -21.23
N VAL B 418 36.29 3.85 -21.32
CA VAL B 418 36.05 3.24 -22.61
C VAL B 418 34.74 2.51 -22.52
N LEU B 419 33.85 2.86 -23.43
CA LEU B 419 32.55 2.25 -23.52
C LEU B 419 32.55 1.35 -24.76
N ALA B 420 32.48 0.05 -24.55
CA ALA B 420 32.42 -0.84 -25.67
C ALA B 420 30.98 -1.37 -25.81
N GLU B 421 30.47 -1.38 -27.03
CA GLU B 421 29.14 -1.84 -27.32
C GLU B 421 29.22 -2.82 -28.49
N ALA B 422 28.54 -3.94 -28.33
CA ALA B 422 28.49 -5.01 -29.32
C ALA B 422 27.76 -4.67 -30.62
N GLY B 423 26.73 -3.82 -30.55
CA GLY B 423 25.84 -3.62 -31.70
C GLY B 423 26.10 -2.34 -32.44
N ARG B 424 25.38 -2.13 -33.53
CA ARG B 424 25.47 -0.88 -34.27
C ARG B 424 24.98 0.27 -33.40
N ASP B 425 23.99 0.02 -32.54
CA ASP B 425 23.38 1.10 -31.76
C ASP B 425 23.82 1.18 -30.32
N LEU B 426 23.69 2.38 -29.77
CA LEU B 426 23.77 2.58 -28.34
C LEU B 426 22.35 2.48 -27.77
N GLY B 427 22.27 2.35 -26.45
CA GLY B 427 20.96 2.37 -25.79
C GLY B 427 20.32 1.06 -25.38
N GLY B 428 20.76 -0.06 -25.94
CA GLY B 428 20.35 -1.36 -25.44
C GLY B 428 18.84 -1.50 -25.40
N ARG B 429 18.31 -1.82 -24.23
CA ARG B 429 16.88 -2.02 -24.12
C ARG B 429 16.07 -0.72 -24.31
N VAL B 430 16.69 0.43 -24.05
CA VAL B 430 16.01 1.67 -24.29
C VAL B 430 15.64 1.80 -25.76
N THR B 431 16.60 1.56 -26.65
CA THR B 431 16.38 1.54 -28.09
C THR B 431 15.36 0.48 -28.58
N GLN B 432 15.53 -0.75 -28.11
CA GLN B 432 14.68 -1.82 -28.50
C GLN B 432 13.23 -1.55 -28.10
N GLU B 433 13.06 -1.11 -26.84
CA GLU B 433 11.75 -0.82 -26.22
C GLU B 433 11.14 0.49 -26.73
N SER B 434 11.89 1.51 -27.01
CA SER B 434 11.36 2.76 -27.53
C SER B 434 10.66 2.58 -28.83
N ALA B 435 11.13 1.60 -29.54
CA ALA B 435 10.53 1.34 -30.86
C ALA B 435 9.13 0.75 -30.77
N LEU B 436 8.75 0.34 -29.57
CA LEU B 436 7.46 -0.33 -29.34
C LEU B 436 6.34 0.69 -29.23
N PRO B 437 5.09 0.26 -29.48
CA PRO B 437 3.97 1.21 -29.62
C PRO B 437 3.66 2.01 -28.35
N GLY B 438 3.53 3.32 -28.50
CA GLY B 438 3.39 4.21 -27.34
C GLY B 438 4.64 4.46 -26.52
N LEU B 439 5.78 3.86 -26.90
CA LEU B 439 6.99 3.97 -26.06
C LEU B 439 8.14 4.84 -26.57
N SER B 440 7.88 5.60 -27.62
CA SER B 440 8.95 6.34 -28.31
C SER B 440 9.66 7.35 -27.44
N ALA B 441 8.92 7.96 -26.51
CA ALA B 441 9.49 8.97 -25.64
C ALA B 441 10.61 8.37 -24.78
N TRP B 442 10.57 7.07 -24.54
CA TRP B 442 11.59 6.47 -23.71
C TRP B 442 13.03 6.56 -24.25
N GLY B 443 13.18 6.81 -25.55
CA GLY B 443 14.49 7.06 -26.15
C GLY B 443 15.25 8.22 -25.50
N ARG B 444 14.52 9.13 -24.86
CA ARG B 444 15.09 10.30 -24.23
C ARG B 444 16.13 9.94 -23.15
N VAL B 445 15.99 8.73 -22.60
CA VAL B 445 16.95 8.18 -21.63
C VAL B 445 18.32 8.07 -22.26
N LYS B 446 18.34 7.69 -23.52
CA LYS B 446 19.57 7.46 -24.25
C LYS B 446 20.05 8.80 -24.84
N GLU B 447 19.18 9.59 -25.43
CA GLU B 447 19.58 10.89 -25.96
C GLU B 447 20.32 11.72 -24.94
N TYR B 448 19.77 11.81 -23.73
CA TYR B 448 20.42 12.59 -22.69
C TYR B 448 21.86 12.13 -22.49
N ARG B 449 22.09 10.85 -22.26
CA ARG B 449 23.41 10.38 -21.96
C ARG B 449 24.36 10.51 -23.17
N GLU B 450 23.84 10.29 -24.37
CA GLU B 450 24.63 10.60 -25.56
C GLU B 450 25.03 12.06 -25.66
N ALA B 451 24.12 12.97 -25.33
CA ALA B 451 24.37 14.41 -25.35
C ALA B 451 25.54 14.82 -24.47
N VAL B 452 25.60 14.25 -23.26
CA VAL B 452 26.66 14.61 -22.32
C VAL B 452 27.95 13.92 -22.72
N LEU B 453 27.84 12.74 -23.31
CA LEU B 453 29.04 11.99 -23.66
C LEU B 453 29.77 12.65 -24.81
N ALA B 454 29.01 13.28 -25.69
CA ALA B 454 29.53 14.04 -26.82
C ALA B 454 30.42 15.17 -26.31
N GLU B 455 30.09 15.70 -25.15
CA GLU B 455 30.84 16.82 -24.58
C GLU B 455 31.94 16.39 -23.62
N LEU B 456 32.25 15.09 -23.62
CA LEU B 456 33.27 14.51 -22.73
C LEU B 456 34.44 13.84 -23.52
N PRO B 457 35.47 14.63 -23.85
CA PRO B 457 36.56 14.06 -24.66
C PRO B 457 37.27 12.86 -24.00
N ASN B 458 37.07 12.71 -22.68
CA ASN B 458 37.72 11.63 -21.87
C ASN B 458 36.97 10.28 -21.87
N VAL B 459 35.85 10.26 -22.59
CA VAL B 459 35.13 9.02 -22.79
C VAL B 459 35.24 8.60 -24.24
N GLU B 460 35.63 7.37 -24.49
CA GLU B 460 35.67 6.87 -25.84
C GLU B 460 34.66 5.77 -26.08
N ILE B 461 33.92 5.89 -27.18
CA ILE B 461 32.85 4.94 -27.49
C ILE B 461 33.12 4.06 -28.74
N TYR B 462 33.13 2.76 -28.52
CA TYR B 462 33.29 1.78 -29.60
C TYR B 462 32.04 1.00 -29.80
N ARG B 463 31.36 1.28 -30.90
CA ARG B 463 30.24 0.50 -31.32
C ARG B 463 30.77 -0.71 -32.03
N GLU B 464 29.92 -1.72 -32.20
CA GLU B 464 30.26 -2.91 -32.99
C GLU B 464 31.49 -3.61 -32.44
N SER B 465 31.70 -3.53 -31.12
CA SER B 465 32.84 -4.12 -30.48
C SER B 465 32.47 -5.09 -29.37
N PRO B 466 32.02 -6.30 -29.76
CA PRO B 466 31.78 -7.36 -28.77
C PRO B 466 33.05 -7.63 -28.05
N MET B 467 32.98 -7.90 -26.75
CA MET B 467 34.18 -8.09 -25.95
C MET B 467 34.11 -9.42 -25.26
N THR B 468 35.28 -10.00 -25.01
CA THR B 468 35.37 -11.27 -24.29
C THR B 468 36.41 -11.11 -23.19
N GLY B 469 36.46 -12.11 -22.30
CA GLY B 469 37.49 -12.20 -21.29
C GLY B 469 38.92 -11.94 -21.77
N ASP B 470 39.32 -12.61 -22.86
CA ASP B 470 40.70 -12.48 -23.38
C ASP B 470 40.99 -11.10 -23.95
N ASP B 471 40.11 -10.61 -24.83
CA ASP B 471 40.25 -9.23 -25.32
C ASP B 471 40.62 -8.32 -24.17
N ILE B 472 39.77 -8.28 -23.15
CA ILE B 472 39.87 -7.27 -22.13
C ILE B 472 41.23 -7.30 -21.49
N VAL B 473 41.64 -8.48 -21.04
CA VAL B 473 42.94 -8.65 -20.41
C VAL B 473 44.06 -8.38 -21.41
N GLU B 474 43.84 -8.81 -22.64
CA GLU B 474 44.78 -8.59 -23.72
C GLU B 474 45.10 -7.09 -23.92
N PHE B 475 44.08 -6.25 -24.14
CA PHE B 475 44.23 -4.79 -24.24
C PHE B 475 44.81 -4.17 -22.94
N GLY B 476 44.93 -4.97 -21.87
CA GLY B 476 45.37 -4.46 -20.55
C GLY B 476 44.47 -3.50 -19.75
N PHE B 477 43.14 -3.67 -19.84
CA PHE B 477 42.21 -2.95 -18.94
C PHE B 477 42.27 -3.55 -17.53
N GLU B 478 42.33 -2.69 -16.50
CA GLU B 478 42.40 -3.11 -15.11
C GLU B 478 41.01 -3.21 -14.50
N HIS B 479 40.18 -2.21 -14.79
CA HIS B 479 38.88 -1.99 -14.11
C HIS B 479 37.72 -2.08 -15.08
N VAL B 480 36.85 -3.06 -14.87
CA VAL B 480 35.73 -3.30 -15.77
C VAL B 480 34.42 -3.22 -15.08
N ILE B 481 33.47 -2.59 -15.75
CA ILE B 481 32.08 -2.59 -15.38
C ILE B 481 31.34 -3.39 -16.44
N THR B 482 30.63 -4.45 -16.07
CA THR B 482 29.94 -5.26 -17.05
C THR B 482 28.44 -4.97 -17.03
N ALA B 483 27.97 -4.32 -18.09
CA ALA B 483 26.61 -3.87 -18.23
C ALA B 483 25.95 -4.63 -19.37
N THR B 484 26.05 -5.95 -19.37
CA THR B 484 25.75 -6.74 -20.54
C THR B 484 24.28 -7.07 -20.80
N GLY B 485 23.42 -6.76 -19.82
CA GLY B 485 22.00 -6.90 -19.99
C GLY B 485 21.50 -8.26 -19.52
N ALA B 486 20.31 -8.61 -20.00
CA ALA B 486 19.66 -9.86 -19.68
C ALA B 486 18.93 -10.28 -20.93
N THR B 487 18.57 -11.55 -21.04
CA THR B 487 17.65 -11.98 -22.10
C THR B 487 16.34 -12.42 -21.46
N TRP B 488 15.26 -12.31 -22.24
CA TRP B 488 13.98 -12.87 -21.85
C TRP B 488 13.92 -14.38 -22.11
N ARG B 489 13.62 -15.13 -21.04
CA ARG B 489 13.36 -16.59 -21.02
C ARG B 489 12.21 -17.05 -21.91
N THR B 490 12.35 -18.22 -22.54
CA THR B 490 11.27 -18.77 -23.35
C THR B 490 10.76 -20.07 -22.78
N ASP B 491 11.13 -20.38 -21.54
CA ASP B 491 10.67 -21.60 -20.90
C ASP B 491 9.42 -21.42 -20.01
N GLY B 492 8.91 -20.20 -19.89
CA GLY B 492 7.65 -19.97 -19.17
C GLY B 492 7.79 -19.52 -17.72
N VAL B 493 9.03 -19.38 -17.25
CA VAL B 493 9.33 -19.13 -15.88
C VAL B 493 9.33 -17.64 -15.55
N ALA B 494 8.67 -17.33 -14.42
CA ALA B 494 8.60 -15.98 -13.86
C ALA B 494 8.07 -16.05 -12.43
N ARG B 495 6.75 -16.06 -12.28
CA ARG B 495 6.21 -16.03 -10.94
C ARG B 495 5.29 -17.22 -10.76
N PHE B 496 4.35 -17.38 -11.66
CA PHE B 496 3.44 -18.50 -11.55
C PHE B 496 4.21 -19.83 -11.63
N HIS B 497 5.09 -19.95 -12.62
CA HIS B 497 6.01 -21.08 -12.68
C HIS B 497 7.36 -20.61 -12.17
N THR B 498 8.00 -21.45 -11.37
CA THR B 498 9.37 -21.16 -11.00
C THR B 498 10.33 -22.12 -11.74
N THR B 499 9.78 -23.16 -12.35
CA THR B 499 10.54 -24.15 -13.12
C THR B 499 9.82 -24.30 -14.45
N ALA B 500 10.53 -24.83 -15.45
CA ALA B 500 10.08 -24.82 -16.85
C ALA B 500 8.75 -25.48 -17.01
N LEU B 501 7.92 -24.91 -17.89
CA LEU B 501 6.68 -25.53 -18.31
C LEU B 501 6.99 -26.37 -19.58
N PRO B 502 6.11 -27.38 -19.92
CA PRO B 502 6.36 -28.25 -21.10
C PRO B 502 5.99 -27.59 -22.44
N ILE B 503 6.95 -27.55 -23.37
CA ILE B 503 6.76 -26.90 -24.68
C ILE B 503 6.96 -27.92 -25.82
N ALA B 504 5.90 -28.21 -26.55
CA ALA B 504 5.94 -29.19 -27.62
C ALA B 504 6.92 -28.71 -28.66
N GLU B 505 7.58 -29.62 -29.35
CA GLU B 505 8.55 -29.26 -30.41
C GLU B 505 7.92 -28.57 -31.62
N GLY B 506 6.68 -28.93 -31.95
CA GLY B 506 6.01 -28.40 -33.11
C GLY B 506 5.61 -26.93 -33.10
N MET B 507 5.55 -26.30 -31.91
CA MET B 507 5.06 -24.91 -31.82
C MET B 507 6.19 -23.91 -31.80
N GLN B 508 5.98 -22.82 -32.54
CA GLN B 508 6.87 -21.65 -32.54
C GLN B 508 6.65 -20.80 -31.27
N VAL B 509 7.78 -20.47 -30.63
CA VAL B 509 7.78 -19.82 -29.35
C VAL B 509 8.80 -18.71 -29.43
N LEU B 510 8.36 -17.51 -29.11
CA LEU B 510 9.19 -16.34 -29.28
C LEU B 510 9.21 -15.64 -27.97
N GLY B 511 10.32 -14.98 -27.70
CA GLY B 511 10.37 -14.09 -26.58
C GLY B 511 10.50 -12.70 -27.15
N PRO B 512 10.50 -11.70 -26.25
CA PRO B 512 10.70 -10.33 -26.64
C PRO B 512 12.00 -10.16 -27.45
N ASP B 513 13.03 -10.97 -27.16
CA ASP B 513 14.31 -10.83 -27.86
C ASP B 513 14.17 -11.10 -29.36
N ASP B 514 13.35 -12.06 -29.74
CA ASP B 514 13.03 -12.28 -31.13
C ASP B 514 12.34 -11.06 -31.76
N LEU B 515 11.24 -10.60 -31.17
CA LEU B 515 10.55 -9.39 -31.63
C LEU B 515 11.48 -8.18 -31.82
N PHE B 516 12.33 -7.90 -30.83
CA PHE B 516 13.32 -6.85 -31.00
C PHE B 516 14.20 -7.10 -32.21
N ALA B 517 14.44 -8.37 -32.54
CA ALA B 517 15.41 -8.70 -33.59
C ALA B 517 14.78 -8.67 -34.98
N GLY B 518 13.47 -8.46 -35.04
CA GLY B 518 12.83 -8.43 -36.31
C GLY B 518 11.92 -9.59 -36.58
N ARG B 519 12.16 -10.79 -36.01
CA ARG B 519 11.25 -11.95 -36.14
C ARG B 519 9.81 -11.70 -35.60
N LEU B 520 8.82 -12.19 -36.34
CA LEU B 520 7.41 -12.02 -35.99
C LEU B 520 6.79 -13.39 -36.14
N PRO B 521 5.75 -13.71 -35.35
CA PRO B 521 5.21 -15.09 -35.32
C PRO B 521 4.83 -15.58 -36.70
N ASP B 522 4.83 -16.89 -36.92
CA ASP B 522 4.62 -17.38 -38.29
C ASP B 522 3.19 -17.42 -38.87
N GLY B 523 2.19 -17.70 -38.02
CA GLY B 523 0.83 -17.83 -38.49
C GLY B 523 0.00 -16.70 -37.93
N LYS B 524 -1.31 -16.69 -38.19
CA LYS B 524 -2.20 -15.58 -37.83
C LYS B 524 -2.62 -15.47 -36.35
N LYS B 525 -2.88 -16.59 -35.69
CA LYS B 525 -3.39 -16.57 -34.31
C LYS B 525 -2.29 -16.65 -33.27
N VAL B 526 -2.24 -15.65 -32.39
CA VAL B 526 -1.13 -15.56 -31.44
C VAL B 526 -1.57 -15.52 -29.99
N VAL B 527 -0.89 -16.30 -29.17
CA VAL B 527 -1.10 -16.20 -27.75
C VAL B 527 0.11 -15.55 -27.10
N VAL B 528 -0.17 -14.50 -26.32
CA VAL B 528 0.85 -13.85 -25.50
C VAL B 528 0.67 -14.25 -24.06
N TYR B 529 1.64 -14.99 -23.53
CA TYR B 529 1.60 -15.32 -22.10
C TYR B 529 2.32 -14.23 -21.31
N ASP B 530 1.60 -13.48 -20.50
CA ASP B 530 2.20 -12.41 -19.74
C ASP B 530 2.22 -12.70 -18.24
N ASP B 531 3.37 -13.06 -17.69
CA ASP B 531 3.55 -13.17 -16.23
C ASP B 531 4.59 -12.14 -15.75
N ASP B 532 4.83 -11.12 -16.56
CA ASP B 532 5.67 -10.03 -16.16
C ASP B 532 4.87 -9.03 -15.33
N HIS B 533 3.61 -8.80 -15.74
CA HIS B 533 2.65 -7.95 -15.03
C HIS B 533 2.84 -6.43 -15.08
N TYR B 534 3.91 -5.94 -15.75
CA TYR B 534 4.11 -4.52 -15.88
C TYR B 534 3.70 -4.15 -17.30
N TYR B 535 4.51 -3.50 -18.12
CA TYR B 535 4.01 -2.99 -19.42
C TYR B 535 4.23 -3.90 -20.62
N LEU B 536 5.29 -4.69 -20.64
CA LEU B 536 5.72 -5.30 -21.90
C LEU B 536 4.76 -6.27 -22.61
N GLY B 537 4.04 -7.09 -21.86
CA GLY B 537 3.09 -8.01 -22.49
C GLY B 537 2.06 -7.26 -23.31
N GLY B 538 1.45 -6.23 -22.70
CA GLY B 538 0.38 -5.49 -23.34
C GLY B 538 0.88 -4.72 -24.53
N VAL B 539 2.11 -4.22 -24.43
CA VAL B 539 2.73 -3.47 -25.49
C VAL B 539 3.14 -4.41 -26.63
N VAL B 540 3.69 -5.56 -26.29
CA VAL B 540 3.88 -6.61 -27.26
C VAL B 540 2.55 -7.01 -27.95
N ALA B 541 1.46 -7.17 -27.18
CA ALA B 541 0.20 -7.56 -27.81
C ALA B 541 -0.32 -6.46 -28.75
N GLU B 542 -0.09 -5.22 -28.37
CA GLU B 542 -0.50 -4.10 -29.20
C GLU B 542 0.31 -4.06 -30.54
N LEU B 543 1.60 -4.30 -30.46
CA LEU B 543 2.39 -4.39 -31.65
C LEU B 543 1.84 -5.43 -32.63
N LEU B 544 1.48 -6.60 -32.10
CA LEU B 544 1.00 -7.68 -32.93
C LEU B 544 -0.37 -7.38 -33.54
N ALA B 545 -1.30 -6.86 -32.74
CA ALA B 545 -2.58 -6.51 -33.26
C ALA B 545 -2.39 -5.50 -34.39
N GLN B 546 -1.54 -4.52 -34.18
CA GLN B 546 -1.22 -3.55 -35.22
C GLN B 546 -0.64 -4.18 -36.49
N LYS B 547 0.04 -5.30 -36.37
CA LYS B 547 0.58 -5.93 -37.56
C LYS B 547 -0.42 -6.87 -38.23
N GLY B 548 -1.66 -6.91 -37.76
CA GLY B 548 -2.66 -7.79 -38.37
C GLY B 548 -2.89 -9.18 -37.79
N TYR B 549 -2.14 -9.58 -36.78
CA TYR B 549 -2.37 -10.82 -36.02
C TYR B 549 -3.61 -10.79 -35.16
N GLU B 550 -4.17 -11.97 -34.88
CA GLU B 550 -5.31 -12.10 -33.96
C GLU B 550 -4.77 -12.54 -32.59
N VAL B 551 -4.99 -11.70 -31.57
CA VAL B 551 -4.16 -11.76 -30.39
C VAL B 551 -4.94 -12.00 -29.13
N SER B 552 -4.33 -12.81 -28.27
CA SER B 552 -4.88 -13.12 -26.99
C SER B 552 -3.75 -12.93 -26.04
N ILE B 553 -4.05 -12.24 -24.97
CA ILE B 553 -3.10 -12.17 -23.90
C ILE B 553 -3.64 -12.93 -22.68
N VAL B 554 -2.86 -13.91 -22.25
CA VAL B 554 -3.16 -14.72 -21.10
C VAL B 554 -2.26 -14.34 -19.92
N THR B 555 -2.87 -14.04 -18.78
CA THR B 555 -2.15 -13.45 -17.64
C THR B 555 -2.82 -13.88 -16.35
N PRO B 556 -2.05 -14.31 -15.34
CA PRO B 556 -2.63 -14.68 -14.04
C PRO B 556 -3.24 -13.55 -13.26
N GLY B 557 -2.99 -12.32 -13.65
CA GLY B 557 -3.55 -11.20 -12.90
C GLY B 557 -4.99 -11.04 -13.31
N ALA B 558 -5.74 -10.35 -12.47
CA ALA B 558 -7.11 -9.95 -12.79
C ALA B 558 -7.15 -8.88 -13.87
N GLN B 559 -6.06 -8.11 -14.04
CA GLN B 559 -5.97 -7.15 -15.16
C GLN B 559 -4.71 -7.38 -15.91
N VAL B 560 -4.68 -6.98 -17.16
CA VAL B 560 -3.44 -7.06 -17.92
C VAL B 560 -2.63 -5.91 -17.37
N SER B 561 -1.32 -6.08 -17.21
CA SER B 561 -0.48 -5.02 -16.62
C SER B 561 -0.93 -4.59 -15.21
N SER B 562 -1.16 -5.52 -14.32
CA SER B 562 -1.70 -5.22 -12.99
C SER B 562 -0.81 -4.30 -12.21
N TRP B 563 0.50 -4.30 -12.48
CA TRP B 563 1.41 -3.44 -11.71
C TRP B 563 1.21 -1.98 -12.12
N THR B 564 0.75 -1.75 -13.36
CA THR B 564 0.37 -0.40 -13.73
C THR B 564 -0.83 0.19 -12.97
N ASN B 565 -1.40 -0.52 -11.99
CA ASN B 565 -2.17 0.15 -10.94
C ASN B 565 -1.30 1.23 -10.29
N ASN B 566 0.01 1.07 -10.36
CA ASN B 566 0.91 1.89 -9.56
C ASN B 566 1.37 3.09 -10.35
N THR B 567 1.19 3.04 -11.67
CA THR B 567 1.55 4.15 -12.52
C THR B 567 0.32 4.77 -13.19
N PHE B 568 -0.88 4.49 -12.68
CA PHE B 568 -2.14 5.06 -13.21
C PHE B 568 -2.45 4.82 -14.70
N GLU B 569 -1.88 3.77 -15.30
CA GLU B 569 -2.21 3.44 -16.67
C GLU B 569 -3.18 2.21 -16.79
N VAL B 570 -3.50 1.55 -15.69
CA VAL B 570 -4.16 0.26 -15.83
C VAL B 570 -5.49 0.31 -16.58
N ASN B 571 -6.34 1.28 -16.28
CA ASN B 571 -7.57 1.46 -17.04
C ASN B 571 -7.30 1.85 -18.49
N ARG B 572 -6.43 2.80 -18.73
CA ARG B 572 -6.09 3.16 -20.10
C ARG B 572 -5.63 1.95 -20.90
N ILE B 573 -4.86 1.08 -20.27
CA ILE B 573 -4.28 -0.09 -20.93
C ILE B 573 -5.33 -1.10 -21.33
N GLN B 574 -6.23 -1.45 -20.41
CA GLN B 574 -7.26 -2.41 -20.74
C GLN B 574 -8.05 -1.82 -21.88
N ARG B 575 -8.44 -0.54 -21.74
CA ARG B 575 -9.19 0.16 -22.80
C ARG B 575 -8.56 0.03 -24.18
N ARG B 576 -7.27 0.30 -24.24
CA ARG B 576 -6.54 0.28 -25.49
C ARG B 576 -6.43 -1.12 -26.06
N LEU B 577 -6.46 -2.14 -25.20
CA LEU B 577 -6.41 -3.53 -25.66
C LEU B 577 -7.73 -3.95 -26.26
N ILE B 578 -8.82 -3.49 -25.67
CA ILE B 578 -10.15 -3.73 -26.24
C ILE B 578 -10.32 -3.08 -27.63
N GLU B 579 -9.96 -1.80 -27.76
CA GLU B 579 -10.03 -1.09 -29.05
C GLU B 579 -9.16 -1.79 -30.15
N ASN B 580 -8.13 -2.49 -29.73
CA ASN B 580 -7.30 -3.12 -30.69
C ASN B 580 -7.80 -4.56 -30.96
N GLY B 581 -8.94 -4.91 -30.37
CA GLY B 581 -9.50 -6.25 -30.45
C GLY B 581 -8.64 -7.36 -29.86
N VAL B 582 -7.81 -7.04 -28.88
CA VAL B 582 -6.99 -8.04 -28.18
C VAL B 582 -7.78 -8.76 -27.09
N ALA B 583 -7.90 -10.07 -27.13
CA ALA B 583 -8.71 -10.72 -26.08
C ALA B 583 -7.93 -10.81 -24.77
N ARG B 584 -8.61 -10.51 -23.68
CA ARG B 584 -7.94 -10.54 -22.37
C ARG B 584 -8.30 -11.79 -21.62
N VAL B 585 -7.37 -12.74 -21.57
CA VAL B 585 -7.64 -13.98 -20.85
C VAL B 585 -6.97 -13.83 -19.50
N THR B 586 -7.61 -13.04 -18.64
CA THR B 586 -7.07 -12.79 -17.35
C THR B 586 -7.45 -13.91 -16.35
N ASP B 587 -6.72 -13.98 -15.24
CA ASP B 587 -6.85 -15.00 -14.22
C ASP B 587 -6.55 -16.37 -14.80
N HIS B 588 -5.56 -16.41 -15.69
CA HIS B 588 -5.20 -17.65 -16.27
C HIS B 588 -3.70 -17.75 -16.41
N ALA B 589 -3.18 -18.96 -16.18
CA ALA B 589 -1.80 -19.26 -16.57
C ALA B 589 -1.77 -20.26 -17.71
N VAL B 590 -0.68 -20.20 -18.48
CA VAL B 590 -0.37 -21.17 -19.50
C VAL B 590 0.42 -22.26 -18.80
N VAL B 591 -0.12 -23.48 -18.76
CA VAL B 591 0.58 -24.54 -18.08
C VAL B 591 1.12 -25.60 -19.03
N ALA B 592 0.86 -25.45 -20.32
CA ALA B 592 1.42 -26.34 -21.33
C ALA B 592 1.26 -25.75 -22.71
N VAL B 593 2.26 -25.95 -23.53
CA VAL B 593 2.24 -25.49 -24.91
C VAL B 593 2.35 -26.77 -25.71
N GLY B 594 1.30 -27.08 -26.46
CA GLY B 594 1.26 -28.27 -27.31
C GLY B 594 1.52 -27.87 -28.73
N ALA B 595 1.54 -28.82 -29.66
CA ALA B 595 1.86 -28.47 -31.06
C ALA B 595 0.86 -27.49 -31.78
N GLY B 596 -0.40 -27.44 -31.36
CA GLY B 596 -1.27 -26.48 -32.02
C GLY B 596 -2.16 -25.62 -31.17
N GLY B 597 -1.75 -25.41 -29.92
CA GLY B 597 -2.48 -24.60 -28.98
C GLY B 597 -1.80 -24.63 -27.62
N VAL B 598 -2.38 -23.93 -26.63
CA VAL B 598 -1.87 -23.98 -25.26
C VAL B 598 -2.95 -24.48 -24.30
N THR B 599 -2.52 -25.02 -23.16
CA THR B 599 -3.46 -25.35 -22.13
C THR B 599 -3.38 -24.25 -21.13
N VAL B 600 -4.52 -23.64 -20.81
CA VAL B 600 -4.55 -22.60 -19.79
C VAL B 600 -5.25 -23.07 -18.52
N ARG B 601 -4.74 -22.64 -17.38
CA ARG B 601 -5.30 -23.04 -16.09
C ARG B 601 -5.85 -21.85 -15.32
N ASP B 602 -7.16 -21.85 -15.10
CA ASP B 602 -7.81 -20.78 -14.36
C ASP B 602 -7.19 -20.66 -12.95
N THR B 603 -6.85 -19.46 -12.51
CA THR B 603 -6.08 -19.33 -11.28
C THR B 603 -6.89 -19.59 -10.01
N TYR B 604 -8.21 -19.60 -10.08
CA TYR B 604 -8.99 -19.66 -8.85
C TYR B 604 -9.46 -21.06 -8.54
N ALA B 605 -10.09 -21.71 -9.52
CA ALA B 605 -10.73 -23.01 -9.34
C ALA B 605 -10.00 -24.09 -10.12
N SER B 606 -8.85 -23.73 -10.71
CA SER B 606 -7.97 -24.67 -11.41
C SER B 606 -8.58 -25.36 -12.63
N ILE B 607 -9.41 -24.65 -13.38
CA ILE B 607 -10.05 -25.23 -14.55
C ILE B 607 -9.25 -24.98 -15.80
N GLU B 608 -9.00 -26.05 -16.56
CA GLU B 608 -8.17 -25.96 -17.78
C GLU B 608 -8.97 -26.02 -19.05
N ARG B 609 -8.77 -25.04 -19.93
CA ARG B 609 -9.34 -25.05 -21.27
C ARG B 609 -8.13 -25.14 -22.20
N GLU B 610 -8.34 -25.53 -23.46
CA GLU B 610 -7.32 -25.40 -24.52
C GLU B 610 -7.63 -24.14 -25.31
N LEU B 611 -6.58 -23.47 -25.75
CA LEU B 611 -6.72 -22.27 -26.54
C LEU B 611 -5.86 -22.53 -27.74
N GLU B 612 -6.42 -22.45 -28.93
CA GLU B 612 -5.68 -22.83 -30.13
C GLU B 612 -5.04 -21.62 -30.72
N CYS B 613 -3.81 -21.78 -31.18
CA CYS B 613 -3.03 -20.70 -31.74
C CYS B 613 -1.92 -21.27 -32.62
N ASP B 614 -1.37 -20.41 -33.47
CA ASP B 614 -0.29 -20.72 -34.42
C ASP B 614 1.08 -20.36 -33.82
N ALA B 615 1.07 -19.60 -32.73
CA ALA B 615 2.31 -19.10 -32.15
C ALA B 615 2.15 -18.61 -30.71
N VAL B 616 3.24 -18.64 -29.96
CA VAL B 616 3.20 -18.19 -28.60
C VAL B 616 4.31 -17.19 -28.35
N VAL B 617 3.97 -16.03 -27.78
CA VAL B 617 5.03 -15.11 -27.41
C VAL B 617 5.13 -15.09 -25.90
N MET B 618 6.28 -15.47 -25.36
CA MET B 618 6.42 -15.53 -23.89
C MET B 618 6.91 -14.21 -23.33
N VAL B 619 6.12 -13.59 -22.48
CA VAL B 619 6.64 -12.45 -21.77
C VAL B 619 6.58 -12.78 -20.27
N THR B 620 7.67 -13.31 -19.73
CA THR B 620 7.67 -13.67 -18.32
C THR B 620 8.77 -13.02 -17.48
N ALA B 621 10.02 -13.45 -17.63
CA ALA B 621 11.09 -12.91 -16.83
C ALA B 621 12.41 -13.12 -17.53
N ARG B 622 13.49 -12.85 -16.83
CA ARG B 622 14.77 -12.70 -17.45
C ARG B 622 15.87 -13.41 -16.69
N LEU B 623 16.86 -13.86 -17.48
CA LEU B 623 18.11 -14.34 -16.97
C LEU B 623 19.23 -13.33 -17.34
N PRO B 624 20.12 -13.01 -16.42
CA PRO B 624 21.24 -12.13 -16.77
C PRO B 624 22.20 -12.71 -17.83
N ARG B 625 22.69 -11.88 -18.73
CA ARG B 625 23.81 -12.22 -19.61
C ARG B 625 25.08 -11.99 -18.79
N GLU B 626 25.44 -12.91 -17.91
CA GLU B 626 26.56 -12.67 -17.03
C GLU B 626 27.79 -13.54 -17.33
N GLU B 627 27.81 -14.21 -18.48
CA GLU B 627 28.95 -15.08 -18.84
C GLU B 627 30.26 -14.32 -18.78
N LEU B 628 30.29 -13.11 -19.33
CA LEU B 628 31.47 -12.24 -19.27
C LEU B 628 31.95 -11.87 -17.87
N TYR B 629 31.03 -11.44 -17.01
CA TYR B 629 31.38 -11.13 -15.64
C TYR B 629 31.97 -12.34 -14.90
N LEU B 630 31.39 -13.53 -15.09
CA LEU B 630 31.87 -14.75 -14.38
C LEU B 630 33.30 -15.07 -14.80
N ASP B 631 33.55 -14.80 -16.06
CA ASP B 631 34.82 -14.95 -16.65
C ASP B 631 35.82 -13.99 -16.00
N LEU B 632 35.46 -12.72 -15.91
CA LEU B 632 36.37 -11.74 -15.36
C LEU B 632 36.55 -11.90 -13.87
N VAL B 633 35.54 -12.39 -13.17
CA VAL B 633 35.68 -12.72 -11.76
C VAL B 633 36.76 -13.78 -11.64
N ALA B 634 36.73 -14.79 -12.51
CA ALA B 634 37.80 -15.80 -12.49
C ALA B 634 39.14 -15.08 -12.66
N ARG B 635 39.26 -14.34 -13.75
CA ARG B 635 40.50 -13.63 -14.02
C ARG B 635 40.90 -12.64 -12.93
N ARG B 636 39.95 -12.09 -12.19
CA ARG B 636 40.33 -11.17 -11.13
C ARG B 636 41.04 -11.93 -10.02
N ASP B 637 40.59 -13.16 -9.79
CA ASP B 637 41.13 -13.99 -8.72
C ASP B 637 42.44 -14.68 -9.15
N ALA B 638 42.83 -14.45 -10.41
CA ALA B 638 44.14 -14.82 -10.92
C ALA B 638 45.11 -13.62 -10.92
N GLY B 639 44.66 -12.48 -10.36
CA GLY B 639 45.46 -11.25 -10.36
C GLY B 639 45.67 -10.59 -11.72
N GLU B 640 44.90 -10.99 -12.73
CA GLU B 640 44.96 -10.42 -14.07
C GLU B 640 44.31 -9.02 -14.21
N ILE B 641 43.18 -8.81 -13.53
CA ILE B 641 42.56 -7.48 -13.50
C ILE B 641 42.46 -7.02 -12.06
N ALA B 642 42.20 -5.74 -11.86
CA ALA B 642 42.12 -5.25 -10.52
C ALA B 642 40.68 -5.26 -10.04
N SER B 643 39.72 -4.92 -10.90
CA SER B 643 38.35 -4.94 -10.44
C SER B 643 37.38 -5.22 -11.55
N VAL B 644 36.27 -5.85 -11.17
CA VAL B 644 35.12 -6.01 -12.04
C VAL B 644 33.84 -5.80 -11.25
N ARG B 645 32.89 -5.12 -11.84
CA ARG B 645 31.60 -4.99 -11.20
C ARG B 645 30.50 -5.21 -12.23
N GLY B 646 29.60 -6.15 -11.96
CA GLY B 646 28.39 -6.38 -12.79
C GLY B 646 27.36 -5.36 -12.39
N ILE B 647 26.63 -4.77 -13.34
CA ILE B 647 25.56 -3.79 -13.02
C ILE B 647 24.36 -3.90 -13.98
N GLY B 648 23.26 -3.27 -13.60
CA GLY B 648 22.09 -3.26 -14.44
C GLY B 648 21.43 -4.61 -14.49
N ASP B 649 20.76 -4.87 -15.60
CA ASP B 649 20.13 -6.13 -15.85
C ASP B 649 21.06 -7.37 -15.91
N ALA B 650 22.37 -7.18 -16.08
CA ALA B 650 23.28 -8.31 -15.97
C ALA B 650 23.46 -8.72 -14.52
N TRP B 651 23.13 -7.82 -13.61
CA TRP B 651 23.27 -8.11 -12.19
C TRP B 651 21.99 -8.70 -11.61
N ALA B 652 20.87 -8.02 -11.73
CA ALA B 652 19.58 -8.54 -11.35
C ALA B 652 18.59 -7.74 -12.18
N PRO B 653 17.84 -8.39 -13.07
CA PRO B 653 16.95 -7.63 -13.93
C PRO B 653 15.89 -6.76 -13.22
N GLY B 654 15.64 -5.57 -13.75
CA GLY B 654 14.68 -4.65 -13.22
C GLY B 654 14.18 -3.69 -14.28
N THR B 655 13.60 -2.59 -13.83
CA THR B 655 13.10 -1.62 -14.74
C THR B 655 14.29 -0.90 -15.36
N ILE B 656 13.98 -0.11 -16.39
CA ILE B 656 14.94 0.85 -16.85
C ILE B 656 15.47 1.81 -15.72
N ALA B 657 14.60 2.31 -14.82
CA ALA B 657 15.07 3.18 -13.76
C ALA B 657 16.11 2.51 -12.86
N ALA B 658 15.84 1.30 -12.40
CA ALA B 658 16.82 0.56 -11.61
C ALA B 658 18.19 0.39 -12.31
N ALA B 659 18.21 0.36 -13.64
CA ALA B 659 19.45 0.08 -14.36
C ALA B 659 20.24 1.36 -14.40
N VAL B 660 19.54 2.47 -14.57
CA VAL B 660 20.18 3.75 -14.63
C VAL B 660 20.78 3.98 -13.28
N TRP B 661 19.98 3.82 -12.25
CA TRP B 661 20.45 3.94 -10.89
C TRP B 661 21.66 3.03 -10.68
N SER B 662 21.61 1.83 -11.21
CA SER B 662 22.66 0.88 -10.94
C SER B 662 23.99 1.37 -11.51
N GLY B 663 23.89 1.95 -12.70
CA GLY B 663 25.00 2.50 -13.42
C GLY B 663 25.58 3.65 -12.65
N ARG B 664 24.72 4.48 -12.06
CA ARG B 664 25.23 5.66 -11.38
C ARG B 664 25.87 5.29 -10.07
N ARG B 665 25.38 4.23 -9.48
CA ARG B 665 25.84 3.73 -8.22
C ARG B 665 27.28 3.22 -8.36
N ALA B 666 27.56 2.51 -9.47
CA ALA B 666 28.88 1.97 -9.77
C ALA B 666 29.84 3.08 -9.90
N ALA B 667 29.37 4.21 -10.44
CA ALA B 667 30.23 5.37 -10.72
C ALA B 667 30.43 6.23 -9.51
N GLU B 668 29.40 6.45 -8.70
CA GLU B 668 29.59 7.19 -7.45
C GLU B 668 30.46 6.40 -6.51
N GLU B 669 30.53 5.10 -6.68
CA GLU B 669 31.17 4.30 -5.66
C GLU B 669 32.62 4.08 -6.01
N PHE B 670 32.96 4.34 -7.27
CA PHE B 670 34.28 4.07 -7.76
C PHE B 670 35.36 4.83 -7.01
N ASP B 671 36.30 4.06 -6.45
CA ASP B 671 37.49 4.62 -5.78
C ASP B 671 37.17 5.14 -4.41
N ALA B 672 35.95 4.92 -3.92
CA ALA B 672 35.59 5.40 -2.58
C ALA B 672 36.00 4.34 -1.57
N VAL B 673 36.27 4.73 -0.31
CA VAL B 673 36.40 3.69 0.72
C VAL B 673 35.03 3.37 1.30
N LEU B 674 34.59 2.14 1.08
CA LEU B 674 33.25 1.73 1.49
C LEU B 674 33.20 1.10 2.86
N PRO B 675 32.14 1.40 3.61
CA PRO B 675 31.82 0.65 4.81
C PRO B 675 31.59 -0.80 4.40
N SER B 676 31.90 -1.75 5.28
CA SER B 676 31.44 -3.13 5.10
C SER B 676 29.94 -3.12 4.75
N ASN B 677 29.50 -4.14 4.02
CA ASN B 677 28.10 -4.24 3.66
C ASN B 677 27.20 -4.64 4.84
N ASP B 678 27.81 -4.83 5.99
CA ASP B 678 27.17 -4.99 7.28
C ASP B 678 26.35 -3.75 7.59
N GLU B 679 26.89 -2.60 7.24
CA GLU B 679 26.29 -1.33 7.61
C GLU B 679 25.24 -0.91 6.61
N VAL B 680 24.39 0.01 7.01
CA VAL B 680 23.39 0.59 6.12
C VAL B 680 24.08 1.47 5.08
N PRO B 681 23.84 1.21 3.77
CA PRO B 681 24.55 1.97 2.74
C PRO B 681 24.07 3.41 2.57
N PHE B 682 23.22 3.92 3.47
CA PHE B 682 22.78 5.32 3.41
C PHE B 682 22.47 5.93 4.79
N ARG B 683 22.40 7.27 4.85
CA ARG B 683 21.94 8.01 6.04
C ARG B 683 20.46 7.72 6.19
N ARG B 684 19.94 7.77 7.41
CA ARG B 684 18.54 7.51 7.62
C ARG B 684 18.01 7.96 8.95
N GLU B 685 16.79 8.49 8.92
CA GLU B 685 16.14 9.01 10.12
C GLU B 685 15.20 7.98 10.72
N VAL B 686 15.16 7.85 12.04
CA VAL B 686 14.23 6.94 12.70
C VAL B 686 13.18 7.65 13.57
N THR B 687 12.28 6.92 14.18
CA THR B 687 11.24 7.60 14.96
C THR B 687 11.81 8.18 16.26
N GLN B 688 11.30 9.33 16.68
CA GLN B 688 11.66 9.94 17.96
C GLN B 688 10.84 9.28 19.07
N LEU B 689 11.49 8.49 19.93
CA LEU B 689 10.85 7.90 21.09
C LEU B 689 10.36 8.99 22.05
N ALA B 690 9.18 8.78 22.61
CA ALA B 690 8.59 9.71 23.56
C ALA B 690 8.84 9.21 25.00
FE1 SF4 C . -8.41 -10.26 13.91
FE2 SF4 C . -9.82 -9.47 15.93
FE3 SF4 C . -11.01 -10.31 13.62
FE4 SF4 C . -9.69 -12.05 15.30
S1 SF4 C . -11.64 -10.88 15.75
S2 SF4 C . -9.57 -12.01 12.97
S3 SF4 C . -8.00 -10.81 16.09
S4 SF4 C . -9.76 -8.41 13.91
N1 FMN D . 3.75 -14.29 11.49
C2 FMN D . 5.08 -14.03 11.37
O2 FMN D . 5.92 -14.96 11.43
N3 FMN D . 5.49 -12.75 11.57
C4 FMN D . 4.65 -11.73 11.27
O4 FMN D . 5.15 -10.59 11.28
C4A FMN D . 3.27 -12.00 11.08
N5 FMN D . 2.31 -11.04 11.00
C5A FMN D . 1.02 -11.24 11.40
C6 FMN D . 0.12 -10.17 11.42
C7 FMN D . -1.25 -10.32 11.70
C7M FMN D . -2.06 -9.08 12.04
C8 FMN D . -1.68 -11.61 12.00
C8M FMN D . -3.06 -11.91 12.52
C9 FMN D . -0.87 -12.68 11.55
C9A FMN D . 0.52 -12.52 11.29
N10 FMN D . 1.45 -13.59 11.29
C10 FMN D . 2.84 -13.30 11.35
C1' FMN D . 1.02 -14.99 11.41
C2' FMN D . 0.86 -15.33 12.89
O2' FMN D . 2.13 -15.36 13.56
C3' FMN D . 0.14 -16.65 13.11
O3' FMN D . 1.01 -17.70 12.71
C4' FMN D . -1.19 -16.70 12.34
O4' FMN D . -1.88 -15.43 12.46
C5' FMN D . -2.02 -17.93 12.73
O5' FMN D . -2.22 -18.00 14.13
P FMN D . -3.63 -17.50 14.76
O1P FMN D . -4.74 -18.45 14.36
O2P FMN D . -3.84 -16.10 14.15
O3P FMN D . -3.34 -17.52 16.23
PB ADP E . -24.52 -0.32 14.40
O1B ADP E . -24.23 1.14 14.52
O2B ADP E . -23.82 -1.08 13.31
O3B ADP E . -24.44 -0.96 15.76
PA ADP E . -26.91 -1.81 13.79
O1A ADP E . -26.17 -3.04 14.11
O2A ADP E . -27.73 -1.74 12.52
O3A ADP E . -26.05 -0.45 14.02
O5' ADP E . -27.90 -1.62 15.02
C5' ADP E . -28.86 -0.59 15.06
C4' ADP E . -29.95 -1.09 15.99
O4' ADP E . -30.72 0.00 16.46
C3' ADP E . -30.87 -2.11 15.33
O3' ADP E . -30.90 -3.32 16.10
C2' ADP E . -32.24 -1.46 15.37
O2' ADP E . -33.24 -2.43 15.73
C1' ADP E . -32.09 -0.44 16.48
N9 ADP E . -32.93 0.73 16.30
C8 ADP E . -33.07 1.46 15.19
N7 ADP E . -33.92 2.51 15.40
C5 ADP E . -34.31 2.45 16.67
C6 ADP E . -35.20 3.24 17.54
N6 ADP E . -35.85 4.32 17.08
N1 ADP E . -35.34 2.84 18.82
C2 ADP E . -34.70 1.74 19.30
N3 ADP E . -33.88 0.97 18.58
C4 ADP E . -33.66 1.27 17.27
FE1 SF4 F . 11.13 10.51 -14.13
FE2 SF4 F . 9.47 8.96 -15.65
FE3 SF4 F . 8.53 10.50 -13.65
FE4 SF4 F . 9.54 11.68 -15.70
S1 SF4 F . 7.63 10.30 -15.74
S2 SF4 F . 9.86 12.39 -13.59
S3 SF4 F . 11.22 10.26 -16.38
S4 SF4 F . 9.95 8.69 -13.43
N1 FMN G . -0.34 17.28 -7.18
C2 FMN G . -0.88 17.77 -6.07
O2 FMN G . -1.33 18.92 -6.12
N3 FMN G . -0.58 17.24 -4.87
C4 FMN G . 0.37 16.29 -4.76
O4 FMN G . 0.82 16.01 -3.62
C4A FMN G . 0.73 15.59 -5.91
N5 FMN G . 1.57 14.52 -5.88
C5A FMN G . 2.27 14.13 -6.98
C6 FMN G . 3.36 13.27 -6.86
C7 FMN G . 3.93 12.65 -7.99
C7M FMN G . 5.18 11.81 -7.76
C8 FMN G . 3.59 13.15 -9.26
C8M FMN G . 4.58 13.11 -10.41
C9 FMN G . 2.51 14.03 -9.37
C9A FMN G . 1.87 14.56 -8.24
N10 FMN G . 0.91 15.62 -8.32
C10 FMN G . 0.46 16.19 -7.12
C1' FMN G . 0.48 16.22 -9.58
C2' FMN G . 1.53 17.23 -10.05
O2' FMN G . 1.56 18.39 -9.23
C3' FMN G . 1.26 17.76 -11.45
O3' FMN G . 0.06 18.52 -11.39
C4' FMN G . 1.16 16.61 -12.44
O4' FMN G . 2.20 15.67 -12.10
C5' FMN G . 1.22 17.15 -13.87
O5' FMN G . 2.30 18.06 -14.06
P FMN G . 3.57 17.48 -14.90
O1P FMN G . 2.96 17.22 -16.26
O2P FMN G . 3.99 16.17 -14.24
O3P FMN G . 4.52 18.64 -14.75
PB ADP H . 20.96 -2.55 -19.07
O1B ADP H . 21.63 -3.11 -17.86
O2B ADP H . 19.49 -2.41 -18.99
O3B ADP H . 21.57 -1.31 -19.64
PA ADP H . 20.71 -3.56 -21.74
O1A ADP H . 20.24 -4.91 -22.14
O2A ADP H . 19.78 -2.44 -22.02
O3A ADP H . 21.25 -3.64 -20.21
O5' ADP H . 22.02 -3.33 -22.63
C5' ADP H . 23.12 -4.21 -22.52
C4' ADP H . 24.01 -3.93 -23.70
O4' ADP H . 25.25 -4.62 -23.54
C3' ADP H . 23.39 -4.38 -25.03
O3' ADP H . 23.35 -3.21 -25.86
C2' ADP H . 24.35 -5.44 -25.56
O2' ADP H . 24.65 -5.34 -26.96
C1' ADP H . 25.64 -5.09 -24.84
N9 ADP H . 26.51 -6.25 -24.68
C8 ADP H . 26.18 -7.46 -24.24
N7 ADP H . 27.25 -8.26 -24.23
C5 ADP H . 28.29 -7.56 -24.69
C6 ADP H . 29.72 -7.80 -24.94
N6 ADP H . 30.25 -9.01 -24.67
N1 ADP H . 30.49 -6.80 -25.41
C2 ADP H . 29.95 -5.61 -25.67
N3 ADP H . 28.65 -5.30 -25.47
C4 ADP H . 27.79 -6.22 -24.98
#